data_6OKQ
#
_entry.id   6OKQ
#
_cell.length_a   223.018
_cell.length_b   223.018
_cell.length_c   288.296
_cell.angle_alpha   90.00
_cell.angle_beta   90.00
_cell.angle_gamma   120.00
#
_symmetry.space_group_name_H-M   'P 62 2 2'
#
loop_
_entity.id
_entity.type
_entity.pdbx_description
1 polymer 'SF12 Fab Heavy Chain,SF12 Fab Heavy Chain'
2 polymer 'SF12 Fab Light Chain,SF12 Fab Light Chain'
#
loop_
_entity_poly.entity_id
_entity_poly.type
_entity_poly.pdbx_seq_one_letter_code
_entity_poly.pdbx_strand_id
1 'polypeptide(L)'
;QVQLQESGPGLVKPSETLSVTCRVSGGSLDLYYWSWIRQPPGKGLQWIGFVYFDGSYGDYDPSLRSRVTISADMSKNQIS
LRLKSVTPADTAVYYCARLGPGGIFDRWTGHYGDKWLDPWGQGTLVTVSSASTKGPSVFPLAPSSKSTSGGTAALGCLVK
DYFPEPVTVSWNSGALTSGVHTFPAVLQSSGLYSLSSVVTVPSSSLGTQTYICNVNHKPSNTKVDKKVEPKSCDKTHHHH
HH
;
A,D,F
2 'polypeptide(L)'
;IDLTQSPRTLSLSAGERATLLCRASQSVSNVALAWYQHKPGQAPRLLLHEASTRATGIPDRFIGSGSGRDFTLTITSLEP
EDFAVYYCQLSGRRLGQGTKVEIKRTVAAPSVFIFPPSDEQLKSGTASVVCLLNNFYPREAKVQWKVDNALQSGNSQESV
TEQDSKDSTYSLSSTLTLSKADYEKHKVYACEVTHQGLSSPVTKSFNRGEC
;
B,C,E
#
# COMPACT_ATOMS: atom_id res chain seq x y z
N GLN A 1 26.93 4.75 -24.05
CA GLN A 1 27.54 6.07 -23.90
C GLN A 1 26.62 7.13 -23.29
N VAL A 2 25.49 6.71 -22.71
CA VAL A 2 24.55 7.65 -22.13
C VAL A 2 25.29 8.39 -21.04
N GLN A 3 24.74 9.49 -20.57
CA GLN A 3 25.40 10.21 -19.51
C GLN A 3 24.40 11.22 -18.99
N LEU A 4 24.45 11.52 -17.71
CA LEU A 4 23.45 12.50 -17.29
C LEU A 4 23.92 13.35 -16.14
N GLN A 5 23.25 14.49 -15.99
CA GLN A 5 23.57 15.42 -14.94
C GLN A 5 22.33 16.16 -14.46
N GLU A 6 22.21 16.19 -13.16
CA GLU A 6 21.11 16.82 -12.48
C GLU A 6 21.53 18.26 -12.22
N SER A 7 20.54 19.12 -12.03
CA SER A 7 20.84 20.46 -11.58
C SER A 7 19.57 21.07 -11.05
N GLY A 8 19.74 22.14 -10.30
CA GLY A 8 18.61 22.80 -9.70
C GLY A 8 19.01 23.93 -8.78
N PRO A 9 18.02 24.45 -8.06
CA PRO A 9 18.27 25.56 -7.14
C PRO A 9 19.28 25.17 -6.08
N GLY A 10 20.15 26.11 -5.70
CA GLY A 10 21.09 25.82 -4.63
C GLY A 10 20.50 25.86 -3.23
N LEU A 11 19.26 26.30 -3.10
CA LEU A 11 18.63 26.56 -1.81
C LEU A 11 17.14 26.59 -2.03
N VAL A 12 16.38 26.17 -1.02
CA VAL A 12 14.92 26.28 -1.07
C VAL A 12 14.51 26.75 0.30
N LYS A 13 13.51 27.46 0.36
CA LYS A 13 13.03 27.94 1.64
C LYS A 13 12.00 26.98 2.20
N PRO A 14 11.91 26.90 3.53
CA PRO A 14 10.90 26.02 4.15
C PRO A 14 9.52 26.20 3.52
N SER A 15 8.79 25.08 3.42
CA SER A 15 7.42 24.98 2.90
C SER A 15 7.29 25.29 1.42
N GLU A 16 8.37 25.53 0.71
CA GLU A 16 8.27 25.85 -0.70
C GLU A 16 8.19 24.52 -1.48
N THR A 17 8.36 24.58 -2.80
CA THR A 17 8.43 23.38 -3.62
C THR A 17 9.82 23.29 -4.21
N LEU A 18 10.48 22.16 -3.98
CA LEU A 18 11.79 21.92 -4.54
C LEU A 18 11.65 21.19 -5.87
N SER A 19 12.43 21.62 -6.84
CA SER A 19 12.47 20.93 -8.11
C SER A 19 13.93 20.72 -8.48
N VAL A 20 14.20 19.64 -9.21
CA VAL A 20 15.51 19.39 -9.79
C VAL A 20 15.33 18.72 -11.15
N THR A 21 16.22 19.05 -12.08
CA THR A 21 16.08 18.63 -13.45
C THR A 21 17.32 17.82 -13.84
N CYS A 22 17.09 16.70 -14.50
CA CYS A 22 18.16 15.84 -14.98
C CYS A 22 18.16 15.78 -16.49
N ARG A 23 19.33 15.99 -17.10
CA ARG A 23 19.43 16.07 -18.56
C ARG A 23 20.29 14.94 -19.11
N VAL A 24 19.64 14.03 -19.83
CA VAL A 24 20.27 12.90 -20.50
C VAL A 24 21.05 13.42 -21.71
N SER A 25 22.36 13.16 -21.74
CA SER A 25 23.22 13.76 -22.73
C SER A 25 23.98 12.73 -23.55
N GLY A 26 23.42 11.56 -23.78
CA GLY A 26 24.13 10.68 -24.67
C GLY A 26 23.20 9.81 -25.48
N GLY A 27 21.91 9.95 -25.22
CA GLY A 27 20.90 9.14 -25.86
C GLY A 27 19.55 9.67 -25.44
N SER A 28 18.50 9.04 -25.95
CA SER A 28 17.13 9.42 -25.59
C SER A 28 16.60 8.58 -24.44
N LEU A 29 15.54 9.10 -23.84
CA LEU A 29 14.74 8.47 -22.80
C LEU A 29 14.05 7.21 -23.31
N ASP A 30 14.20 6.87 -24.58
CA ASP A 30 13.31 5.89 -25.19
C ASP A 30 13.50 4.50 -24.56
N LEU A 31 12.38 3.91 -24.08
CA LEU A 31 12.23 2.53 -23.55
C LEU A 31 12.89 2.25 -22.18
N TYR A 32 13.02 3.24 -21.31
CA TYR A 32 13.66 3.13 -20.00
C TYR A 32 12.80 3.79 -18.94
N TYR A 33 13.09 3.51 -17.67
CA TYR A 33 12.58 4.31 -16.56
C TYR A 33 13.68 5.24 -16.08
N TRP A 34 13.28 6.34 -15.46
CA TRP A 34 14.22 7.35 -15.01
C TRP A 34 13.90 7.59 -13.55
N SER A 35 14.89 7.44 -12.65
CA SER A 35 14.56 7.52 -11.23
C SER A 35 15.44 8.51 -10.47
N TRP A 36 14.92 8.87 -9.31
CA TRP A 36 15.48 9.88 -8.42
C TRP A 36 15.82 9.27 -7.08
N ILE A 37 17.07 9.49 -6.64
CA ILE A 37 17.59 8.95 -5.41
C ILE A 37 18.28 10.07 -4.63
N ARG A 38 17.89 10.23 -3.38
CA ARG A 38 18.35 11.28 -2.51
C ARG A 38 19.32 10.71 -1.48
N GLN A 39 20.29 11.51 -1.04
CA GLN A 39 21.19 11.12 0.05
C GLN A 39 21.26 12.22 1.08
N PRO A 40 20.47 12.15 2.15
CA PRO A 40 20.51 13.20 3.18
C PRO A 40 21.90 13.39 3.74
N PRO A 41 22.15 14.44 4.51
CA PRO A 41 23.52 14.73 4.94
C PRO A 41 24.24 13.58 5.64
N GLY A 42 23.54 12.77 6.42
CA GLY A 42 24.29 11.73 7.08
C GLY A 42 23.98 10.31 6.66
N LYS A 43 22.99 10.11 5.80
CA LYS A 43 22.36 8.83 5.59
C LYS A 43 22.85 8.21 4.30
N GLY A 44 22.20 7.10 3.92
CA GLY A 44 22.48 6.38 2.69
C GLY A 44 21.56 6.79 1.55
N LEU A 45 21.51 5.95 0.52
CA LEU A 45 20.72 6.28 -0.67
C LEU A 45 19.24 5.95 -0.50
N GLN A 46 18.46 6.94 0.00
CA GLN A 46 16.99 6.90 -0.04
C GLN A 46 16.49 6.94 -1.49
N TRP A 47 15.68 5.96 -1.88
CA TRP A 47 15.03 6.00 -3.17
C TRP A 47 13.78 6.86 -3.07
N ILE A 48 13.54 7.66 -4.13
CA ILE A 48 12.39 8.58 -4.19
C ILE A 48 11.34 8.12 -5.19
N GLY A 49 11.71 7.99 -6.45
CA GLY A 49 10.76 7.41 -7.38
C GLY A 49 11.36 7.29 -8.75
N PHE A 50 10.63 6.59 -9.61
CA PHE A 50 10.94 6.56 -11.02
C PHE A 50 9.66 6.75 -11.81
N VAL A 51 9.84 7.12 -13.06
CA VAL A 51 8.75 7.27 -14.01
C VAL A 51 9.16 6.62 -15.33
N TYR A 52 8.20 5.98 -15.97
CA TYR A 52 8.44 5.45 -17.31
C TYR A 52 8.75 6.62 -18.23
N PHE A 53 9.55 6.38 -19.26
CA PHE A 53 9.93 7.49 -20.12
C PHE A 53 8.70 8.17 -20.71
N ASP A 54 7.69 7.39 -21.08
CA ASP A 54 6.56 8.03 -21.75
C ASP A 54 5.57 8.61 -20.74
N GLY A 55 5.79 8.44 -19.45
CA GLY A 55 5.02 9.10 -18.40
C GLY A 55 3.70 8.46 -18.01
N SER A 56 3.38 7.29 -18.56
CA SER A 56 2.14 6.62 -18.20
C SER A 56 2.26 5.89 -16.86
N TYR A 57 3.40 5.28 -16.58
CA TYR A 57 3.61 4.49 -15.38
C TYR A 57 4.73 5.08 -14.53
N GLY A 58 4.48 5.13 -13.23
CA GLY A 58 5.49 5.56 -12.27
C GLY A 58 5.28 4.87 -10.94
N ASP A 59 6.36 4.77 -10.17
CA ASP A 59 6.30 4.26 -8.81
C ASP A 59 7.18 5.14 -7.95
N TYR A 60 6.76 5.36 -6.72
CA TYR A 60 7.51 6.21 -5.81
C TYR A 60 7.61 5.52 -4.44
N ASP A 61 8.49 6.05 -3.59
CA ASP A 61 8.52 5.65 -2.17
C ASP A 61 7.28 6.21 -1.51
N PRO A 62 6.45 5.36 -0.89
CA PRO A 62 5.19 5.85 -0.30
C PRO A 62 5.36 6.84 0.81
N SER A 63 6.56 6.98 1.38
CA SER A 63 6.76 8.06 2.35
C SER A 63 6.59 9.43 1.68
N LEU A 64 6.92 9.51 0.40
CA LEU A 64 6.94 10.78 -0.30
C LEU A 64 5.86 10.92 -1.37
N ARG A 65 5.11 9.86 -1.69
CA ARG A 65 4.26 9.89 -2.87
C ARG A 65 3.30 11.08 -2.85
N SER A 66 2.75 11.41 -1.69
CA SER A 66 1.83 12.54 -1.62
C SER A 66 2.50 13.81 -2.08
N ARG A 67 3.77 14.00 -1.72
CA ARG A 67 4.46 15.23 -2.05
C ARG A 67 5.53 14.96 -3.10
N VAL A 68 5.27 14.10 -4.06
CA VAL A 68 6.26 13.87 -5.10
C VAL A 68 5.54 13.52 -6.40
N THR A 69 6.02 14.13 -7.48
CA THR A 69 5.60 13.85 -8.83
C THR A 69 6.81 13.96 -9.75
N ILE A 70 7.00 12.97 -10.60
CA ILE A 70 8.14 12.91 -11.50
C ILE A 70 7.62 12.81 -12.92
N SER A 71 8.09 13.72 -13.78
CA SER A 71 7.70 13.86 -15.17
C SER A 71 8.93 13.88 -16.07
N ALA A 72 8.75 13.41 -17.30
CA ALA A 72 9.83 13.41 -18.27
C ALA A 72 9.30 13.93 -19.61
N ASP A 73 10.03 14.90 -20.19
CA ASP A 73 9.78 15.47 -21.52
C ASP A 73 10.65 14.65 -22.46
N MET A 74 10.06 13.67 -23.13
CA MET A 74 10.90 12.80 -23.96
C MET A 74 11.65 13.62 -25.02
N SER A 75 11.06 14.73 -25.47
CA SER A 75 11.68 15.61 -26.48
C SER A 75 12.89 16.37 -25.92
N LYS A 76 12.73 17.05 -24.77
CA LYS A 76 13.83 17.82 -24.20
C LYS A 76 14.93 16.95 -23.61
N ASN A 77 14.70 15.64 -23.47
CA ASN A 77 15.60 14.71 -22.80
C ASN A 77 15.93 15.19 -21.40
N GLN A 78 14.88 15.52 -20.62
CA GLN A 78 15.09 15.91 -19.24
C GLN A 78 13.94 15.40 -18.37
N ILE A 79 14.27 15.13 -17.09
CA ILE A 79 13.32 14.59 -16.12
C ILE A 79 13.24 15.52 -14.91
N SER A 80 12.03 15.78 -14.47
CA SER A 80 11.80 16.73 -13.39
C SER A 80 11.24 16.03 -12.17
N LEU A 81 11.88 16.27 -11.04
CA LEU A 81 11.37 15.81 -9.77
C LEU A 81 10.76 17.01 -9.05
N ARG A 82 9.59 16.79 -8.47
CA ARG A 82 8.82 17.87 -7.88
C ARG A 82 8.36 17.40 -6.52
N LEU A 83 9.03 17.91 -5.49
CA LEU A 83 8.75 17.57 -4.10
C LEU A 83 8.12 18.78 -3.43
N LYS A 84 6.86 18.63 -3.01
CA LYS A 84 6.14 19.71 -2.36
C LYS A 84 6.63 19.93 -0.94
N SER A 85 6.17 21.04 -0.35
CA SER A 85 6.21 21.32 1.08
C SER A 85 7.54 21.00 1.75
N VAL A 86 8.65 21.38 1.12
CA VAL A 86 9.97 20.97 1.58
C VAL A 86 10.28 21.49 2.97
N THR A 87 10.94 20.63 3.80
CA THR A 87 11.45 20.92 5.14
C THR A 87 12.96 20.69 5.16
N PRO A 88 13.69 21.12 6.18
CA PRO A 88 15.13 20.79 6.19
C PRO A 88 15.42 19.30 6.18
N ALA A 89 14.42 18.44 6.46
CA ALA A 89 14.59 17.01 6.23
C ALA A 89 15.02 16.78 4.79
N ASP A 90 14.34 17.44 3.85
CA ASP A 90 14.61 17.15 2.45
C ASP A 90 15.95 17.68 2.00
N THR A 91 16.65 18.43 2.86
CA THR A 91 18.02 18.90 2.60
C THR A 91 18.87 17.71 2.22
N ALA A 92 19.35 17.67 0.98
CA ALA A 92 20.07 16.48 0.54
C ALA A 92 20.68 16.69 -0.84
N VAL A 93 21.55 15.77 -1.20
CA VAL A 93 22.04 15.64 -2.55
C VAL A 93 21.07 14.72 -3.30
N TYR A 94 20.60 15.20 -4.45
CA TYR A 94 19.60 14.49 -5.23
C TYR A 94 20.27 13.90 -6.46
N TYR A 95 20.23 12.58 -6.57
CA TYR A 95 20.86 11.83 -7.64
C TYR A 95 19.82 11.43 -8.67
N CYS A 96 20.28 11.30 -9.90
CA CYS A 96 19.43 11.01 -11.04
C CYS A 96 19.95 9.75 -11.70
N ALA A 97 19.09 8.78 -11.98
CA ALA A 97 19.64 7.67 -12.74
C ALA A 97 18.57 6.94 -13.55
N ARG A 98 19.10 6.00 -14.33
CA ARG A 98 18.46 5.36 -15.45
C ARG A 98 18.06 3.94 -15.10
N LEU A 99 16.78 3.66 -15.06
CA LEU A 99 16.33 2.40 -14.51
C LEU A 99 16.28 1.35 -15.61
N GLY A 100 17.29 0.49 -15.64
CA GLY A 100 17.01 -0.91 -15.59
C GLY A 100 17.19 -1.79 -16.80
N PRO A 101 16.26 -2.69 -16.92
CA PRO A 101 16.52 -4.02 -17.49
C PRO A 101 16.78 -4.07 -18.96
N GLY A 102 17.25 -2.97 -19.51
CA GLY A 102 16.96 -2.63 -20.87
C GLY A 102 15.62 -1.99 -20.94
N GLY A 103 14.94 -1.85 -19.79
CA GLY A 103 13.70 -1.12 -19.72
C GLY A 103 12.48 -1.88 -20.15
N ILE A 104 12.62 -2.74 -21.15
CA ILE A 104 11.90 -2.75 -22.43
C ILE A 104 10.49 -2.20 -22.42
N PHE A 105 10.03 -1.74 -23.58
CA PHE A 105 8.72 -1.13 -23.68
C PHE A 105 7.61 -2.07 -23.23
N ASP A 106 6.57 -1.49 -22.66
CA ASP A 106 5.46 -2.25 -22.10
C ASP A 106 4.17 -1.48 -22.38
N ARG A 107 3.04 -2.21 -22.41
CA ARG A 107 1.69 -1.70 -22.66
C ARG A 107 1.18 -0.99 -21.40
N TRP A 108 -0.14 -0.79 -21.23
CA TRP A 108 -0.63 -0.41 -19.90
C TRP A 108 -0.78 -1.60 -18.92
N THR A 109 -0.92 -2.85 -19.38
CA THR A 109 -1.03 -3.96 -18.41
C THR A 109 0.24 -4.22 -17.61
N GLY A 110 1.26 -4.77 -18.25
CA GLY A 110 2.39 -5.26 -17.47
C GLY A 110 3.65 -4.47 -17.62
N HIS A 111 4.02 -3.69 -16.60
CA HIS A 111 5.27 -2.92 -16.63
C HIS A 111 6.41 -3.69 -15.97
N TYR A 112 6.80 -4.79 -16.64
CA TYR A 112 7.63 -5.81 -16.02
C TYR A 112 9.05 -5.86 -16.57
N GLY A 113 9.59 -4.71 -16.97
CA GLY A 113 11.02 -4.46 -16.88
C GLY A 113 11.24 -3.51 -15.73
N ASP A 114 12.16 -3.86 -14.84
CA ASP A 114 12.86 -2.91 -13.97
C ASP A 114 13.97 -3.62 -13.20
N LYS A 115 15.22 -3.27 -13.44
CA LYS A 115 16.18 -4.17 -12.82
C LYS A 115 17.38 -3.52 -12.16
N TRP A 116 18.03 -2.56 -12.83
CA TRP A 116 19.25 -1.96 -12.30
C TRP A 116 19.28 -0.46 -12.56
N LEU A 117 20.20 0.23 -11.89
CA LEU A 117 20.42 1.66 -12.07
C LEU A 117 21.77 1.89 -12.71
N ASP A 118 21.78 2.31 -13.99
CA ASP A 118 23.01 2.67 -14.69
C ASP A 118 22.90 4.14 -15.13
N PRO A 119 23.91 4.73 -15.74
CA PRO A 119 24.55 5.90 -15.14
C PRO A 119 23.78 6.72 -14.10
N TRP A 120 24.55 7.13 -13.10
CA TRP A 120 24.00 7.90 -11.99
C TRP A 120 24.36 9.38 -12.11
N GLY A 121 25.65 9.70 -12.20
CA GLY A 121 26.00 11.11 -12.33
C GLY A 121 25.85 11.91 -11.05
N GLN A 122 26.81 12.81 -10.80
CA GLN A 122 26.99 13.45 -9.49
C GLN A 122 25.71 13.88 -8.79
N GLY A 123 24.68 14.31 -9.54
CA GLY A 123 23.51 14.88 -8.92
C GLY A 123 23.82 16.14 -8.11
N THR A 124 22.82 16.77 -7.53
CA THR A 124 23.05 18.12 -7.01
C THR A 124 22.59 18.27 -5.57
N LEU A 125 23.29 19.13 -4.85
CA LEU A 125 22.94 19.43 -3.47
C LEU A 125 21.86 20.50 -3.42
N VAL A 126 20.89 20.30 -2.54
CA VAL A 126 19.85 21.28 -2.26
C VAL A 126 19.79 21.43 -0.75
N THR A 127 20.42 22.47 -0.22
CA THR A 127 20.15 22.86 1.16
C THR A 127 18.72 23.43 1.24
N VAL A 128 18.09 23.37 2.40
CA VAL A 128 16.74 23.97 2.55
C VAL A 128 16.66 24.75 3.86
N SER A 129 16.60 26.08 3.75
CA SER A 129 16.76 26.95 4.90
C SER A 129 16.04 28.28 4.67
N SER A 130 15.58 28.89 5.76
CA SER A 130 15.08 30.26 5.66
C SER A 130 16.19 31.30 5.71
N ALA A 131 17.43 30.88 5.90
CA ALA A 131 18.57 31.78 5.89
C ALA A 131 18.85 32.25 4.48
N SER A 132 19.68 33.29 4.39
CA SER A 132 20.07 33.89 3.12
C SER A 132 21.57 33.68 2.89
N THR A 133 21.94 33.52 1.62
CA THR A 133 23.30 33.11 1.30
C THR A 133 24.34 34.14 1.76
N LYS A 134 25.57 33.67 2.01
CA LYS A 134 26.72 34.49 2.38
C LYS A 134 27.96 33.99 1.67
N GLY A 135 28.89 34.90 1.43
CA GLY A 135 30.10 34.61 0.71
C GLY A 135 31.27 34.23 1.60
N PRO A 136 32.16 33.41 1.06
CA PRO A 136 33.36 33.02 1.81
C PRO A 136 34.25 34.23 2.06
N SER A 137 35.04 34.12 3.11
CA SER A 137 36.09 35.09 3.38
C SER A 137 37.40 34.31 3.33
N VAL A 138 38.14 34.37 2.23
CA VAL A 138 39.28 33.47 2.02
C VAL A 138 40.58 34.10 2.50
N PHE A 139 41.26 33.45 3.44
CA PHE A 139 42.51 33.91 4.03
C PHE A 139 43.65 32.93 3.77
N PRO A 140 44.91 33.35 3.94
CA PRO A 140 46.03 32.43 3.75
C PRO A 140 46.34 31.56 4.99
N LEU A 141 46.64 30.30 4.73
CA LEU A 141 47.32 29.46 5.71
C LEU A 141 48.79 29.48 5.27
N ALA A 142 49.55 30.38 5.88
CA ALA A 142 50.89 30.70 5.42
C ALA A 142 51.87 29.64 5.86
N PRO A 143 52.75 29.18 4.97
CA PRO A 143 53.79 28.23 5.37
C PRO A 143 54.93 28.92 6.10
N SER A 144 54.64 29.35 7.32
CA SER A 144 55.67 29.99 8.15
C SER A 144 56.73 28.95 8.50
N SER A 145 57.71 29.36 9.32
CA SER A 145 58.72 28.42 9.77
C SER A 145 58.15 27.36 10.72
N LYS A 146 56.92 27.57 11.24
CA LYS A 146 56.13 26.59 11.97
C LYS A 146 55.35 25.65 11.04
N SER A 147 55.45 25.92 9.72
CA SER A 147 54.99 25.06 8.62
C SER A 147 56.17 24.62 7.75
N THR A 148 57.40 24.77 8.25
CA THR A 148 58.60 24.21 7.61
C THR A 148 59.04 23.04 8.48
N SER A 149 58.92 21.83 7.95
CA SER A 149 59.26 20.60 8.65
C SER A 149 60.29 19.87 7.78
N GLY A 150 61.56 20.25 7.94
CA GLY A 150 62.61 19.75 7.06
C GLY A 150 62.50 20.35 5.68
N GLY A 151 62.46 19.46 4.68
CA GLY A 151 62.37 19.84 3.27
C GLY A 151 60.99 19.88 2.67
N THR A 152 59.94 19.61 3.44
CA THR A 152 58.56 19.76 2.99
C THR A 152 57.85 20.85 3.78
N ALA A 153 57.12 21.71 3.07
CA ALA A 153 56.32 22.75 3.69
C ALA A 153 54.86 22.53 3.35
N ALA A 154 54.00 22.97 4.24
CA ALA A 154 52.56 22.87 4.08
C ALA A 154 51.96 24.27 4.02
N LEU A 155 50.94 24.45 3.19
CA LEU A 155 50.30 25.75 3.04
C LEU A 155 48.89 25.55 2.52
N GLY A 156 48.07 26.58 2.68
CA GLY A 156 46.68 26.44 2.30
C GLY A 156 45.89 27.71 2.47
N CYS A 157 44.58 27.57 2.31
CA CYS A 157 43.64 28.68 2.40
C CYS A 157 42.55 28.33 3.38
N LEU A 158 42.03 29.35 4.04
CA LEU A 158 40.91 29.18 4.93
C LEU A 158 39.68 29.80 4.27
N VAL A 159 38.61 29.01 4.15
CA VAL A 159 37.38 29.44 3.48
C VAL A 159 36.25 29.54 4.48
N LYS A 160 36.08 30.69 5.11
CA LYS A 160 35.27 30.77 6.32
C LYS A 160 33.94 31.47 6.09
N ASP A 161 32.94 31.08 6.88
CA ASP A 161 31.70 31.83 7.07
C ASP A 161 30.96 32.02 5.74
N TYR A 162 30.47 30.91 5.18
CA TYR A 162 29.65 30.99 3.97
C TYR A 162 28.37 30.16 4.14
N PHE A 163 27.52 30.18 3.11
CA PHE A 163 26.25 29.46 3.09
C PHE A 163 25.64 29.60 1.70
N PRO A 164 24.94 28.61 1.18
CA PRO A 164 24.96 27.25 1.65
C PRO A 164 26.11 26.60 0.94
N GLU A 165 26.27 25.30 1.14
CA GLU A 165 27.24 24.56 0.37
C GLU A 165 26.80 24.55 -1.09
N PRO A 166 27.71 24.28 -2.01
CA PRO A 166 29.14 23.97 -1.90
C PRO A 166 30.08 25.13 -2.16
N VAL A 167 31.38 24.94 -1.98
CA VAL A 167 32.36 25.83 -2.58
C VAL A 167 33.30 24.93 -3.33
N THR A 168 33.97 25.50 -4.30
CA THR A 168 34.98 24.81 -5.06
C THR A 168 36.31 25.47 -4.75
N VAL A 169 37.28 24.68 -4.29
CA VAL A 169 38.63 25.17 -4.12
C VAL A 169 39.53 24.42 -5.09
N SER A 170 40.40 25.15 -5.76
CA SER A 170 41.36 24.59 -6.69
C SER A 170 42.68 25.30 -6.46
N TRP A 171 43.78 24.68 -6.90
CA TRP A 171 45.10 25.22 -6.62
C TRP A 171 45.83 25.55 -7.90
N ASN A 172 46.28 26.82 -8.00
CA ASN A 172 46.94 27.33 -9.21
C ASN A 172 46.12 26.99 -10.45
N SER A 173 44.84 27.34 -10.38
CA SER A 173 43.92 27.31 -11.52
C SER A 173 43.84 25.94 -12.19
N GLY A 174 43.92 24.90 -11.37
CA GLY A 174 43.81 23.53 -11.81
C GLY A 174 45.12 22.83 -11.99
N ALA A 175 46.24 23.56 -11.94
CA ALA A 175 47.55 23.01 -12.29
C ALA A 175 48.05 22.03 -11.24
N LEU A 176 47.78 22.33 -9.97
CA LEU A 176 48.30 21.61 -8.82
C LEU A 176 47.22 20.70 -8.26
N THR A 177 47.47 19.38 -8.30
CA THR A 177 46.51 18.38 -7.80
C THR A 177 47.18 17.47 -6.79
N SER A 178 48.49 17.31 -6.91
CA SER A 178 49.22 16.45 -5.99
C SER A 178 49.39 17.11 -4.63
N GLY A 179 49.03 16.38 -3.57
CA GLY A 179 49.17 16.91 -2.25
C GLY A 179 48.04 17.81 -1.81
N VAL A 180 46.86 17.67 -2.40
CA VAL A 180 45.73 18.54 -2.10
C VAL A 180 44.75 17.78 -1.23
N HIS A 181 44.41 18.37 -0.09
CA HIS A 181 43.34 17.87 0.76
C HIS A 181 42.44 19.06 0.99
N THR A 182 41.34 19.14 0.25
CA THR A 182 40.33 20.16 0.51
C THR A 182 39.34 19.54 1.50
N PHE A 183 39.37 20.01 2.75
CA PHE A 183 38.65 19.37 3.86
C PHE A 183 37.15 19.52 3.74
N PRO A 184 36.39 18.71 4.45
CA PRO A 184 34.94 18.92 4.48
C PRO A 184 34.55 20.18 5.26
N ALA A 185 33.51 20.82 4.76
CA ALA A 185 32.93 21.92 5.50
C ALA A 185 32.38 21.43 6.84
N VAL A 186 32.44 22.31 7.84
CA VAL A 186 32.01 22.08 9.23
C VAL A 186 30.94 23.12 9.55
N LEU A 187 29.72 22.67 9.78
CA LEU A 187 28.61 23.62 9.96
C LEU A 187 28.63 24.18 11.38
N GLN A 188 29.00 25.45 11.51
CA GLN A 188 29.19 26.04 12.82
C GLN A 188 27.83 26.35 13.46
N SER A 189 27.87 26.66 14.75
CA SER A 189 26.62 26.97 15.44
C SER A 189 26.03 28.28 14.95
N SER A 190 26.79 29.05 14.15
CA SER A 190 26.26 30.25 13.51
C SER A 190 25.33 29.93 12.35
N GLY A 191 25.39 28.71 11.83
CA GLY A 191 24.67 28.33 10.64
C GLY A 191 25.53 28.33 9.40
N LEU A 192 26.83 28.65 9.53
CA LEU A 192 27.73 28.84 8.39
C LEU A 192 28.81 27.77 8.20
N TYR A 193 28.99 27.33 6.95
CA TYR A 193 30.00 26.33 6.63
C TYR A 193 31.38 26.97 6.56
N SER A 194 32.40 26.19 6.97
CA SER A 194 33.76 26.71 7.04
C SER A 194 34.73 25.56 6.75
N LEU A 195 35.85 25.87 6.09
CA LEU A 195 36.63 24.85 5.41
C LEU A 195 38.04 25.35 5.12
N SER A 196 39.05 24.55 5.43
CA SER A 196 40.38 24.87 4.94
C SER A 196 40.71 23.95 3.77
N SER A 197 41.82 24.21 3.11
CA SER A 197 42.24 23.37 2.01
C SER A 197 43.75 23.50 1.94
N VAL A 198 44.43 22.37 2.03
CA VAL A 198 45.86 22.37 2.20
C VAL A 198 46.52 21.61 1.08
N VAL A 199 47.76 22.01 0.85
CA VAL A 199 48.66 21.36 -0.09
C VAL A 199 50.04 21.37 0.54
N THR A 200 50.71 20.22 0.51
CA THR A 200 52.09 20.09 0.90
C THR A 200 52.94 20.09 -0.34
N VAL A 201 54.01 20.87 -0.32
CA VAL A 201 54.87 21.07 -1.49
C VAL A 201 56.32 21.14 -1.02
N PRO A 202 57.27 20.94 -1.94
CA PRO A 202 58.69 20.97 -1.57
C PRO A 202 59.16 22.33 -1.10
N SER A 203 59.97 22.33 -0.04
CA SER A 203 60.47 23.59 0.53
C SER A 203 61.25 24.38 -0.49
N SER A 204 61.91 23.69 -1.42
CA SER A 204 62.73 24.35 -2.41
C SER A 204 61.89 25.20 -3.37
N SER A 205 60.66 24.78 -3.63
CA SER A 205 59.77 25.46 -4.56
C SER A 205 59.08 26.69 -3.98
N LEU A 206 59.37 27.07 -2.73
CA LEU A 206 58.62 28.18 -2.14
C LEU A 206 58.95 29.53 -2.80
N GLY A 207 60.20 29.74 -3.22
CA GLY A 207 60.57 31.00 -3.84
C GLY A 207 60.54 31.01 -5.36
N THR A 208 60.26 29.86 -5.98
CA THR A 208 60.25 29.70 -7.42
C THR A 208 58.83 29.64 -7.95
N GLN A 209 58.05 28.71 -7.41
CA GLN A 209 56.63 28.55 -7.71
C GLN A 209 55.77 29.38 -6.75
N THR A 210 54.89 30.22 -7.29
CA THR A 210 53.90 30.85 -6.43
C THR A 210 52.68 29.92 -6.33
N TYR A 211 51.95 30.08 -5.23
CA TYR A 211 50.82 29.21 -4.90
C TYR A 211 49.61 30.08 -4.63
N ILE A 212 48.55 29.87 -5.40
CA ILE A 212 47.30 30.63 -5.27
C ILE A 212 46.13 29.66 -5.30
N CYS A 213 45.20 29.82 -4.35
CA CYS A 213 43.99 29.01 -4.31
C CYS A 213 42.82 29.73 -4.98
N ASN A 214 41.99 28.94 -5.64
CA ASN A 214 40.89 29.43 -6.46
C ASN A 214 39.58 28.98 -5.84
N VAL A 215 39.02 29.83 -5.02
CA VAL A 215 37.78 29.58 -4.31
C VAL A 215 36.63 30.04 -5.19
N ASN A 216 35.55 29.27 -5.18
CA ASN A 216 34.40 29.54 -6.03
C ASN A 216 33.11 29.22 -5.29
N HIS A 217 32.18 30.18 -5.20
CA HIS A 217 30.94 29.93 -4.45
C HIS A 217 29.73 30.43 -5.26
N LYS A 218 29.32 29.58 -6.22
CA LYS A 218 28.19 29.85 -7.11
C LYS A 218 26.92 30.35 -6.39
N PRO A 219 26.55 29.88 -5.20
CA PRO A 219 25.38 30.49 -4.54
C PRO A 219 25.52 31.98 -4.23
N SER A 220 26.72 32.56 -4.28
CA SER A 220 26.84 34.00 -4.08
C SER A 220 27.59 34.68 -5.23
N ASN A 221 27.92 33.92 -6.27
CA ASN A 221 28.68 34.42 -7.40
C ASN A 221 29.94 35.12 -6.89
N THR A 222 30.60 34.41 -5.96
CA THR A 222 31.87 34.79 -5.40
C THR A 222 32.95 33.94 -6.05
N LYS A 223 33.98 34.58 -6.57
CA LYS A 223 35.16 33.88 -7.01
C LYS A 223 36.35 34.71 -6.61
N VAL A 224 37.16 34.22 -5.68
CA VAL A 224 38.33 34.97 -5.28
C VAL A 224 39.54 34.10 -5.51
N ASP A 225 40.68 34.74 -5.75
CA ASP A 225 41.97 34.07 -5.72
C ASP A 225 42.80 34.77 -4.66
N LYS A 226 43.60 33.98 -3.92
CA LYS A 226 44.43 34.50 -2.83
C LYS A 226 45.81 33.89 -2.95
N LYS A 227 46.81 34.75 -3.07
CA LYS A 227 48.21 34.34 -3.07
C LYS A 227 48.60 33.99 -1.65
N VAL A 228 49.50 33.02 -1.54
CA VAL A 228 50.00 32.60 -0.25
C VAL A 228 51.47 32.97 -0.19
N GLU A 229 51.81 33.82 0.77
CA GLU A 229 53.12 34.40 0.94
C GLU A 229 53.39 34.48 2.43
N PRO A 230 54.67 34.49 2.83
CA PRO A 230 55.17 34.54 4.20
C PRO A 230 54.44 35.46 5.17
N ILE B 1 8.20 -5.15 1.69
CA ILE B 1 9.43 -5.93 1.38
C ILE B 1 10.72 -5.12 1.48
N ASP B 2 11.72 -5.71 2.11
CA ASP B 2 12.77 -4.93 2.75
C ASP B 2 14.11 -5.52 2.36
N LEU B 3 15.18 -4.99 2.97
CA LEU B 3 16.52 -5.33 2.51
C LEU B 3 17.51 -5.00 3.61
N THR B 4 18.29 -6.00 4.02
CA THR B 4 19.13 -5.93 5.20
C THR B 4 20.58 -6.25 4.89
N GLN B 5 21.44 -5.25 5.04
CA GLN B 5 22.85 -5.41 4.75
C GLN B 5 23.59 -5.51 6.06
N SER B 6 24.70 -6.22 6.00
CA SER B 6 25.48 -6.51 7.18
C SER B 6 26.83 -7.09 6.79
N PRO B 7 27.93 -6.69 7.44
CA PRO B 7 27.99 -5.73 8.55
C PRO B 7 27.74 -4.32 8.10
N ARG B 8 27.39 -3.43 9.02
CA ARG B 8 27.35 -2.04 8.58
C ARG B 8 28.75 -1.46 8.39
N THR B 9 29.79 -2.14 8.84
CA THR B 9 31.09 -1.48 8.83
C THR B 9 32.16 -2.57 8.88
N LEU B 10 33.27 -2.31 8.19
CA LEU B 10 34.17 -3.40 7.84
C LEU B 10 35.55 -2.82 7.52
N SER B 11 36.56 -3.16 8.31
CA SER B 11 37.90 -2.61 8.21
C SER B 11 38.89 -3.73 7.94
N LEU B 12 39.39 -3.81 6.71
CA LEU B 12 40.20 -4.95 6.30
C LEU B 12 41.47 -4.50 5.60
N SER B 13 42.58 -5.14 5.94
CA SER B 13 43.85 -4.84 5.29
C SER B 13 43.72 -5.05 3.80
N ALA B 14 44.45 -4.23 3.06
CA ALA B 14 44.44 -4.36 1.61
C ALA B 14 44.94 -5.74 1.22
N GLY B 15 44.26 -6.35 0.24
CA GLY B 15 44.62 -7.66 -0.26
C GLY B 15 43.89 -8.81 0.39
N GLU B 16 43.08 -8.57 1.40
CA GLU B 16 42.36 -9.68 2.00
C GLU B 16 40.96 -9.75 1.44
N ARG B 17 40.33 -10.92 1.59
CA ARG B 17 39.00 -11.15 1.06
C ARG B 17 37.96 -10.51 1.98
N ALA B 18 37.01 -9.80 1.36
CA ALA B 18 35.91 -9.16 2.07
C ALA B 18 34.58 -9.74 1.59
N THR B 19 33.70 -10.04 2.54
CA THR B 19 32.41 -10.64 2.26
C THR B 19 31.30 -9.72 2.74
N LEU B 20 30.35 -9.39 1.85
CA LEU B 20 29.25 -8.49 2.18
C LEU B 20 27.91 -9.17 1.95
N LEU B 21 27.02 -9.04 2.92
CA LEU B 21 25.73 -9.70 2.92
C LEU B 21 24.62 -8.69 2.71
N CYS B 22 23.61 -9.09 1.95
CA CYS B 22 22.39 -8.30 1.77
C CYS B 22 21.25 -9.29 1.91
N ARG B 23 20.39 -9.09 2.89
CA ARG B 23 19.40 -10.10 3.26
C ARG B 23 17.99 -9.56 3.13
N ALA B 24 17.19 -10.21 2.29
CA ALA B 24 15.84 -9.77 2.02
C ALA B 24 14.93 -10.10 3.19
N SER B 25 13.82 -9.38 3.29
CA SER B 25 12.83 -9.86 4.20
C SER B 25 12.12 -11.08 3.62
N GLN B 26 12.21 -11.30 2.32
CA GLN B 26 11.45 -12.38 1.71
C GLN B 26 12.22 -13.05 0.60
N SER B 27 11.59 -14.08 0.08
CA SER B 27 12.02 -14.73 -1.14
C SER B 27 11.94 -13.80 -2.35
N VAL B 28 13.04 -13.74 -3.10
CA VAL B 28 13.12 -12.93 -4.30
C VAL B 28 13.93 -13.70 -5.34
N SER B 29 13.63 -13.49 -6.62
CA SER B 29 14.38 -14.13 -7.70
C SER B 29 15.70 -13.39 -7.95
N ASN B 30 16.70 -14.10 -8.50
CA ASN B 30 18.03 -13.52 -8.65
C ASN B 30 17.99 -12.22 -9.41
N VAL B 31 17.03 -12.13 -10.33
CA VAL B 31 17.02 -11.08 -11.33
C VAL B 31 16.94 -9.71 -10.65
N ALA B 32 16.02 -9.53 -9.71
CA ALA B 32 15.79 -8.19 -9.16
C ALA B 32 16.89 -7.68 -8.18
N LEU B 33 18.03 -8.33 -7.99
CA LEU B 33 19.01 -7.85 -7.03
C LEU B 33 20.18 -7.20 -7.76
N ALA B 34 20.68 -6.08 -7.23
CA ALA B 34 21.87 -5.48 -7.81
C ALA B 34 22.74 -4.84 -6.74
N TRP B 35 24.03 -4.73 -7.05
CA TRP B 35 25.03 -4.20 -6.13
C TRP B 35 25.67 -2.93 -6.66
N TYR B 36 25.85 -1.95 -5.76
CA TYR B 36 26.38 -0.64 -6.12
C TYR B 36 27.51 -0.22 -5.21
N GLN B 37 28.56 0.30 -5.81
CA GLN B 37 29.69 0.90 -5.11
C GLN B 37 29.54 2.42 -5.14
N HIS B 38 29.60 3.07 -3.98
CA HIS B 38 29.39 4.52 -3.92
C HIS B 38 30.61 5.20 -3.28
N LYS B 39 31.64 5.46 -4.07
CA LYS B 39 32.77 6.16 -3.48
C LYS B 39 32.38 7.59 -3.19
N PRO B 40 32.91 8.18 -2.12
CA PRO B 40 32.40 9.49 -1.68
C PRO B 40 32.83 10.56 -2.67
N GLY B 41 31.87 11.37 -3.10
CA GLY B 41 32.14 12.41 -4.09
C GLY B 41 32.09 11.99 -5.55
N GLN B 42 31.97 10.70 -5.86
CA GLN B 42 31.73 10.20 -7.20
C GLN B 42 30.24 9.89 -7.31
N ALA B 43 29.84 9.47 -8.50
CA ALA B 43 28.47 8.97 -8.52
C ALA B 43 28.47 7.47 -8.37
N PRO B 44 27.45 6.99 -7.66
CA PRO B 44 27.29 5.54 -7.44
C PRO B 44 27.28 4.75 -8.75
N ARG B 45 27.96 3.59 -8.75
CA ARG B 45 28.14 2.81 -9.97
C ARG B 45 27.66 1.37 -9.83
N LEU B 46 27.12 0.82 -10.92
CA LEU B 46 26.62 -0.54 -10.92
C LEU B 46 27.81 -1.48 -10.89
N LEU B 47 27.81 -2.44 -9.95
CA LEU B 47 28.78 -3.53 -9.86
C LEU B 47 28.27 -4.84 -10.44
N LEU B 48 26.96 -5.09 -10.35
CA LEU B 48 26.41 -6.40 -10.58
C LEU B 48 24.89 -6.29 -10.59
N HIS B 49 24.25 -7.02 -11.48
CA HIS B 49 22.79 -7.06 -11.58
C HIS B 49 22.37 -8.49 -11.85
N GLU B 50 21.08 -8.80 -11.61
CA GLU B 50 20.59 -10.18 -11.67
C GLU B 50 21.42 -11.10 -10.76
N ALA B 51 22.03 -10.48 -9.75
CA ALA B 51 22.69 -11.10 -8.62
C ALA B 51 24.04 -11.71 -8.96
N SER B 52 24.33 -11.95 -10.23
CA SER B 52 25.64 -12.54 -10.55
C SER B 52 26.31 -11.97 -11.77
N THR B 53 25.56 -11.31 -12.67
CA THR B 53 26.05 -10.86 -13.97
C THR B 53 26.86 -9.58 -13.75
N ARG B 54 28.16 -9.66 -13.97
CA ARG B 54 29.03 -8.54 -13.66
C ARG B 54 28.71 -7.34 -14.55
N ALA B 55 28.74 -6.14 -13.96
CA ALA B 55 28.52 -4.94 -14.76
C ALA B 55 29.66 -4.74 -15.74
N THR B 56 29.38 -3.98 -16.81
CA THR B 56 30.35 -3.78 -17.88
C THR B 56 31.53 -2.93 -17.37
N GLY B 57 32.72 -3.51 -17.39
CA GLY B 57 33.94 -2.77 -17.13
C GLY B 57 34.46 -2.80 -15.71
N ILE B 58 33.72 -3.36 -14.77
CA ILE B 58 34.15 -3.41 -13.38
C ILE B 58 34.95 -4.71 -13.16
N PRO B 59 36.03 -4.67 -12.37
CA PRO B 59 37.01 -5.78 -12.37
C PRO B 59 36.42 -7.11 -11.91
N ASP B 60 37.24 -8.17 -12.11
CA ASP B 60 36.88 -9.55 -11.76
C ASP B 60 36.77 -9.78 -10.25
N ARG B 61 37.51 -9.02 -9.44
CA ARG B 61 37.52 -9.34 -8.03
C ARG B 61 36.17 -9.08 -7.34
N PHE B 62 35.17 -8.54 -8.03
CA PHE B 62 33.83 -8.37 -7.47
C PHE B 62 32.97 -9.52 -7.98
N ILE B 63 32.49 -10.36 -7.06
CA ILE B 63 31.74 -11.56 -7.42
C ILE B 63 30.43 -11.58 -6.66
N GLY B 64 29.38 -11.97 -7.33
CA GLY B 64 28.05 -11.97 -6.73
C GLY B 64 27.34 -13.27 -6.94
N SER B 65 26.61 -13.68 -5.90
CA SER B 65 26.04 -15.00 -5.77
C SER B 65 24.82 -14.92 -4.86
N GLY B 66 24.03 -15.98 -4.85
CA GLY B 66 22.94 -16.09 -3.91
C GLY B 66 21.63 -16.49 -4.57
N SER B 67 20.64 -16.69 -3.72
CA SER B 67 19.26 -16.98 -4.13
C SER B 67 18.38 -16.81 -2.89
N GLY B 68 17.07 -16.71 -3.13
CA GLY B 68 16.13 -16.81 -2.05
C GLY B 68 16.01 -15.58 -1.20
N ARG B 69 16.88 -15.43 -0.22
CA ARG B 69 16.92 -14.14 0.48
C ARG B 69 18.29 -13.76 1.02
N ASP B 70 19.33 -14.53 0.75
CA ASP B 70 20.66 -14.19 1.24
C ASP B 70 21.55 -13.90 0.06
N PHE B 71 21.90 -12.63 -0.13
CA PHE B 71 22.69 -12.21 -1.27
C PHE B 71 24.05 -11.67 -0.83
N THR B 72 25.06 -11.97 -1.64
CA THR B 72 26.43 -11.92 -1.14
C THR B 72 27.38 -11.30 -2.16
N LEU B 73 27.86 -10.10 -1.83
CA LEU B 73 28.91 -9.42 -2.57
C LEU B 73 30.27 -9.84 -2.00
N THR B 74 31.14 -10.30 -2.88
CA THR B 74 32.45 -10.80 -2.48
C THR B 74 33.55 -10.01 -3.16
N ILE B 75 34.46 -9.46 -2.36
CA ILE B 75 35.69 -8.84 -2.87
C ILE B 75 36.82 -9.82 -2.62
N THR B 76 37.29 -10.47 -3.67
CA THR B 76 38.21 -11.57 -3.47
C THR B 76 39.53 -11.08 -2.88
N SER B 77 40.02 -9.95 -3.35
CA SER B 77 41.24 -9.35 -2.81
C SER B 77 41.09 -7.84 -2.84
N LEU B 78 40.92 -7.23 -1.66
CA LEU B 78 40.74 -5.79 -1.57
C LEU B 78 41.96 -5.06 -2.11
N GLU B 79 41.73 -4.04 -2.94
CA GLU B 79 42.67 -3.02 -3.39
C GLU B 79 42.38 -1.73 -2.64
N PRO B 80 43.37 -0.92 -2.28
CA PRO B 80 43.07 0.27 -1.46
C PRO B 80 41.97 1.13 -2.08
N GLU B 81 41.92 1.12 -3.43
CA GLU B 81 40.92 1.76 -4.26
C GLU B 81 39.51 1.32 -3.94
N ASP B 82 39.32 0.34 -3.06
CA ASP B 82 37.98 -0.12 -2.81
C ASP B 82 37.29 0.60 -1.68
N PHE B 83 38.02 1.45 -0.94
CA PHE B 83 37.37 2.25 0.09
C PHE B 83 36.13 2.87 -0.50
N ALA B 84 34.98 2.50 0.04
CA ALA B 84 33.70 3.00 -0.44
C ALA B 84 32.62 2.54 0.51
N VAL B 85 31.38 2.80 0.14
CA VAL B 85 30.22 2.25 0.82
C VAL B 85 29.42 1.45 -0.19
N TYR B 86 29.20 0.16 0.07
CA TYR B 86 28.63 -0.71 -0.95
C TYR B 86 27.15 -0.99 -0.64
N TYR B 87 26.27 -0.62 -1.58
CA TYR B 87 24.82 -0.79 -1.42
C TYR B 87 24.23 -1.83 -2.38
N CYS B 88 23.04 -2.29 -2.04
CA CYS B 88 22.27 -3.28 -2.79
C CYS B 88 20.83 -2.81 -2.94
N GLN B 89 20.15 -3.24 -4.02
CA GLN B 89 18.73 -2.91 -4.12
C GLN B 89 17.91 -3.93 -4.91
N LEU B 90 16.60 -3.88 -4.62
CA LEU B 90 15.52 -4.63 -5.25
C LEU B 90 15.02 -3.92 -6.49
N SER B 91 14.14 -4.59 -7.23
CA SER B 91 13.73 -4.11 -8.55
C SER B 91 13.27 -2.64 -8.72
N GLY B 92 12.12 -2.26 -8.09
CA GLY B 92 11.51 -0.92 -8.03
C GLY B 92 12.27 -0.02 -7.08
N ARG B 93 13.43 -0.57 -6.68
CA ARG B 93 14.66 0.17 -6.40
C ARG B 93 14.75 0.89 -5.06
N ARG B 94 14.41 0.24 -3.94
CA ARG B 94 14.23 1.10 -2.78
C ARG B 94 15.38 1.15 -1.80
N LEU B 95 16.31 0.20 -1.79
CA LEU B 95 16.86 0.05 -0.44
C LEU B 95 18.34 -0.22 -0.34
N GLY B 96 18.72 -0.91 0.75
CA GLY B 96 20.09 -1.13 1.13
C GLY B 96 20.55 -0.04 2.07
N GLN B 97 21.06 -0.41 3.23
CA GLN B 97 21.63 0.58 4.13
C GLN B 97 23.14 0.70 3.96
N GLY B 98 23.74 -0.25 3.29
CA GLY B 98 25.12 -0.13 2.85
C GLY B 98 26.11 -0.66 3.85
N THR B 99 27.38 -0.59 3.47
CA THR B 99 28.46 -1.15 4.27
C THR B 99 29.68 -0.27 4.01
N LYS B 100 30.06 0.54 5.00
CA LYS B 100 31.25 1.36 4.85
C LYS B 100 32.49 0.49 5.03
N VAL B 101 33.37 0.48 4.04
CA VAL B 101 34.51 -0.42 3.97
C VAL B 101 35.78 0.41 4.09
N GLU B 102 36.44 0.36 5.24
CA GLU B 102 37.80 0.90 5.32
C GLU B 102 38.76 0.01 4.54
N ILE B 103 39.97 0.52 4.40
CA ILE B 103 41.13 -0.28 4.07
C ILE B 103 42.08 -0.19 5.27
N LYS B 104 42.13 -1.25 6.08
CA LYS B 104 43.07 -1.29 7.19
C LYS B 104 44.50 -1.36 6.66
N ARG B 105 45.39 -0.59 7.29
CA ARG B 105 46.78 -0.57 6.88
C ARG B 105 47.66 -0.28 8.08
N THR B 106 48.95 -0.13 7.81
CA THR B 106 49.94 0.08 8.84
C THR B 106 49.64 1.32 9.64
N VAL B 107 50.11 1.34 10.88
CA VAL B 107 50.14 2.58 11.61
C VAL B 107 51.04 3.54 10.87
N ALA B 108 50.55 4.76 10.63
CA ALA B 108 51.25 5.84 9.96
C ALA B 108 51.05 7.08 10.80
N ALA B 109 52.14 7.69 11.23
CA ALA B 109 52.00 8.83 12.13
C ALA B 109 51.64 10.09 11.35
N PRO B 110 50.84 10.99 11.93
CA PRO B 110 50.52 12.23 11.24
C PRO B 110 51.70 13.19 11.25
N SER B 111 51.88 13.87 10.11
CA SER B 111 52.74 15.05 10.08
C SER B 111 51.94 16.28 10.50
N VAL B 112 52.52 17.10 11.39
CA VAL B 112 51.80 18.19 12.04
C VAL B 112 52.37 19.55 11.63
N PHE B 113 51.46 20.49 11.35
CA PHE B 113 51.80 21.88 11.13
C PHE B 113 50.73 22.77 11.77
N ILE B 114 51.16 23.93 12.25
CA ILE B 114 50.24 24.99 12.64
C ILE B 114 50.43 26.18 11.74
N PHE B 115 49.33 26.90 11.54
CA PHE B 115 49.30 28.12 10.81
C PHE B 115 48.78 29.22 11.72
N PRO B 116 49.51 30.32 11.88
CA PRO B 116 49.01 31.45 12.68
C PRO B 116 47.84 32.13 11.99
N PRO B 117 47.10 33.00 12.69
CA PRO B 117 46.04 33.73 12.01
C PRO B 117 46.63 34.74 11.06
N SER B 118 45.97 34.90 9.92
CA SER B 118 46.46 35.77 8.86
C SER B 118 46.28 37.24 9.19
N ASP B 119 47.17 38.07 8.63
CA ASP B 119 47.06 39.52 8.79
C ASP B 119 45.70 40.02 8.33
N GLU B 120 45.19 39.46 7.22
CA GLU B 120 43.89 39.83 6.72
C GLU B 120 42.76 39.47 7.68
N GLN B 121 42.79 38.28 8.27
CA GLN B 121 41.66 37.93 9.14
C GLN B 121 41.71 38.70 10.43
N LEU B 122 42.92 38.98 10.95
CA LEU B 122 43.05 39.81 12.14
C LEU B 122 42.47 41.21 11.95
N LYS B 123 42.56 41.77 10.73
CA LYS B 123 41.96 43.09 10.50
C LYS B 123 40.44 43.05 10.61
N SER B 124 39.81 41.89 10.48
CA SER B 124 38.36 41.82 10.56
C SER B 124 37.85 41.56 11.95
N GLY B 125 38.73 41.35 12.93
CA GLY B 125 38.30 41.17 14.30
C GLY B 125 38.11 39.75 14.76
N THR B 126 38.70 38.80 14.05
CA THR B 126 38.59 37.39 14.34
C THR B 126 39.92 36.73 14.02
N ALA B 127 40.36 35.84 14.91
CA ALA B 127 41.62 35.12 14.73
C ALA B 127 41.29 33.65 14.62
N SER B 128 41.90 32.99 13.65
CA SER B 128 41.75 31.56 13.47
C SER B 128 43.14 30.94 13.42
N VAL B 129 43.37 29.97 14.31
CA VAL B 129 44.55 29.13 14.29
C VAL B 129 44.13 27.78 13.74
N VAL B 130 44.83 27.30 12.72
CA VAL B 130 44.53 26.01 12.10
C VAL B 130 45.68 25.04 12.37
N CYS B 131 45.35 23.84 12.87
CA CYS B 131 46.30 22.77 13.10
C CYS B 131 45.98 21.57 12.21
N LEU B 132 47.04 20.99 11.64
CA LEU B 132 46.97 20.02 10.56
C LEU B 132 47.54 18.64 10.95
N LEU B 133 46.75 17.59 10.72
CA LEU B 133 47.22 16.22 10.82
C LEU B 133 47.14 15.59 9.43
N ASN B 134 48.29 15.24 8.87
CA ASN B 134 48.36 14.93 7.46
C ASN B 134 48.84 13.49 7.25
N ASN B 135 48.04 12.70 6.55
CA ASN B 135 48.41 11.38 6.02
C ASN B 135 48.84 10.40 7.13
N PHE B 136 47.85 10.03 7.93
CA PHE B 136 48.06 9.15 9.08
C PHE B 136 47.02 8.04 9.06
N TYR B 137 47.27 7.02 9.90
CA TYR B 137 46.37 5.88 10.10
C TYR B 137 46.74 5.24 11.42
N PRO B 138 45.77 4.66 12.16
CA PRO B 138 44.33 4.46 11.98
C PRO B 138 43.66 5.80 12.15
N ARG B 139 42.36 5.85 11.92
CA ARG B 139 41.71 7.16 11.81
C ARG B 139 41.82 7.96 13.11
N GLU B 140 41.68 7.32 14.26
CA GLU B 140 41.51 8.07 15.51
C GLU B 140 42.75 8.84 15.93
N ALA B 141 42.55 10.09 16.32
CA ALA B 141 43.61 10.93 16.85
C ALA B 141 43.01 11.98 17.77
N LYS B 142 43.88 12.55 18.60
CA LYS B 142 43.47 13.54 19.61
C LYS B 142 44.22 14.84 19.39
N VAL B 143 43.46 15.93 19.20
CA VAL B 143 44.02 17.27 19.13
C VAL B 143 43.62 18.00 20.39
N GLN B 144 44.61 18.55 21.09
CA GLN B 144 44.38 19.27 22.34
C GLN B 144 44.93 20.68 22.15
N TRP B 145 44.05 21.69 22.29
CA TRP B 145 44.44 23.09 22.11
C TRP B 145 44.94 23.64 23.43
N LYS B 146 46.18 24.18 23.42
CA LYS B 146 46.81 24.69 24.64
C LYS B 146 47.28 26.11 24.42
N VAL B 147 46.72 27.04 25.20
CA VAL B 147 46.97 28.48 25.08
C VAL B 147 47.63 28.95 26.35
N ASP B 148 48.93 29.21 26.30
CA ASP B 148 49.76 29.44 27.49
C ASP B 148 49.66 28.28 28.48
N ASN B 149 49.59 27.06 27.93
CA ASN B 149 49.49 25.82 28.69
C ASN B 149 48.12 25.66 29.35
N ALA B 150 47.08 26.20 28.75
CA ALA B 150 45.72 25.98 29.22
C ALA B 150 44.87 25.35 28.12
N LEU B 151 43.97 24.46 28.51
CA LEU B 151 43.17 23.71 27.54
C LEU B 151 41.96 24.51 27.05
N GLN B 152 41.51 24.20 25.84
CA GLN B 152 40.36 24.85 25.23
C GLN B 152 39.15 23.93 25.15
N SER B 153 38.00 24.55 24.90
CA SER B 153 36.78 23.80 24.64
C SER B 153 35.80 24.68 23.88
N GLY B 154 34.96 24.02 23.07
CA GLY B 154 33.83 24.64 22.39
C GLY B 154 34.05 25.71 21.33
N ASN B 155 35.28 26.19 21.20
CA ASN B 155 35.62 27.14 20.14
C ASN B 155 36.74 26.58 19.28
N SER B 156 37.06 25.31 19.45
CA SER B 156 37.82 24.55 18.48
C SER B 156 36.84 23.71 17.68
N GLN B 157 37.14 23.52 16.41
CA GLN B 157 36.25 22.70 15.60
C GLN B 157 37.06 22.01 14.52
N GLU B 158 36.76 20.73 14.28
CA GLU B 158 37.66 19.91 13.50
C GLU B 158 36.92 19.11 12.44
N SER B 159 37.68 18.75 11.43
CA SER B 159 37.22 18.02 10.27
C SER B 159 38.33 17.07 9.80
N VAL B 160 37.93 15.90 9.32
CA VAL B 160 38.84 14.87 8.85
C VAL B 160 38.42 14.43 7.45
N THR B 161 39.41 14.06 6.62
CA THR B 161 39.16 13.69 5.23
C THR B 161 38.51 12.31 5.11
N GLU B 162 37.93 12.07 3.96
CA GLU B 162 37.60 10.70 3.58
C GLU B 162 38.90 9.97 3.23
N GLN B 163 38.87 8.64 3.37
CA GLN B 163 40.08 7.85 3.32
C GLN B 163 40.71 7.90 1.93
N ASP B 164 42.01 8.21 1.88
CA ASP B 164 42.71 8.39 0.62
C ASP B 164 42.68 7.12 -0.24
N SER B 165 42.15 7.22 -1.46
CA SER B 165 41.91 6.01 -2.24
C SER B 165 43.19 5.29 -2.67
N LYS B 166 44.39 5.83 -2.40
CA LYS B 166 45.59 5.12 -2.86
C LYS B 166 46.51 4.69 -1.74
N ASP B 167 46.65 5.46 -0.65
CA ASP B 167 47.42 4.94 0.47
C ASP B 167 46.57 4.79 1.76
N SER B 168 45.26 4.96 1.66
CA SER B 168 44.30 4.63 2.73
C SER B 168 44.62 5.33 4.05
N THR B 169 45.22 6.54 4.01
CA THR B 169 45.47 7.28 5.24
C THR B 169 44.41 8.38 5.38
N TYR B 170 44.33 8.93 6.59
CA TYR B 170 43.40 10.00 6.88
C TYR B 170 44.17 11.29 7.14
N SER B 171 43.53 12.43 6.83
CA SER B 171 44.08 13.73 7.19
C SER B 171 43.04 14.55 7.93
N LEU B 172 43.51 15.32 8.92
CA LEU B 172 42.66 15.96 9.91
C LEU B 172 43.04 17.42 10.05
N SER B 173 42.02 18.24 10.33
CA SER B 173 42.21 19.66 10.52
C SER B 173 41.46 20.09 11.76
N SER B 174 42.16 20.71 12.71
CA SER B 174 41.53 21.30 13.89
C SER B 174 41.74 22.78 13.85
N THR B 175 40.63 23.54 13.75
CA THR B 175 40.68 24.98 13.60
C THR B 175 40.22 25.64 14.90
N LEU B 176 41.07 26.49 15.49
CA LEU B 176 40.71 27.26 16.68
C LEU B 176 40.38 28.68 16.27
N THR B 177 39.13 29.11 16.52
CA THR B 177 38.65 30.41 16.12
C THR B 177 38.30 31.24 17.36
N LEU B 178 38.98 32.36 17.55
CA LEU B 178 38.70 33.28 18.64
C LEU B 178 38.58 34.70 18.09
N SER B 179 37.95 35.57 18.85
CA SER B 179 37.95 36.97 18.46
C SER B 179 39.29 37.58 18.79
N LYS B 180 39.70 38.57 17.97
CA LYS B 180 41.01 39.21 18.14
C LYS B 180 41.20 39.71 19.57
N ALA B 181 40.12 40.08 20.25
CA ALA B 181 40.27 40.52 21.63
C ALA B 181 40.82 39.40 22.46
N ASP B 182 40.30 38.19 22.26
CA ASP B 182 40.73 37.03 23.03
C ASP B 182 42.12 36.58 22.61
N TYR B 183 42.39 36.59 21.31
CA TYR B 183 43.68 36.14 20.81
C TYR B 183 44.80 36.94 21.44
N GLU B 184 44.60 38.19 21.75
CA GLU B 184 45.72 39.01 22.16
C GLU B 184 45.96 39.01 23.66
N LYS B 185 45.06 38.44 24.46
CA LYS B 185 45.31 38.36 25.89
C LYS B 185 46.11 37.11 26.29
N HIS B 186 46.79 36.47 25.34
CA HIS B 186 47.62 35.31 25.57
C HIS B 186 48.81 35.46 24.63
N LYS B 187 49.82 34.62 24.80
CA LYS B 187 51.02 34.82 24.00
C LYS B 187 51.33 33.63 23.12
N VAL B 188 51.26 32.40 23.63
CA VAL B 188 51.74 31.24 22.89
C VAL B 188 50.58 30.27 22.65
N TYR B 189 50.33 30.03 21.37
CA TYR B 189 49.21 29.23 20.88
C TYR B 189 49.80 27.92 20.40
N ALA B 190 49.42 26.82 21.08
CA ALA B 190 50.07 25.52 20.94
C ALA B 190 49.06 24.43 20.65
N CYS B 191 49.47 23.51 19.78
CA CYS B 191 48.61 22.42 19.33
C CYS B 191 49.31 21.09 19.63
N GLU B 192 48.72 20.28 20.51
CA GLU B 192 49.30 19.01 20.97
C GLU B 192 48.57 17.82 20.35
N VAL B 193 49.31 16.92 19.70
CA VAL B 193 48.71 15.83 18.93
C VAL B 193 49.12 14.48 19.49
N THR B 194 48.12 13.65 19.79
CA THR B 194 48.30 12.28 20.28
C THR B 194 47.82 11.29 19.22
N HIS B 195 48.66 10.29 18.93
CA HIS B 195 48.34 9.29 17.92
C HIS B 195 49.14 8.02 18.21
N GLN B 196 48.62 6.90 17.73
CA GLN B 196 49.32 5.63 17.88
C GLN B 196 50.74 5.69 17.33
N GLY B 197 50.91 6.23 16.12
CA GLY B 197 52.21 6.26 15.46
C GLY B 197 53.24 7.17 16.11
N LEU B 198 52.83 7.94 17.12
CA LEU B 198 53.71 8.89 17.77
C LEU B 198 54.12 8.32 19.12
N SER B 199 55.43 8.29 19.39
CA SER B 199 55.97 7.75 20.64
C SER B 199 55.33 8.38 21.87
N SER B 200 55.49 9.70 22.00
CA SER B 200 54.79 10.59 22.91
C SER B 200 54.13 11.67 22.08
N PRO B 201 53.13 12.37 22.63
CA PRO B 201 52.43 13.40 21.84
C PRO B 201 53.36 14.53 21.45
N VAL B 202 53.07 15.14 20.30
CA VAL B 202 53.88 16.22 19.75
C VAL B 202 53.11 17.53 19.90
N THR B 203 53.86 18.61 20.10
CA THR B 203 53.30 19.95 20.23
C THR B 203 54.07 20.91 19.33
N LYS B 204 53.33 21.63 18.50
CA LYS B 204 53.87 22.67 17.64
C LYS B 204 53.16 23.97 17.99
N SER B 205 53.95 25.03 18.19
CA SER B 205 53.42 26.24 18.79
C SER B 205 54.20 27.45 18.33
N PHE B 206 53.53 28.59 18.31
CA PHE B 206 54.12 29.88 18.02
C PHE B 206 53.75 30.88 19.10
N ASN B 207 54.55 31.93 19.20
CA ASN B 207 54.24 33.05 20.06
C ASN B 207 53.70 34.17 19.20
N ARG B 208 52.53 34.68 19.59
CA ARG B 208 51.87 35.75 18.89
C ARG B 208 52.89 36.86 18.62
N GLY B 209 53.15 37.10 17.33
CA GLY B 209 54.21 37.98 16.87
C GLY B 209 55.39 37.21 16.32
N GLU B 210 55.48 37.09 15.00
CA GLU B 210 56.50 36.24 14.38
C GLU B 210 56.79 36.61 12.91
N ILE C 1 -0.91 7.65 15.34
CA ILE C 1 -0.51 6.32 15.85
C ILE C 1 -1.64 5.25 15.79
N ASP C 2 -1.30 4.04 15.35
CA ASP C 2 -2.31 3.16 14.78
C ASP C 2 -2.23 1.83 15.51
N LEU C 3 -3.11 0.89 15.15
CA LEU C 3 -3.23 -0.33 15.96
C LEU C 3 -3.97 -1.40 15.17
N THR C 4 -3.32 -2.53 14.92
CA THR C 4 -3.84 -3.52 13.98
C THR C 4 -3.92 -4.89 14.65
N GLN C 5 -5.13 -5.40 14.80
CA GLN C 5 -5.35 -6.69 15.43
C GLN C 5 -5.60 -7.77 14.38
N SER C 6 -5.28 -9.00 14.74
CA SER C 6 -5.41 -10.12 13.82
C SER C 6 -5.38 -11.41 14.63
N PRO C 7 -6.11 -12.45 14.18
CA PRO C 7 -6.97 -12.37 13.01
C PRO C 7 -8.27 -11.70 13.40
N ARG C 8 -9.03 -11.20 12.43
CA ARG C 8 -10.31 -10.61 12.76
C ARG C 8 -11.31 -11.67 13.24
N THR C 9 -11.09 -12.92 12.86
CA THR C 9 -12.02 -14.00 13.08
C THR C 9 -11.24 -15.26 13.42
N LEU C 10 -11.74 -16.03 14.39
CA LEU C 10 -10.95 -17.10 15.01
C LEU C 10 -11.91 -18.05 15.71
N SER C 11 -12.00 -19.29 15.23
CA SER C 11 -12.93 -20.28 15.78
C SER C 11 -12.16 -21.53 16.19
N LEU C 12 -12.04 -21.75 17.50
CA LEU C 12 -11.24 -22.82 18.08
C LEU C 12 -12.04 -23.58 19.14
N SER C 13 -11.80 -24.90 19.18
CA SER C 13 -12.42 -25.77 20.18
C SER C 13 -12.13 -25.28 21.60
N ALA C 14 -13.12 -25.45 22.49
CA ALA C 14 -12.91 -25.04 23.87
C ALA C 14 -11.83 -25.91 24.49
N GLY C 15 -10.92 -25.29 25.25
CA GLY C 15 -9.82 -26.01 25.85
C GLY C 15 -8.54 -25.97 25.02
N GLU C 16 -8.61 -25.42 23.83
CA GLU C 16 -7.44 -25.22 22.99
C GLU C 16 -6.90 -23.81 23.18
N ARG C 17 -5.64 -23.64 22.80
CA ARG C 17 -4.93 -22.39 23.01
C ARG C 17 -5.34 -21.39 21.94
N ALA C 18 -5.69 -20.18 22.36
CA ALA C 18 -6.09 -19.11 21.46
C ALA C 18 -5.06 -18.00 21.52
N THR C 19 -4.63 -17.55 20.35
CA THR C 19 -3.62 -16.52 20.22
C THR C 19 -4.23 -15.34 19.48
N LEU C 20 -4.18 -14.16 20.11
CA LEU C 20 -4.74 -12.93 19.59
C LEU C 20 -3.65 -11.87 19.58
N LEU C 21 -3.38 -11.30 18.40
CA LEU C 21 -2.29 -10.36 18.20
C LEU C 21 -2.84 -8.97 17.97
N CYS C 22 -2.12 -7.98 18.51
CA CYS C 22 -2.40 -6.57 18.38
C CYS C 22 -1.09 -5.84 18.15
N ARG C 23 -0.91 -5.24 16.97
CA ARG C 23 0.39 -4.71 16.55
C ARG C 23 0.30 -3.22 16.34
N ALA C 24 1.12 -2.47 17.06
CA ALA C 24 1.08 -1.04 16.92
C ALA C 24 1.79 -0.62 15.64
N SER C 25 1.41 0.54 15.14
CA SER C 25 2.15 1.11 14.04
C SER C 25 3.56 1.51 14.46
N GLN C 26 3.81 1.69 15.75
CA GLN C 26 5.11 2.15 16.19
C GLN C 26 5.52 1.44 17.47
N SER C 27 6.78 1.65 17.83
CA SER C 27 7.28 1.26 19.13
C SER C 27 6.57 2.02 20.24
N VAL C 28 6.11 1.30 21.25
CA VAL C 28 5.40 1.88 22.38
C VAL C 28 5.90 1.17 23.63
N SER C 29 5.84 1.83 24.78
CA SER C 29 6.19 1.10 26.00
C SER C 29 4.99 0.26 26.42
N ASN C 30 5.28 -0.83 27.13
CA ASN C 30 4.22 -1.75 27.54
C ASN C 30 3.13 -1.02 28.28
N VAL C 31 3.50 0.07 28.96
CA VAL C 31 2.62 0.67 29.96
C VAL C 31 1.28 1.06 29.33
N ALA C 32 1.33 1.66 28.14
CA ALA C 32 0.14 2.24 27.55
C ALA C 32 -0.79 1.23 26.90
N LEU C 33 -0.53 -0.07 26.97
CA LEU C 33 -1.44 -0.99 26.32
C LEU C 33 -2.38 -1.66 27.32
N ALA C 34 -3.62 -1.88 26.86
CA ALA C 34 -4.64 -2.61 27.59
C ALA C 34 -5.43 -3.44 26.60
N TRP C 35 -6.05 -4.51 27.10
CA TRP C 35 -6.87 -5.43 26.33
C TRP C 35 -8.27 -5.46 26.92
N TYR C 36 -9.26 -5.67 26.08
CA TYR C 36 -10.65 -5.65 26.53
C TYR C 36 -11.44 -6.83 25.98
N GLN C 37 -12.30 -7.40 26.84
CA GLN C 37 -13.22 -8.46 26.46
C GLN C 37 -14.62 -7.84 26.34
N HIS C 38 -15.29 -8.09 25.21
CA HIS C 38 -16.62 -7.52 24.97
C HIS C 38 -17.59 -8.62 24.53
N LYS C 39 -18.31 -9.21 25.49
CA LYS C 39 -19.40 -10.11 25.14
C LYS C 39 -20.62 -9.30 24.69
N PRO C 40 -21.44 -9.84 23.78
CA PRO C 40 -22.56 -9.06 23.24
C PRO C 40 -23.63 -8.87 24.31
N GLY C 41 -24.13 -7.64 24.43
CA GLY C 41 -25.12 -7.30 25.43
C GLY C 41 -24.57 -6.96 26.80
N GLN C 42 -23.27 -7.16 27.03
CA GLN C 42 -22.62 -6.72 28.25
C GLN C 42 -21.91 -5.39 28.00
N ALA C 43 -21.41 -4.84 29.06
CA ALA C 43 -20.49 -3.75 28.78
C ALA C 43 -19.08 -4.30 28.68
N PRO C 44 -18.25 -3.77 27.80
CA PRO C 44 -16.87 -4.25 27.72
C PRO C 44 -16.16 -4.09 29.06
N ARG C 45 -15.37 -5.10 29.44
CA ARG C 45 -14.65 -5.07 30.72
C ARG C 45 -13.15 -5.20 30.48
N LEU C 46 -12.38 -4.54 31.34
CA LEU C 46 -10.93 -4.59 31.25
C LEU C 46 -10.43 -5.99 31.52
N LEU C 47 -9.60 -6.50 30.63
CA LEU C 47 -8.92 -7.75 30.89
C LEU C 47 -7.54 -7.52 31.46
N LEU C 48 -6.90 -6.41 31.11
CA LEU C 48 -5.47 -6.33 31.28
C LEU C 48 -5.00 -4.92 30.97
N HIS C 49 -4.04 -4.42 31.74
CA HIS C 49 -3.46 -3.12 31.45
C HIS C 49 -1.96 -3.22 31.66
N GLU C 50 -1.24 -2.21 31.21
CA GLU C 50 0.23 -2.20 31.21
C GLU C 50 0.80 -3.41 30.48
N ALA C 51 0.00 -3.95 29.55
CA ALA C 51 0.31 -4.97 28.56
C ALA C 51 0.42 -6.38 29.10
N SER C 52 0.53 -6.53 30.41
CA SER C 52 0.63 -7.85 31.04
C SER C 52 -0.16 -8.00 32.32
N THR C 53 -0.46 -6.91 33.03
CA THR C 53 -1.04 -6.92 34.37
C THR C 53 -2.54 -7.18 34.32
N ARG C 54 -2.98 -8.26 34.98
CA ARG C 54 -4.39 -8.63 34.97
C ARG C 54 -5.22 -7.63 35.76
N ALA C 55 -6.48 -7.47 35.33
CA ALA C 55 -7.43 -6.66 36.05
C ALA C 55 -7.93 -7.41 37.28
N THR C 56 -8.47 -6.67 38.24
CA THR C 56 -8.91 -7.30 39.48
C THR C 56 -10.01 -8.30 39.16
N GLY C 57 -9.76 -9.58 39.37
CA GLY C 57 -10.79 -10.59 39.26
C GLY C 57 -10.87 -11.37 37.97
N ILE C 58 -10.05 -11.07 36.96
CA ILE C 58 -10.18 -11.79 35.70
C ILE C 58 -9.31 -13.05 35.76
N PRO C 59 -9.76 -14.15 35.16
CA PRO C 59 -9.09 -15.45 35.37
C PRO C 59 -7.65 -15.50 34.87
N ASP C 60 -6.98 -16.56 35.32
CA ASP C 60 -5.55 -16.75 35.04
C ASP C 60 -5.26 -17.04 33.57
N ARG C 61 -6.21 -17.64 32.84
CA ARG C 61 -5.94 -18.11 31.47
C ARG C 61 -5.73 -16.98 30.47
N PHE C 62 -5.93 -15.72 30.87
CA PHE C 62 -5.68 -14.58 29.99
C PHE C 62 -4.30 -14.04 30.33
N ILE C 63 -3.30 -14.33 29.50
CA ILE C 63 -1.91 -13.95 29.75
C ILE C 63 -1.50 -12.91 28.70
N GLY C 64 -1.24 -11.70 29.16
CA GLY C 64 -0.79 -10.62 28.29
C GLY C 64 0.72 -10.47 28.36
N SER C 65 1.30 -10.21 27.20
CA SER C 65 2.73 -10.29 27.00
C SER C 65 3.11 -9.38 25.86
N GLY C 66 4.40 -9.09 25.74
CA GLY C 66 4.89 -8.40 24.58
C GLY C 66 5.76 -7.20 24.93
N SER C 67 6.33 -6.62 23.88
CA SER C 67 7.15 -5.42 23.96
C SER C 67 7.33 -4.91 22.54
N GLY C 68 7.64 -3.62 22.43
CA GLY C 68 7.95 -2.99 21.17
C GLY C 68 6.69 -2.63 20.42
N ARG C 69 6.25 -3.46 19.50
CA ARG C 69 4.98 -3.22 18.86
C ARG C 69 4.20 -4.48 18.61
N ASP C 70 4.71 -5.62 19.03
CA ASP C 70 4.00 -6.88 18.96
C ASP C 70 3.50 -7.18 20.37
N PHE C 71 2.19 -7.05 20.56
CA PHE C 71 1.56 -7.34 21.83
C PHE C 71 0.59 -8.50 21.63
N THR C 72 0.56 -9.42 22.58
CA THR C 72 -0.11 -10.70 22.37
C THR C 72 -0.91 -11.06 23.62
N LEU C 73 -2.23 -11.11 23.48
CA LEU C 73 -3.10 -11.69 24.50
C LEU C 73 -3.25 -13.17 24.19
N THR C 74 -2.89 -14.02 25.15
CA THR C 74 -2.92 -15.47 24.97
C THR C 74 -4.00 -16.03 25.90
N ILE C 75 -4.93 -16.78 25.33
CA ILE C 75 -5.90 -17.53 26.12
C ILE C 75 -5.46 -18.99 26.12
N THR C 76 -4.90 -19.41 27.26
CA THR C 76 -4.25 -20.72 27.37
C THR C 76 -5.24 -21.85 27.20
N SER C 77 -6.46 -21.70 27.72
CA SER C 77 -7.50 -22.70 27.56
C SER C 77 -8.85 -22.01 27.43
N LEU C 78 -9.43 -22.10 26.23
CA LEU C 78 -10.72 -21.48 25.99
C LEU C 78 -11.82 -22.16 26.80
N GLU C 79 -12.60 -21.38 27.45
CA GLU C 79 -13.83 -21.88 28.02
C GLU C 79 -15.00 -21.40 27.17
N PRO C 80 -16.08 -22.18 27.10
CA PRO C 80 -17.23 -21.76 26.28
C PRO C 80 -17.68 -20.35 26.61
N GLU C 81 -17.49 -19.93 27.86
CA GLU C 81 -17.75 -18.56 28.30
C GLU C 81 -16.95 -17.52 27.54
N ASP C 82 -15.91 -17.93 26.80
CA ASP C 82 -14.99 -16.95 26.26
C ASP C 82 -15.38 -16.41 24.89
N PHE C 83 -16.45 -16.93 24.28
CA PHE C 83 -17.01 -16.29 23.10
C PHE C 83 -17.21 -14.81 23.39
N ALA C 84 -16.51 -13.97 22.62
CA ALA C 84 -16.61 -12.52 22.74
C ALA C 84 -15.86 -11.89 21.57
N VAL C 85 -15.77 -10.56 21.60
CA VAL C 85 -14.98 -9.79 20.66
C VAL C 85 -13.91 -9.08 21.48
N TYR C 86 -12.65 -9.28 21.13
CA TYR C 86 -11.53 -8.83 21.95
C TYR C 86 -10.82 -7.66 21.27
N TYR C 87 -10.82 -6.50 21.93
CA TYR C 87 -10.19 -5.30 21.42
C TYR C 87 -8.99 -4.91 22.28
N CYS C 88 -8.09 -4.10 21.70
CA CYS C 88 -6.88 -3.61 22.38
C CYS C 88 -6.78 -2.12 22.16
N GLN C 89 -6.22 -1.39 23.13
CA GLN C 89 -6.09 0.05 22.92
C GLN C 89 -4.85 0.67 23.58
N LEU C 90 -4.50 1.85 23.06
CA LEU C 90 -3.44 2.72 23.55
C LEU C 90 -3.96 3.67 24.64
N SER C 91 -3.02 4.40 25.25
CA SER C 91 -3.30 5.22 26.43
C SER C 91 -4.52 6.12 26.26
N GLY C 92 -4.46 7.02 25.25
CA GLY C 92 -5.50 7.93 24.77
C GLY C 92 -6.61 7.26 23.99
N ARG C 93 -6.64 5.92 24.03
CA ARG C 93 -7.82 5.05 23.97
C ARG C 93 -8.41 4.81 22.60
N ARG C 94 -7.70 5.00 21.50
CA ARG C 94 -8.50 5.18 20.29
C ARG C 94 -8.96 3.87 19.66
N LEU C 95 -8.13 2.85 19.61
CA LEU C 95 -8.32 2.00 18.43
C LEU C 95 -8.62 0.55 18.80
N GLY C 96 -8.21 -0.36 17.93
CA GLY C 96 -8.55 -1.76 18.00
C GLY C 96 -9.75 -2.08 17.15
N GLN C 97 -9.52 -2.95 16.18
CA GLN C 97 -10.59 -3.45 15.33
C GLN C 97 -11.16 -4.75 15.86
N GLY C 98 -10.42 -5.40 16.77
CA GLY C 98 -10.93 -6.55 17.50
C GLY C 98 -10.64 -7.90 16.86
N THR C 99 -11.18 -8.93 17.51
CA THR C 99 -11.07 -10.32 17.08
C THR C 99 -12.29 -11.04 17.64
N LYS C 100 -13.18 -11.51 16.75
CA LYS C 100 -14.30 -12.35 17.16
C LYS C 100 -13.80 -13.75 17.40
N VAL C 101 -14.19 -14.34 18.54
CA VAL C 101 -13.75 -15.66 18.90
C VAL C 101 -14.99 -16.54 18.96
N GLU C 102 -15.16 -17.41 17.96
CA GLU C 102 -16.10 -18.49 18.15
C GLU C 102 -15.50 -19.52 19.11
N ILE C 103 -16.38 -20.33 19.69
CA ILE C 103 -15.98 -21.53 20.42
C ILE C 103 -16.42 -22.69 19.54
N LYS C 104 -15.47 -23.28 18.83
CA LYS C 104 -15.78 -24.41 17.96
C LYS C 104 -16.14 -25.62 18.82
N ARG C 105 -17.19 -26.32 18.41
CA ARG C 105 -17.72 -27.44 19.17
C ARG C 105 -18.28 -28.48 18.21
N THR C 106 -18.84 -29.53 18.78
CA THR C 106 -19.38 -30.62 17.98
C THR C 106 -20.58 -30.18 17.15
N VAL C 107 -20.77 -30.90 16.04
CA VAL C 107 -21.96 -30.70 15.21
C VAL C 107 -23.21 -30.95 16.04
N ALA C 108 -24.17 -30.03 15.93
CA ALA C 108 -25.43 -30.15 16.64
C ALA C 108 -26.57 -29.82 15.68
N ALA C 109 -27.48 -30.75 15.48
CA ALA C 109 -28.58 -30.52 14.56
C ALA C 109 -29.62 -29.63 15.23
N PRO C 110 -30.31 -28.80 14.45
CA PRO C 110 -31.34 -27.94 15.05
C PRO C 110 -32.58 -28.74 15.42
N SER C 111 -33.15 -28.42 16.58
CA SER C 111 -34.49 -28.89 16.89
C SER C 111 -35.47 -27.94 16.23
N VAL C 112 -36.44 -28.51 15.52
CA VAL C 112 -37.30 -27.76 14.60
C VAL C 112 -38.72 -27.75 15.14
N PHE C 113 -39.35 -26.57 15.08
CA PHE C 113 -40.74 -26.35 15.44
C PHE C 113 -41.31 -25.30 14.49
N ILE C 114 -42.61 -25.38 14.22
CA ILE C 114 -43.32 -24.30 13.53
C ILE C 114 -44.39 -23.72 14.43
N PHE C 115 -44.66 -22.44 14.22
CA PHE C 115 -45.78 -21.77 14.87
C PHE C 115 -46.72 -21.22 13.81
N PRO C 116 -47.98 -21.62 13.80
CA PRO C 116 -48.95 -21.02 12.87
C PRO C 116 -49.23 -19.57 13.21
N PRO C 117 -49.87 -18.80 12.31
CA PRO C 117 -50.15 -17.40 12.62
C PRO C 117 -51.18 -17.26 13.72
N SER C 118 -50.99 -16.25 14.57
CA SER C 118 -51.88 -16.05 15.70
C SER C 118 -53.24 -15.55 15.22
N ASP C 119 -54.28 -15.94 15.96
CA ASP C 119 -55.63 -15.50 15.64
C ASP C 119 -55.73 -13.98 15.64
N GLU C 120 -55.11 -13.34 16.64
CA GLU C 120 -55.13 -11.88 16.75
C GLU C 120 -54.43 -11.20 15.58
N GLN C 121 -53.36 -11.83 15.06
CA GLN C 121 -52.59 -11.24 13.96
C GLN C 121 -53.35 -11.30 12.64
N LEU C 122 -54.12 -12.38 12.43
CA LEU C 122 -54.96 -12.47 11.22
C LEU C 122 -55.97 -11.32 11.17
N LYS C 123 -56.42 -10.85 12.34
CA LYS C 123 -57.39 -9.76 12.47
C LYS C 123 -56.85 -8.41 12.00
N SER C 124 -55.54 -8.25 11.83
CA SER C 124 -54.94 -7.02 11.34
C SER C 124 -54.68 -7.01 9.83
N GLY C 125 -54.94 -8.12 9.14
CA GLY C 125 -54.76 -8.19 7.70
C GLY C 125 -53.42 -8.73 7.24
N THR C 126 -52.65 -9.34 8.13
CA THR C 126 -51.35 -9.94 7.84
C THR C 126 -51.15 -11.13 8.77
N ALA C 127 -50.62 -12.23 8.22
CA ALA C 127 -50.35 -13.44 9.01
C ALA C 127 -48.86 -13.76 8.95
N SER C 128 -48.30 -14.20 10.09
CA SER C 128 -46.88 -14.53 10.18
C SER C 128 -46.71 -15.98 10.61
N VAL C 129 -46.00 -16.75 9.78
CA VAL C 129 -45.59 -18.12 10.08
C VAL C 129 -44.12 -18.10 10.50
N VAL C 130 -43.86 -18.55 11.73
CA VAL C 130 -42.54 -18.51 12.34
C VAL C 130 -42.02 -19.94 12.48
N CYS C 131 -40.80 -20.17 12.01
CA CYS C 131 -40.14 -21.46 12.16
C CYS C 131 -38.87 -21.26 13.00
N LEU C 132 -38.57 -22.23 13.88
CA LEU C 132 -37.51 -22.12 14.88
C LEU C 132 -36.45 -23.20 14.69
N LEU C 133 -35.17 -22.79 14.64
CA LEU C 133 -34.01 -23.69 14.70
C LEU C 133 -33.27 -23.42 16.01
N ASN C 134 -33.26 -24.39 16.91
CA ASN C 134 -32.84 -24.13 18.29
C ASN C 134 -31.61 -24.96 18.60
N ASN C 135 -30.55 -24.30 19.07
CA ASN C 135 -29.37 -24.93 19.65
C ASN C 135 -28.68 -25.87 18.66
N PHE C 136 -28.05 -25.26 17.65
CA PHE C 136 -27.33 -25.99 16.63
C PHE C 136 -25.95 -25.38 16.42
N TYR C 137 -25.10 -26.14 15.73
CA TYR C 137 -23.74 -25.72 15.36
C TYR C 137 -23.31 -26.63 14.21
N PRO C 138 -22.60 -26.11 13.20
CA PRO C 138 -22.07 -24.75 13.02
C PRO C 138 -23.17 -23.71 12.80
N ARG C 139 -22.78 -22.43 12.83
CA ARG C 139 -23.74 -21.33 12.73
C ARG C 139 -24.52 -21.38 11.43
N GLU C 140 -23.88 -21.84 10.35
CA GLU C 140 -24.49 -21.82 9.03
C GLU C 140 -25.65 -22.81 9.01
N ALA C 141 -26.82 -22.34 8.55
CA ALA C 141 -27.95 -23.23 8.40
C ALA C 141 -28.85 -22.70 7.30
N LYS C 142 -29.62 -23.61 6.71
CA LYS C 142 -30.45 -23.30 5.56
C LYS C 142 -31.90 -23.60 5.90
N VAL C 143 -32.73 -22.55 5.86
CA VAL C 143 -34.18 -22.67 6.01
C VAL C 143 -34.80 -22.29 4.68
N GLN C 144 -35.61 -23.20 4.13
CA GLN C 144 -36.24 -23.02 2.83
C GLN C 144 -37.74 -22.93 3.07
N TRP C 145 -38.33 -21.80 2.68
CA TRP C 145 -39.78 -21.62 2.82
C TRP C 145 -40.48 -22.18 1.59
N LYS C 146 -41.41 -23.10 1.83
CA LYS C 146 -42.16 -23.77 0.77
C LYS C 146 -43.64 -23.64 1.08
N VAL C 147 -44.39 -23.03 0.16
CA VAL C 147 -45.83 -22.80 0.32
C VAL C 147 -46.53 -23.63 -0.76
N ASP C 148 -47.12 -24.75 -0.34
CA ASP C 148 -47.73 -25.73 -1.26
C ASP C 148 -46.74 -26.20 -2.32
N ASN C 149 -45.48 -26.37 -1.91
CA ASN C 149 -44.33 -26.77 -2.75
C ASN C 149 -43.88 -25.68 -3.71
N ALA C 150 -44.12 -24.41 -3.39
CA ALA C 150 -43.61 -23.27 -4.13
C ALA C 150 -42.71 -22.44 -3.24
N LEU C 151 -41.57 -22.02 -3.78
CA LEU C 151 -40.55 -21.34 -2.97
C LEU C 151 -40.85 -19.86 -2.80
N GLN C 152 -40.40 -19.33 -1.67
CA GLN C 152 -40.61 -17.94 -1.29
C GLN C 152 -39.31 -17.15 -1.43
N SER C 153 -39.46 -15.83 -1.54
CA SER C 153 -38.34 -14.90 -1.52
C SER C 153 -38.90 -13.50 -1.27
N GLY C 154 -38.06 -12.61 -0.74
CA GLY C 154 -38.46 -11.24 -0.52
C GLY C 154 -39.54 -11.05 0.53
N ASN C 155 -40.19 -12.13 1.00
CA ASN C 155 -41.14 -12.08 2.10
C ASN C 155 -40.76 -13.02 3.26
N SER C 156 -39.63 -13.72 3.16
CA SER C 156 -39.04 -14.43 4.29
C SER C 156 -37.92 -13.55 4.86
N GLN C 157 -37.85 -13.50 6.18
CA GLN C 157 -36.87 -12.64 6.85
C GLN C 157 -36.48 -13.35 8.13
N GLU C 158 -35.16 -13.40 8.38
CA GLU C 158 -34.60 -14.38 9.29
C GLU C 158 -33.54 -13.73 10.17
N SER C 159 -33.31 -14.33 11.35
CA SER C 159 -32.44 -13.78 12.39
C SER C 159 -31.73 -14.92 13.12
N VAL C 160 -30.51 -14.67 13.57
CA VAL C 160 -29.73 -15.67 14.28
C VAL C 160 -29.18 -15.11 15.59
N THR C 161 -29.12 -15.96 16.62
CA THR C 161 -28.64 -15.60 17.94
C THR C 161 -27.11 -15.51 17.97
N GLU C 162 -26.62 -14.75 18.94
CA GLU C 162 -25.20 -14.80 19.25
C GLU C 162 -24.87 -16.13 19.90
N GLN C 163 -23.61 -16.54 19.81
CA GLN C 163 -23.22 -17.88 20.26
C GLN C 163 -23.50 -17.99 21.76
N ASP C 164 -24.30 -18.98 22.16
CA ASP C 164 -24.71 -19.07 23.55
C ASP C 164 -23.48 -19.28 24.46
N SER C 165 -23.37 -18.41 25.47
CA SER C 165 -22.17 -18.26 26.29
C SER C 165 -21.78 -19.48 27.13
N LYS C 166 -22.60 -20.54 27.14
CA LYS C 166 -22.29 -21.72 27.94
C LYS C 166 -22.23 -23.02 27.14
N ASP C 167 -23.08 -23.18 26.12
CA ASP C 167 -23.04 -24.38 25.28
C ASP C 167 -22.60 -24.10 23.85
N SER C 168 -22.21 -22.85 23.54
CA SER C 168 -21.57 -22.49 22.28
C SER C 168 -22.40 -22.91 21.08
N THR C 169 -23.72 -22.94 21.24
CA THR C 169 -24.62 -23.21 20.13
C THR C 169 -25.35 -21.95 19.72
N TYR C 170 -25.88 -22.00 18.50
CA TYR C 170 -26.62 -20.90 17.92
C TYR C 170 -28.08 -21.32 17.79
N SER C 171 -28.96 -20.34 17.83
CA SER C 171 -30.37 -20.57 17.60
C SER C 171 -30.84 -19.63 16.49
N LEU C 172 -31.83 -20.08 15.73
CA LEU C 172 -32.22 -19.42 14.50
C LEU C 172 -33.73 -19.19 14.47
N SER C 173 -34.14 -18.05 13.90
CA SER C 173 -35.55 -17.69 13.76
C SER C 173 -35.77 -17.20 12.33
N SER C 174 -36.67 -17.85 11.60
CA SER C 174 -37.05 -17.41 10.25
C SER C 174 -38.53 -17.06 10.25
N THR C 175 -38.84 -15.79 10.00
CA THR C 175 -40.21 -15.27 9.99
C THR C 175 -40.64 -15.01 8.55
N LEU C 176 -41.68 -15.70 8.11
CA LEU C 176 -42.28 -15.48 6.80
C LEU C 176 -43.52 -14.62 7.01
N THR C 177 -43.51 -13.39 6.49
CA THR C 177 -44.57 -12.42 6.74
C THR C 177 -45.30 -12.12 5.44
N LEU C 178 -46.59 -12.45 5.41
CA LEU C 178 -47.48 -12.19 4.29
C LEU C 178 -48.78 -11.57 4.77
N SER C 179 -49.48 -10.92 3.84
CA SER C 179 -50.81 -10.38 4.13
C SER C 179 -51.84 -11.51 4.21
N LYS C 180 -52.89 -11.29 5.00
CA LYS C 180 -53.93 -12.31 5.18
C LYS C 180 -54.52 -12.75 3.84
N ALA C 181 -54.57 -11.82 2.87
CA ALA C 181 -55.06 -12.15 1.53
C ALA C 181 -54.18 -13.21 0.87
N ASP C 182 -52.85 -13.03 0.94
CA ASP C 182 -51.93 -14.00 0.35
C ASP C 182 -51.92 -15.31 1.15
N TYR C 183 -52.14 -15.21 2.47
CA TYR C 183 -52.18 -16.39 3.36
C TYR C 183 -53.30 -17.36 2.98
N GLU C 184 -54.48 -16.83 2.63
CA GLU C 184 -55.68 -17.66 2.51
C GLU C 184 -55.91 -18.19 1.09
N LYS C 185 -55.13 -17.73 0.11
CA LYS C 185 -55.12 -18.36 -1.21
C LYS C 185 -54.13 -19.52 -1.27
N HIS C 186 -53.71 -20.02 -0.11
CA HIS C 186 -52.89 -21.21 0.04
C HIS C 186 -53.34 -21.93 1.31
N LYS C 187 -52.93 -23.20 1.42
CA LYS C 187 -53.36 -24.05 2.54
C LYS C 187 -52.18 -24.58 3.35
N VAL C 188 -51.19 -25.23 2.68
CA VAL C 188 -50.07 -25.87 3.37
C VAL C 188 -48.90 -24.90 3.48
N TYR C 189 -48.37 -24.74 4.69
CA TYR C 189 -47.16 -23.96 4.95
C TYR C 189 -46.14 -24.85 5.64
N ALA C 190 -44.99 -25.03 4.98
CA ALA C 190 -43.99 -26.02 5.38
C ALA C 190 -42.65 -25.35 5.53
N CYS C 191 -41.86 -25.87 6.46
CA CYS C 191 -40.55 -25.33 6.80
C CYS C 191 -39.49 -26.41 6.65
N GLU C 192 -38.62 -26.25 5.64
CA GLU C 192 -37.56 -27.20 5.33
C GLU C 192 -36.23 -26.64 5.81
N VAL C 193 -35.51 -27.45 6.58
CA VAL C 193 -34.27 -27.04 7.22
C VAL C 193 -33.15 -27.96 6.75
N THR C 194 -32.07 -27.36 6.23
CA THR C 194 -30.90 -28.10 5.78
C THR C 194 -29.76 -27.79 6.74
N HIS C 195 -29.06 -28.83 7.19
CA HIS C 195 -27.95 -28.61 8.13
C HIS C 195 -27.02 -29.80 8.03
N GLN C 196 -25.76 -29.59 8.42
CA GLN C 196 -24.83 -30.70 8.53
C GLN C 196 -25.37 -31.78 9.45
N GLY C 197 -25.88 -31.36 10.62
CA GLY C 197 -26.36 -32.27 11.65
C GLY C 197 -27.60 -33.05 11.28
N LEU C 198 -28.22 -32.74 10.15
CA LEU C 198 -29.43 -33.43 9.70
C LEU C 198 -29.04 -34.37 8.56
N SER C 199 -29.31 -35.66 8.74
CA SER C 199 -28.92 -36.70 7.77
C SER C 199 -29.37 -36.33 6.36
N SER C 200 -30.67 -36.15 6.17
CA SER C 200 -31.25 -35.40 5.06
C SER C 200 -32.12 -34.31 5.67
N PRO C 201 -32.44 -33.26 4.93
CA PRO C 201 -33.21 -32.16 5.52
C PRO C 201 -34.55 -32.61 6.07
N VAL C 202 -34.97 -31.92 7.14
CA VAL C 202 -36.19 -32.22 7.88
C VAL C 202 -37.23 -31.15 7.59
N THR C 203 -38.51 -31.52 7.66
CA THR C 203 -39.62 -30.60 7.40
C THR C 203 -40.69 -30.73 8.49
N LYS C 204 -41.16 -29.58 9.01
CA LYS C 204 -42.33 -29.52 9.88
C LYS C 204 -43.32 -28.52 9.30
N SER C 205 -44.60 -28.89 9.25
CA SER C 205 -45.59 -28.15 8.47
C SER C 205 -46.98 -28.25 9.11
N PHE C 206 -47.79 -27.20 8.85
CA PHE C 206 -49.20 -27.17 9.23
C PHE C 206 -50.00 -26.69 8.02
N ASN C 207 -51.30 -27.00 8.02
CA ASN C 207 -52.25 -26.49 7.05
C ASN C 207 -53.19 -25.45 7.70
N ARG C 208 -53.42 -24.34 6.98
CA ARG C 208 -54.31 -23.27 7.44
C ARG C 208 -55.63 -23.82 7.99
N GLY C 209 -55.83 -23.67 9.29
CA GLY C 209 -56.95 -24.30 9.97
C GLY C 209 -56.53 -25.55 10.75
N GLU C 210 -56.73 -25.55 12.07
CA GLU C 210 -56.27 -26.66 12.90
C GLU C 210 -57.17 -26.85 14.13
N GLN D 1 -16.06 0.19 44.34
CA GLN D 1 -17.50 0.02 44.18
C GLN D 1 -18.01 1.03 43.15
N VAL D 2 -17.08 1.56 42.35
CA VAL D 2 -17.42 2.56 41.34
C VAL D 2 -18.41 1.96 40.35
N GLN D 3 -19.51 2.67 40.13
CA GLN D 3 -20.60 2.23 39.28
C GLN D 3 -21.10 3.41 38.47
N LEU D 4 -21.37 3.20 37.19
CA LEU D 4 -21.96 4.26 36.39
C LEU D 4 -22.89 3.68 35.32
N GLN D 5 -23.83 4.52 34.88
CA GLN D 5 -24.80 4.09 33.87
C GLN D 5 -25.17 5.28 32.99
N GLU D 6 -25.14 5.03 31.68
CA GLU D 6 -25.41 6.05 30.68
C GLU D 6 -26.90 6.02 30.32
N SER D 7 -27.37 7.15 29.81
CA SER D 7 -28.73 7.30 29.33
C SER D 7 -28.81 8.52 28.43
N GLY D 8 -29.91 8.61 27.69
CA GLY D 8 -30.15 9.70 26.77
C GLY D 8 -31.41 9.49 25.96
N PRO D 9 -31.61 10.33 24.94
CA PRO D 9 -32.80 10.18 24.09
C PRO D 9 -32.83 8.82 23.42
N GLY D 10 -34.03 8.25 23.29
CA GLY D 10 -34.09 7.04 22.50
C GLY D 10 -34.03 7.30 21.01
N LEU D 11 -34.16 8.58 20.63
CA LEU D 11 -34.24 8.97 19.24
C LEU D 11 -33.81 10.44 19.16
N VAL D 12 -33.13 10.78 18.06
CA VAL D 12 -32.76 12.15 17.72
C VAL D 12 -32.96 12.30 16.21
N LYS D 13 -33.36 13.56 15.74
CA LYS D 13 -33.63 13.79 14.32
C LYS D 13 -32.40 14.32 13.56
N PRO D 14 -32.31 14.00 12.27
CA PRO D 14 -31.17 14.46 11.46
C PRO D 14 -30.90 15.96 11.59
N SER D 15 -29.61 16.33 11.49
CA SER D 15 -29.07 17.69 11.53
C SER D 15 -29.30 18.39 12.87
N GLU D 16 -29.80 17.67 13.87
CA GLU D 16 -30.02 18.16 15.23
C GLU D 16 -28.78 17.97 16.11
N THR D 17 -28.99 18.12 17.41
CA THR D 17 -27.96 17.92 18.44
C THR D 17 -28.31 16.70 19.28
N LEU D 18 -27.40 15.73 19.32
CA LEU D 18 -27.53 14.54 20.15
C LEU D 18 -26.78 14.75 21.46
N SER D 19 -27.39 14.37 22.57
CA SER D 19 -26.71 14.41 23.85
C SER D 19 -26.94 13.11 24.59
N VAL D 20 -25.93 12.72 25.36
CA VAL D 20 -26.02 11.59 26.29
C VAL D 20 -25.23 11.94 27.54
N THR D 21 -25.80 11.63 28.69
CA THR D 21 -25.24 12.01 29.98
C THR D 21 -24.94 10.76 30.79
N CYS D 22 -23.77 10.74 31.41
CA CYS D 22 -23.33 9.64 32.24
C CYS D 22 -23.26 10.07 33.70
N ARG D 23 -23.61 9.16 34.61
CA ARG D 23 -23.69 9.50 36.02
C ARG D 23 -23.01 8.44 36.85
N VAL D 24 -22.09 8.88 37.72
CA VAL D 24 -21.20 8.02 38.47
C VAL D 24 -21.81 7.78 39.85
N SER D 25 -22.01 6.50 40.18
CA SER D 25 -22.72 6.04 41.37
C SER D 25 -21.84 5.16 42.26
N GLY D 26 -20.54 5.41 42.29
CA GLY D 26 -19.69 4.65 43.20
C GLY D 26 -18.54 5.45 43.77
N GLY D 27 -18.42 6.70 43.36
CA GLY D 27 -17.32 7.54 43.79
C GLY D 27 -17.50 8.93 43.22
N SER D 28 -16.53 9.79 43.49
CA SER D 28 -16.53 11.11 42.90
C SER D 28 -15.78 11.10 41.57
N LEU D 29 -16.03 12.12 40.75
CA LEU D 29 -15.30 12.32 39.51
C LEU D 29 -13.83 12.61 39.77
N ASP D 30 -13.48 12.72 41.04
CA ASP D 30 -12.24 13.37 41.47
C ASP D 30 -11.03 12.59 40.97
N LEU D 31 -10.10 13.30 40.32
CA LEU D 31 -8.77 12.81 39.91
C LEU D 31 -8.81 11.72 38.84
N TYR D 32 -9.81 11.70 37.97
CA TYR D 32 -9.89 10.73 36.89
C TYR D 32 -10.27 11.45 35.61
N TYR D 33 -9.99 10.79 34.47
CA TYR D 33 -10.54 11.18 33.18
C TYR D 33 -11.77 10.34 32.87
N TRP D 34 -12.73 10.95 32.17
CA TRP D 34 -14.02 10.32 31.90
C TRP D 34 -14.30 10.41 30.40
N SER D 35 -14.54 9.26 29.75
CA SER D 35 -14.54 9.18 28.30
C SER D 35 -15.81 8.57 27.75
N TRP D 36 -16.01 8.79 26.45
CA TRP D 36 -17.17 8.35 25.69
C TRP D 36 -16.70 7.49 24.52
N ILE D 37 -17.36 6.36 24.33
CA ILE D 37 -17.00 5.41 23.28
C ILE D 37 -18.25 4.91 22.58
N ARG D 38 -18.22 4.91 21.26
CA ARG D 38 -19.36 4.57 20.41
C ARG D 38 -19.12 3.28 19.65
N GLN D 39 -20.21 2.56 19.36
CA GLN D 39 -20.19 1.35 18.53
C GLN D 39 -21.27 1.47 17.45
N PRO D 40 -20.90 1.82 16.22
CA PRO D 40 -21.86 1.84 15.10
C PRO D 40 -22.44 0.46 14.85
N PRO D 41 -23.55 0.38 14.10
CA PRO D 41 -24.27 -0.90 13.96
C PRO D 41 -23.45 -2.09 13.47
N GLY D 42 -22.55 -1.94 12.51
CA GLY D 42 -21.92 -3.17 12.03
C GLY D 42 -20.45 -3.28 12.40
N LYS D 43 -19.93 -2.23 13.00
CA LYS D 43 -18.48 -2.04 13.16
C LYS D 43 -18.07 -2.28 14.61
N GLY D 44 -16.81 -1.99 14.92
CA GLY D 44 -16.29 -2.17 16.26
C GLY D 44 -16.43 -0.92 17.12
N LEU D 45 -15.76 -0.96 18.26
CA LEU D 45 -15.84 0.12 19.25
C LEU D 45 -14.93 1.25 18.81
N GLN D 46 -15.50 2.44 18.65
CA GLN D 46 -14.77 3.61 18.20
C GLN D 46 -14.69 4.64 19.32
N TRP D 47 -13.51 5.21 19.50
CA TRP D 47 -13.28 6.14 20.58
C TRP D 47 -13.74 7.54 20.19
N ILE D 48 -14.34 8.23 21.14
CA ILE D 48 -14.88 9.57 20.92
C ILE D 48 -13.99 10.64 21.56
N GLY D 49 -13.87 10.61 22.88
CA GLY D 49 -12.97 11.53 23.54
C GLY D 49 -13.03 11.27 25.03
N PHE D 50 -12.08 11.89 25.74
CA PHE D 50 -12.10 11.89 27.20
C PHE D 50 -11.83 13.30 27.70
N VAL D 51 -12.30 13.60 28.90
CA VAL D 51 -12.03 14.89 29.52
C VAL D 51 -11.70 14.69 30.99
N TYR D 52 -10.72 15.45 31.46
CA TYR D 52 -10.35 15.51 32.86
C TYR D 52 -11.51 15.99 33.70
N PHE D 53 -11.59 15.53 34.95
CA PHE D 53 -12.74 15.83 35.80
C PHE D 53 -12.97 17.34 35.98
N ASP D 54 -11.89 18.13 36.01
CA ASP D 54 -12.01 19.58 36.23
C ASP D 54 -12.23 20.37 34.95
N GLY D 55 -12.18 19.72 33.79
CA GLY D 55 -12.49 20.38 32.53
C GLY D 55 -11.36 21.18 31.92
N SER D 56 -10.15 21.13 32.49
CA SER D 56 -9.03 21.89 31.94
C SER D 56 -8.42 21.20 30.71
N TYR D 57 -8.33 19.87 30.72
CA TYR D 57 -7.70 19.10 29.66
C TYR D 57 -8.69 18.11 29.05
N GLY D 58 -8.63 17.98 27.73
CA GLY D 58 -9.42 16.98 27.03
C GLY D 58 -8.72 16.56 25.76
N ASP D 59 -9.08 15.36 25.29
CA ASP D 59 -8.62 14.87 23.99
C ASP D 59 -9.80 14.18 23.32
N TYR D 60 -9.89 14.31 22.00
CA TYR D 60 -11.01 13.76 21.26
C TYR D 60 -10.50 13.11 19.97
N ASP D 61 -11.38 12.35 19.33
CA ASP D 61 -11.10 11.76 18.02
C ASP D 61 -11.03 12.86 16.96
N PRO D 62 -9.94 12.98 16.21
CA PRO D 62 -9.83 14.06 15.20
C PRO D 62 -10.88 14.02 14.09
N SER D 63 -11.54 12.88 13.86
CA SER D 63 -12.66 12.87 12.90
C SER D 63 -13.87 13.66 13.43
N LEU D 64 -14.07 13.69 14.75
CA LEU D 64 -15.26 14.29 15.34
C LEU D 64 -14.98 15.55 16.15
N ARG D 65 -13.72 15.96 16.30
CA ARG D 65 -13.38 17.02 17.25
C ARG D 65 -14.21 18.28 17.03
N SER D 66 -14.44 18.62 15.76
CA SER D 66 -15.18 19.84 15.42
C SER D 66 -16.60 19.83 15.98
N ARG D 67 -17.29 18.70 15.88
CA ARG D 67 -18.71 18.62 16.19
C ARG D 67 -18.93 17.91 17.53
N VAL D 68 -18.03 18.15 18.47
CA VAL D 68 -18.11 17.50 19.77
C VAL D 68 -17.50 18.41 20.83
N THR D 69 -18.16 18.43 21.98
CA THR D 69 -17.65 19.08 23.19
C THR D 69 -18.13 18.25 24.37
N ILE D 70 -17.23 17.95 25.29
CA ILE D 70 -17.51 17.10 26.44
C ILE D 70 -17.30 17.92 27.69
N SER D 71 -18.31 17.92 28.58
CA SER D 71 -18.31 18.70 29.80
C SER D 71 -18.58 17.79 31.00
N ALA D 72 -18.01 18.14 32.15
CA ALA D 72 -18.20 17.38 33.37
C ALA D 72 -18.48 18.33 34.53
N ASP D 73 -19.55 18.06 35.26
CA ASP D 73 -19.90 18.79 36.48
C ASP D 73 -19.48 17.92 37.65
N MET D 74 -18.39 18.32 38.32
CA MET D 74 -17.90 17.53 39.45
C MET D 74 -18.94 17.44 40.57
N SER D 75 -19.79 18.46 40.76
CA SER D 75 -20.77 18.42 41.84
C SER D 75 -21.85 17.36 41.57
N LYS D 76 -22.42 17.38 40.37
CA LYS D 76 -23.52 16.49 40.00
C LYS D 76 -23.09 15.04 39.84
N ASN D 77 -21.78 14.76 39.81
CA ASN D 77 -21.21 13.44 39.49
C ASN D 77 -21.75 12.93 38.16
N GLN D 78 -21.66 13.79 37.14
CA GLN D 78 -22.14 13.47 35.81
C GLN D 78 -21.23 14.05 34.74
N ILE D 79 -21.23 13.40 33.58
CA ILE D 79 -20.48 13.81 32.40
C ILE D 79 -21.45 13.90 31.22
N SER D 80 -21.32 14.97 30.42
CA SER D 80 -22.20 15.20 29.28
C SER D 80 -21.42 15.06 27.99
N LEU D 81 -21.96 14.28 27.06
CA LEU D 81 -21.41 14.19 25.71
C LEU D 81 -22.31 14.99 24.77
N ARG D 82 -21.69 15.72 23.85
CA ARG D 82 -22.42 16.65 22.99
C ARG D 82 -21.92 16.50 21.57
N LEU D 83 -22.74 15.90 20.71
CA LEU D 83 -22.44 15.71 19.30
C LEU D 83 -23.29 16.62 18.43
N LYS D 84 -22.64 17.55 17.75
CA LYS D 84 -23.33 18.49 16.88
C LYS D 84 -23.75 17.77 15.60
N SER D 85 -24.64 18.42 14.85
CA SER D 85 -24.98 18.06 13.47
C SER D 85 -25.13 16.55 13.26
N VAL D 86 -25.91 15.92 14.15
CA VAL D 86 -26.05 14.47 14.12
C VAL D 86 -26.61 14.01 12.77
N THR D 87 -26.07 12.89 12.25
CA THR D 87 -26.53 12.33 10.97
C THR D 87 -26.95 10.88 11.19
N PRO D 88 -27.53 10.19 10.19
CA PRO D 88 -27.78 8.74 10.36
C PRO D 88 -26.51 7.91 10.60
N ALA D 89 -25.32 8.43 10.26
CA ALA D 89 -24.08 7.77 10.63
C ALA D 89 -23.97 7.60 12.13
N ASP D 90 -24.22 8.66 12.89
CA ASP D 90 -23.93 8.67 14.31
C ASP D 90 -24.86 7.76 15.11
N THR D 91 -25.80 7.07 14.46
CA THR D 91 -26.62 6.05 15.09
C THR D 91 -25.75 4.93 15.68
N ALA D 92 -25.75 4.80 17.01
CA ALA D 92 -24.86 3.83 17.65
C ALA D 92 -25.18 3.72 19.14
N VAL D 93 -24.53 2.74 19.78
CA VAL D 93 -24.56 2.57 21.23
C VAL D 93 -23.46 3.44 21.83
N TYR D 94 -23.81 4.26 22.81
CA TYR D 94 -22.87 5.22 23.39
C TYR D 94 -22.48 4.76 24.80
N TYR D 95 -21.21 4.42 24.96
CA TYR D 95 -20.68 3.94 26.22
C TYR D 95 -19.94 5.05 26.94
N CYS D 96 -19.93 4.95 28.26
CA CYS D 96 -19.30 5.93 29.14
C CYS D 96 -18.28 5.16 29.96
N ALA D 97 -17.09 5.70 30.14
CA ALA D 97 -16.09 4.93 30.88
C ALA D 97 -15.15 5.82 31.67
N ARG D 98 -14.37 5.18 32.54
CA ARG D 98 -13.56 5.80 33.58
C ARG D 98 -12.08 5.58 33.26
N LEU D 99 -11.38 6.67 32.96
CA LEU D 99 -10.06 6.59 32.34
C LEU D 99 -8.95 6.53 33.38
N GLY D 100 -8.29 5.39 33.45
CA GLY D 100 -6.85 5.38 33.46
C GLY D 100 -6.11 5.07 34.73
N PRO D 101 -4.97 5.71 34.89
CA PRO D 101 -3.91 5.17 35.75
C PRO D 101 -4.17 5.40 37.22
N GLY D 102 -5.43 5.62 37.55
CA GLY D 102 -5.79 6.40 38.70
C GLY D 102 -5.90 7.87 38.39
N GLY D 103 -5.72 8.27 37.13
CA GLY D 103 -5.95 9.66 36.82
C GLY D 103 -4.79 10.60 37.10
N ILE D 104 -3.95 10.28 38.08
CA ILE D 104 -3.43 11.19 39.11
C ILE D 104 -3.43 12.67 38.74
N PHE D 105 -3.76 13.54 39.71
CA PHE D 105 -3.95 14.97 39.50
C PHE D 105 -2.82 15.60 38.70
N ASP D 106 -3.14 16.63 37.90
CA ASP D 106 -2.15 17.19 36.98
C ASP D 106 -2.22 18.72 36.84
N ARG D 107 -1.04 19.33 36.67
CA ARG D 107 -0.87 20.75 36.41
C ARG D 107 -1.09 20.97 34.91
N TRP D 108 -1.00 22.23 34.45
CA TRP D 108 -0.60 22.35 33.05
C TRP D 108 0.94 22.03 32.84
N THR D 109 1.69 21.37 33.75
CA THR D 109 2.89 20.62 33.32
C THR D 109 2.59 19.24 32.78
N GLY D 110 2.22 18.33 33.67
CA GLY D 110 2.15 16.98 33.19
C GLY D 110 0.75 16.44 33.18
N HIS D 111 0.10 16.30 32.03
CA HIS D 111 -1.17 15.57 31.97
C HIS D 111 -0.93 14.13 31.57
N TYR D 112 -0.07 13.48 32.36
CA TYR D 112 0.57 12.23 32.01
C TYR D 112 0.10 11.05 32.88
N GLY D 113 -1.13 11.08 33.38
CA GLY D 113 -1.85 9.85 33.66
C GLY D 113 -2.90 9.61 32.60
N ASP D 114 -2.86 8.43 31.99
CA ASP D 114 -4.04 7.82 31.35
C ASP D 114 -3.67 6.43 30.91
N LYS D 115 -4.30 5.39 31.44
CA LYS D 115 -3.72 4.10 31.11
C LYS D 115 -4.72 3.01 30.74
N TRP D 116 -5.85 2.93 31.47
CA TRP D 116 -6.83 1.89 31.21
C TRP D 116 -8.24 2.44 31.31
N LEU D 117 -9.18 1.66 30.78
CA LEU D 117 -10.60 1.97 30.89
C LEU D 117 -11.21 0.93 31.82
N ASP D 118 -11.65 1.38 32.99
CA ASP D 118 -12.34 0.62 34.02
C ASP D 118 -13.69 1.30 34.20
N PRO D 119 -14.56 0.85 35.11
CA PRO D 119 -15.93 0.46 34.72
C PRO D 119 -16.51 1.14 33.49
N TRP D 120 -17.15 0.37 32.62
CA TRP D 120 -17.77 0.86 31.39
C TRP D 120 -19.28 1.06 31.53
N GLY D 121 -20.04 0.03 31.92
CA GLY D 121 -21.47 0.24 32.07
C GLY D 121 -22.18 0.29 30.73
N GLN D 122 -23.32 -0.41 30.64
CA GLN D 122 -23.90 -0.76 29.34
C GLN D 122 -24.06 0.41 28.38
N GLY D 123 -24.11 1.63 28.87
CA GLY D 123 -24.42 2.74 28.00
C GLY D 123 -25.82 2.54 27.44
N THR D 124 -26.22 3.49 26.61
CA THR D 124 -27.58 3.53 26.08
C THR D 124 -27.54 3.70 24.57
N LEU D 125 -28.58 3.19 23.90
CA LEU D 125 -28.69 3.28 22.45
C LEU D 125 -29.37 4.58 22.01
N VAL D 126 -28.84 5.20 20.95
CA VAL D 126 -29.47 6.34 20.32
C VAL D 126 -29.53 6.08 18.82
N THR D 127 -30.69 5.68 18.31
CA THR D 127 -30.92 5.72 16.87
C THR D 127 -31.07 7.18 16.45
N VAL D 128 -30.75 7.47 15.18
CA VAL D 128 -30.87 8.82 14.64
C VAL D 128 -31.69 8.74 13.36
N SER D 129 -32.89 9.33 13.40
CA SER D 129 -33.89 9.17 12.35
C SER D 129 -34.84 10.35 12.38
N SER D 130 -35.35 10.71 11.19
CA SER D 130 -36.45 11.66 11.10
C SER D 130 -37.81 10.98 11.27
N ALA D 131 -37.84 9.65 11.40
CA ALA D 131 -39.05 8.88 11.66
C ALA D 131 -39.54 9.07 13.09
N SER D 132 -40.77 8.61 13.33
CA SER D 132 -41.46 8.71 14.60
C SER D 132 -41.70 7.32 15.19
N THR D 133 -41.79 7.28 16.52
CA THR D 133 -41.93 6.02 17.22
C THR D 133 -43.27 5.34 16.86
N LYS D 134 -43.31 4.02 17.04
CA LYS D 134 -44.51 3.21 16.91
C LYS D 134 -44.54 2.20 18.05
N GLY D 135 -45.75 1.81 18.46
CA GLY D 135 -45.90 0.87 19.56
C GLY D 135 -45.91 -0.56 19.06
N PRO D 136 -45.32 -1.47 19.83
CA PRO D 136 -45.24 -2.87 19.38
C PRO D 136 -46.61 -3.53 19.33
N SER D 137 -46.70 -4.56 18.48
CA SER D 137 -47.88 -5.41 18.39
C SER D 137 -47.43 -6.81 18.79
N VAL D 138 -47.80 -7.24 20.00
CA VAL D 138 -47.31 -8.50 20.57
C VAL D 138 -48.37 -9.59 20.35
N PHE D 139 -47.98 -10.68 19.68
CA PHE D 139 -48.87 -11.80 19.45
C PHE D 139 -48.26 -13.06 20.05
N PRO D 140 -49.08 -14.05 20.40
CA PRO D 140 -48.54 -15.33 20.88
C PRO D 140 -48.20 -16.28 19.74
N LEU D 141 -47.11 -17.00 19.92
CA LEU D 141 -46.79 -18.16 19.09
C LEU D 141 -47.21 -19.39 19.90
N ALA D 142 -48.41 -19.88 19.62
CA ALA D 142 -49.06 -20.86 20.48
C ALA D 142 -48.41 -22.23 20.38
N PRO D 143 -48.30 -23.00 21.51
CA PRO D 143 -47.71 -24.35 21.44
C PRO D 143 -48.64 -25.36 20.77
N SER D 144 -48.84 -25.23 19.45
CA SER D 144 -49.72 -26.11 18.70
C SER D 144 -49.17 -27.54 18.66
N SER D 145 -49.88 -28.43 17.94
CA SER D 145 -49.49 -29.83 17.78
C SER D 145 -48.27 -30.05 16.88
N LYS D 146 -47.86 -29.04 16.11
CA LYS D 146 -46.62 -29.08 15.33
C LYS D 146 -45.39 -28.57 16.09
N SER D 147 -45.55 -28.10 17.33
CA SER D 147 -44.45 -27.61 18.17
C SER D 147 -44.20 -28.49 19.40
N THR D 148 -44.73 -29.71 19.42
CA THR D 148 -44.39 -30.73 20.42
C THR D 148 -43.55 -31.79 19.71
N SER D 149 -42.30 -31.95 20.14
CA SER D 149 -41.36 -32.91 19.56
C SER D 149 -40.92 -33.82 20.71
N GLY D 150 -41.70 -34.88 20.95
CA GLY D 150 -41.53 -35.71 22.13
C GLY D 150 -42.03 -35.05 23.39
N GLY D 151 -41.15 -34.90 24.39
CA GLY D 151 -41.47 -34.29 25.65
C GLY D 151 -41.16 -32.80 25.78
N THR D 152 -40.67 -32.17 24.71
CA THR D 152 -40.36 -30.74 24.70
C THR D 152 -41.36 -29.99 23.83
N ALA D 153 -41.90 -28.89 24.35
CA ALA D 153 -42.79 -28.02 23.60
C ALA D 153 -42.16 -26.64 23.51
N ALA D 154 -42.41 -25.95 22.41
CA ALA D 154 -41.87 -24.62 22.18
C ALA D 154 -43.03 -23.63 22.10
N LEU D 155 -42.83 -22.44 22.67
CA LEU D 155 -43.84 -21.40 22.66
C LEU D 155 -43.13 -20.06 22.82
N GLY D 156 -43.83 -18.99 22.46
CA GLY D 156 -43.17 -17.69 22.48
C GLY D 156 -44.09 -16.56 22.10
N CYS D 157 -43.46 -15.41 21.88
CA CYS D 157 -44.10 -14.17 21.51
C CYS D 157 -43.46 -13.58 20.27
N LEU D 158 -44.28 -12.92 19.46
CA LEU D 158 -43.82 -12.16 18.31
C LEU D 158 -44.05 -10.69 18.64
N VAL D 159 -42.99 -9.88 18.57
CA VAL D 159 -43.03 -8.45 18.90
C VAL D 159 -42.80 -7.63 17.63
N LYS D 160 -43.88 -7.24 16.96
CA LYS D 160 -43.81 -6.75 15.58
C LYS D 160 -44.10 -5.25 15.49
N ASP D 161 -43.46 -4.60 14.50
CA ASP D 161 -43.82 -3.27 14.00
C ASP D 161 -43.69 -2.19 15.09
N TYR D 162 -42.44 -1.94 15.47
CA TYR D 162 -42.11 -0.81 16.35
C TYR D 162 -40.92 -0.04 15.78
N PHE D 163 -40.60 1.08 16.44
CA PHE D 163 -39.50 1.98 16.12
C PHE D 163 -39.40 3.00 17.26
N PRO D 164 -38.18 3.44 17.64
CA PRO D 164 -36.92 2.80 17.24
C PRO D 164 -36.56 1.68 18.23
N GLU D 165 -35.38 1.08 18.07
CA GLU D 165 -34.91 0.15 19.08
C GLU D 165 -34.66 0.88 20.40
N PRO D 166 -34.63 0.16 21.53
CA PRO D 166 -34.78 -1.27 21.80
C PRO D 166 -36.15 -1.69 22.33
N VAL D 167 -36.34 -3.00 22.51
CA VAL D 167 -37.40 -3.54 23.35
C VAL D 167 -36.79 -4.49 24.37
N THR D 168 -37.49 -4.64 25.51
CA THR D 168 -37.10 -5.53 26.59
C THR D 168 -38.04 -6.72 26.54
N VAL D 169 -37.46 -7.92 26.46
CA VAL D 169 -38.23 -9.17 26.51
C VAL D 169 -37.81 -9.95 27.74
N SER D 170 -38.81 -10.37 28.53
CA SER D 170 -38.61 -11.22 29.68
C SER D 170 -39.73 -12.24 29.72
N TRP D 171 -39.48 -13.35 30.41
CA TRP D 171 -40.45 -14.45 30.50
C TRP D 171 -40.87 -14.63 31.94
N ASN D 172 -42.20 -14.63 32.16
CA ASN D 172 -42.82 -14.68 33.50
C ASN D 172 -42.27 -13.57 34.42
N SER D 173 -42.16 -12.36 33.87
CA SER D 173 -41.74 -11.16 34.63
C SER D 173 -40.39 -11.34 35.33
N GLY D 174 -39.47 -12.04 34.67
CA GLY D 174 -38.15 -12.30 35.20
C GLY D 174 -37.97 -13.70 35.78
N ALA D 175 -39.06 -14.46 35.92
CA ALA D 175 -38.99 -15.79 36.55
C ALA D 175 -38.37 -16.84 35.64
N LEU D 176 -38.71 -16.81 34.34
CA LEU D 176 -38.30 -17.85 33.39
C LEU D 176 -37.09 -17.35 32.59
N THR D 177 -35.95 -18.01 32.79
CA THR D 177 -34.70 -17.61 32.16
C THR D 177 -33.96 -18.75 31.48
N SER D 178 -34.13 -19.98 31.98
CA SER D 178 -33.48 -21.14 31.36
C SER D 178 -34.21 -21.52 30.08
N GLY D 179 -33.45 -21.70 29.00
CA GLY D 179 -34.05 -22.05 27.73
C GLY D 179 -34.63 -20.87 26.98
N VAL D 180 -34.17 -19.65 27.26
CA VAL D 180 -34.69 -18.45 26.62
C VAL D 180 -33.68 -17.94 25.61
N HIS D 181 -34.16 -17.71 24.38
CA HIS D 181 -33.42 -17.05 23.32
C HIS D 181 -34.31 -15.91 22.82
N THR D 182 -34.04 -14.69 23.29
CA THR D 182 -34.70 -13.51 22.75
C THR D 182 -33.89 -13.09 21.52
N PHE D 183 -34.49 -13.24 20.33
CA PHE D 183 -33.76 -13.07 19.08
C PHE D 183 -33.43 -11.61 18.78
N PRO D 184 -32.47 -11.39 17.88
CA PRO D 184 -32.15 -10.02 17.46
C PRO D 184 -33.28 -9.38 16.67
N ALA D 185 -33.44 -8.07 16.88
CA ALA D 185 -34.43 -7.30 16.14
C ALA D 185 -34.15 -7.36 14.65
N VAL D 186 -35.22 -7.35 13.86
CA VAL D 186 -35.15 -7.39 12.40
C VAL D 186 -35.87 -6.17 11.84
N LEU D 187 -35.12 -5.28 11.21
CA LEU D 187 -35.66 -4.04 10.63
C LEU D 187 -36.24 -4.35 9.26
N GLN D 188 -37.57 -4.32 9.14
CA GLN D 188 -38.27 -4.72 7.92
C GLN D 188 -38.24 -3.61 6.88
N SER D 189 -38.54 -3.98 5.62
CA SER D 189 -38.55 -3.00 4.52
C SER D 189 -39.64 -1.96 4.72
N SER D 190 -40.51 -2.16 5.70
CA SER D 190 -41.48 -1.14 6.10
C SER D 190 -40.85 -0.02 6.92
N GLY D 191 -39.69 -0.26 7.53
CA GLY D 191 -39.05 0.69 8.42
C GLY D 191 -39.24 0.41 9.90
N LEU D 192 -39.92 -0.68 10.25
CA LEU D 192 -40.20 -1.02 11.64
C LEU D 192 -39.42 -2.25 12.06
N TYR D 193 -38.90 -2.22 13.29
CA TYR D 193 -38.15 -3.34 13.83
C TYR D 193 -39.14 -4.40 14.33
N SER D 194 -38.74 -5.67 14.19
CA SER D 194 -39.57 -6.82 14.52
C SER D 194 -38.69 -7.91 15.12
N LEU D 195 -39.26 -8.67 16.05
CA LEU D 195 -38.43 -9.50 16.93
C LEU D 195 -39.29 -10.63 17.47
N SER D 196 -38.75 -11.85 17.43
CA SER D 196 -39.37 -12.98 18.08
C SER D 196 -38.66 -13.27 19.41
N SER D 197 -39.26 -14.15 20.21
CA SER D 197 -38.68 -14.58 21.48
C SER D 197 -39.27 -15.93 21.86
N VAL D 198 -38.41 -16.92 22.09
CA VAL D 198 -38.89 -18.30 22.24
C VAL D 198 -38.44 -18.86 23.59
N VAL D 199 -39.18 -19.89 24.03
CA VAL D 199 -38.86 -20.69 25.21
C VAL D 199 -39.21 -22.15 24.92
N THR D 200 -38.27 -23.06 25.21
CA THR D 200 -38.53 -24.49 25.19
C THR D 200 -38.74 -24.99 26.62
N VAL D 201 -39.80 -25.76 26.81
CA VAL D 201 -40.23 -26.22 28.15
C VAL D 201 -40.66 -27.67 28.05
N PRO D 202 -40.75 -28.36 29.20
CA PRO D 202 -41.30 -29.72 29.20
C PRO D 202 -42.78 -29.73 28.83
N SER D 203 -43.20 -30.77 28.08
CA SER D 203 -44.58 -30.86 27.58
C SER D 203 -45.63 -30.84 28.69
N SER D 204 -45.28 -31.35 29.87
CA SER D 204 -46.28 -31.49 30.93
C SER D 204 -46.80 -30.15 31.47
N SER D 205 -45.97 -29.11 31.48
CA SER D 205 -46.38 -27.83 32.05
C SER D 205 -47.28 -27.02 31.11
N LEU D 206 -47.62 -27.55 29.93
CA LEU D 206 -48.43 -26.80 28.98
C LEU D 206 -49.82 -26.53 29.56
N GLY D 207 -50.34 -27.46 30.34
CA GLY D 207 -51.61 -27.33 31.04
C GLY D 207 -51.54 -26.95 32.50
N THR D 208 -50.34 -26.86 33.09
CA THR D 208 -50.16 -26.55 34.50
C THR D 208 -49.60 -25.15 34.72
N GLN D 209 -48.43 -24.86 34.15
CA GLN D 209 -47.80 -23.55 34.23
C GLN D 209 -48.31 -22.69 33.08
N THR D 210 -48.85 -21.51 33.41
CA THR D 210 -49.21 -20.54 32.38
C THR D 210 -47.99 -19.70 32.01
N TYR D 211 -47.96 -19.22 30.77
CA TYR D 211 -46.80 -18.53 30.22
C TYR D 211 -47.20 -17.19 29.60
N ILE D 212 -46.60 -16.12 30.10
CA ILE D 212 -46.83 -14.76 29.61
C ILE D 212 -45.47 -14.09 29.44
N CYS D 213 -45.21 -13.53 28.27
CA CYS D 213 -44.00 -12.76 28.00
C CYS D 213 -44.28 -11.28 28.27
N ASN D 214 -43.27 -10.57 28.78
CA ASN D 214 -43.43 -9.17 29.18
C ASN D 214 -42.53 -8.29 28.30
N VAL D 215 -43.14 -7.70 27.28
CA VAL D 215 -42.44 -6.83 26.33
C VAL D 215 -42.53 -5.39 26.82
N ASN D 216 -41.45 -4.61 26.61
CA ASN D 216 -41.43 -3.21 27.03
C ASN D 216 -40.64 -2.38 26.00
N HIS D 217 -41.21 -1.25 25.59
CA HIS D 217 -40.60 -0.35 24.61
C HIS D 217 -40.74 1.07 25.15
N LYS D 218 -39.61 1.67 25.57
CA LYS D 218 -39.62 2.96 26.25
C LYS D 218 -39.78 4.18 25.33
N PRO D 219 -39.19 4.22 24.13
CA PRO D 219 -39.40 5.40 23.26
C PRO D 219 -40.87 5.72 22.91
N SER D 220 -41.79 4.78 23.12
CA SER D 220 -43.22 5.05 22.91
C SER D 220 -44.06 4.74 24.15
N ASN D 221 -43.43 4.33 25.25
CA ASN D 221 -44.08 4.01 26.54
C ASN D 221 -45.19 2.96 26.41
N THR D 222 -44.91 1.88 25.69
CA THR D 222 -45.81 0.74 25.53
C THR D 222 -45.31 -0.43 26.39
N LYS D 223 -46.20 -1.02 27.18
CA LYS D 223 -45.90 -2.29 27.86
C LYS D 223 -47.12 -3.20 27.80
N VAL D 224 -46.98 -4.34 27.10
CA VAL D 224 -48.04 -5.32 26.92
C VAL D 224 -47.58 -6.68 27.41
N ASP D 225 -48.53 -7.49 27.87
CA ASP D 225 -48.35 -8.91 28.19
C ASP D 225 -49.32 -9.76 27.37
N LYS D 226 -48.89 -10.96 27.00
CA LYS D 226 -49.71 -11.84 26.17
C LYS D 226 -49.65 -13.28 26.69
N LYS D 227 -50.81 -13.88 26.95
CA LYS D 227 -50.87 -15.28 27.33
C LYS D 227 -50.67 -16.20 26.13
N VAL D 228 -50.01 -17.34 26.39
CA VAL D 228 -49.72 -18.35 25.36
C VAL D 228 -50.41 -19.66 25.73
N GLU D 229 -51.35 -20.10 24.88
CA GLU D 229 -52.21 -21.26 25.08
C GLU D 229 -52.48 -21.91 23.72
N PRO D 230 -52.73 -23.24 23.68
CA PRO D 230 -53.00 -24.03 22.46
C PRO D 230 -53.92 -23.36 21.41
N ILE E 1 -3.66 -3.69 7.95
CA ILE E 1 -3.10 -5.02 7.64
C ILE E 1 -2.89 -5.26 6.15
N ASP E 2 -1.75 -5.86 5.81
CA ASP E 2 -1.16 -5.71 4.48
C ASP E 2 -0.82 -7.05 3.86
N LEU E 3 -0.12 -7.07 2.73
CA LEU E 3 0.12 -8.33 2.03
C LEU E 3 1.21 -8.12 0.97
N THR E 4 2.29 -8.91 0.99
CA THR E 4 3.44 -8.66 0.12
C THR E 4 3.78 -9.91 -0.69
N GLN E 5 3.62 -9.86 -2.02
CA GLN E 5 3.89 -11.04 -2.84
C GLN E 5 5.28 -11.03 -3.46
N SER E 6 5.74 -12.23 -3.82
CA SER E 6 7.08 -12.29 -4.40
C SER E 6 7.33 -13.64 -5.06
N PRO E 7 8.12 -13.71 -6.15
CA PRO E 7 8.87 -12.64 -6.83
C PRO E 7 7.94 -11.72 -7.62
N ARG E 8 8.37 -10.53 -8.03
CA ARG E 8 7.49 -9.71 -8.86
C ARG E 8 7.13 -10.46 -10.12
N THR E 9 8.10 -11.20 -10.63
CA THR E 9 8.13 -11.62 -12.00
C THR E 9 8.87 -12.93 -12.03
N LEU E 10 8.41 -13.85 -12.85
CA LEU E 10 8.83 -15.23 -12.69
C LEU E 10 8.66 -15.96 -14.01
N SER E 11 9.76 -16.41 -14.59
CA SER E 11 9.75 -17.00 -15.92
C SER E 11 10.32 -18.40 -15.84
N LEU E 12 9.46 -19.39 -16.04
CA LEU E 12 9.81 -20.78 -15.86
C LEU E 12 9.37 -21.61 -17.04
N SER E 13 10.21 -22.56 -17.45
CA SER E 13 9.91 -23.45 -18.56
C SER E 13 8.53 -24.08 -18.37
N ALA E 14 7.92 -24.49 -19.47
CA ALA E 14 6.63 -25.16 -19.37
C ALA E 14 6.77 -26.51 -18.69
N GLY E 15 5.88 -26.79 -17.73
CA GLY E 15 5.91 -28.06 -17.04
C GLY E 15 6.76 -28.11 -15.78
N GLU E 16 7.50 -27.07 -15.45
CA GLU E 16 8.29 -27.11 -14.23
C GLU E 16 7.51 -26.53 -13.07
N ARG E 17 8.05 -26.74 -11.87
CA ARG E 17 7.35 -26.33 -10.66
C ARG E 17 7.53 -24.84 -10.40
N ALA E 18 6.42 -24.17 -10.10
CA ALA E 18 6.43 -22.75 -9.80
C ALA E 18 5.91 -22.50 -8.39
N THR E 19 6.65 -21.68 -7.65
CA THR E 19 6.35 -21.39 -6.26
C THR E 19 6.12 -19.90 -6.11
N LEU E 20 4.95 -19.53 -5.60
CA LEU E 20 4.58 -18.13 -5.48
C LEU E 20 4.26 -17.81 -4.04
N LEU E 21 4.95 -16.83 -3.48
CA LEU E 21 4.83 -16.52 -2.07
C LEU E 21 3.98 -15.28 -1.84
N CYS E 22 3.18 -15.33 -0.79
CA CYS E 22 2.33 -14.24 -0.33
C CYS E 22 2.53 -14.12 1.16
N ARG E 23 3.08 -13.00 1.62
CA ARG E 23 3.53 -12.86 3.00
C ARG E 23 2.74 -11.77 3.73
N ALA E 24 2.04 -12.13 4.80
CA ALA E 24 1.28 -11.11 5.50
C ALA E 24 2.18 -10.26 6.37
N SER E 25 1.71 -9.07 6.73
CA SER E 25 2.41 -8.29 7.75
C SER E 25 2.20 -8.88 9.15
N GLN E 26 1.16 -9.69 9.35
CA GLN E 26 0.84 -10.23 10.67
C GLN E 26 0.34 -11.66 10.53
N SER E 27 0.22 -12.31 11.68
CA SER E 27 -0.41 -13.62 11.72
C SER E 27 -1.88 -13.52 11.31
N VAL E 28 -2.32 -14.39 10.41
CA VAL E 28 -3.71 -14.42 9.97
C VAL E 28 -4.14 -15.86 9.73
N SER E 29 -5.45 -16.10 9.85
CA SER E 29 -5.98 -17.45 9.66
C SER E 29 -6.01 -17.87 8.21
N ASN E 30 -5.82 -19.17 7.97
CA ASN E 30 -5.88 -19.71 6.61
C ASN E 30 -7.20 -19.38 5.95
N VAL E 31 -8.25 -19.19 6.75
CA VAL E 31 -9.60 -19.06 6.22
C VAL E 31 -9.69 -17.86 5.28
N ALA E 32 -9.18 -16.70 5.74
CA ALA E 32 -9.34 -15.41 5.10
C ALA E 32 -8.44 -15.25 3.87
N LEU E 33 -7.72 -16.28 3.46
CA LEU E 33 -6.81 -16.17 2.34
C LEU E 33 -7.45 -16.81 1.12
N ALA E 34 -7.24 -16.20 -0.04
CA ALA E 34 -7.70 -16.73 -1.31
C ALA E 34 -6.65 -16.43 -2.37
N TRP E 35 -6.64 -17.25 -3.43
CA TRP E 35 -5.73 -17.07 -4.55
C TRP E 35 -6.55 -16.90 -5.82
N TYR E 36 -6.08 -16.01 -6.71
CA TYR E 36 -6.77 -15.67 -7.94
C TYR E 36 -5.82 -15.67 -9.11
N GLN E 37 -6.32 -16.19 -10.23
CA GLN E 37 -5.63 -16.16 -11.51
C GLN E 37 -6.28 -15.08 -12.36
N HIS E 38 -5.46 -14.16 -12.87
CA HIS E 38 -5.94 -13.02 -13.67
C HIS E 38 -5.17 -12.96 -14.99
N LYS E 39 -5.67 -13.70 -15.99
CA LYS E 39 -5.12 -13.59 -17.34
C LYS E 39 -5.56 -12.26 -17.94
N PRO E 40 -4.78 -11.68 -18.85
CA PRO E 40 -5.07 -10.32 -19.32
C PRO E 40 -6.35 -10.27 -20.14
N GLY E 41 -7.21 -9.30 -19.82
CA GLY E 41 -8.45 -9.13 -20.54
C GLY E 41 -9.58 -10.07 -20.14
N GLN E 42 -9.33 -11.04 -19.29
CA GLN E 42 -10.36 -11.95 -18.79
C GLN E 42 -10.90 -11.45 -17.46
N ALA E 43 -11.92 -12.15 -16.97
CA ALA E 43 -12.14 -11.72 -15.60
C ALA E 43 -11.30 -12.56 -14.66
N PRO E 44 -10.78 -11.97 -13.58
CA PRO E 44 -10.03 -12.78 -12.62
C PRO E 44 -10.95 -13.85 -12.03
N ARG E 45 -10.42 -15.06 -11.93
CA ARG E 45 -11.18 -16.21 -11.45
C ARG E 45 -10.56 -16.72 -10.17
N LEU E 46 -11.45 -17.20 -9.30
CA LEU E 46 -11.02 -17.80 -8.04
C LEU E 46 -10.31 -19.12 -8.32
N LEU E 47 -9.10 -19.24 -7.81
CA LEU E 47 -8.38 -20.51 -7.88
C LEU E 47 -8.48 -21.33 -6.61
N LEU E 48 -8.58 -20.68 -5.46
CA LEU E 48 -8.24 -21.34 -4.21
C LEU E 48 -8.66 -20.42 -3.08
N HIS E 49 -9.29 -20.98 -2.05
CA HIS E 49 -9.75 -20.22 -0.89
C HIS E 49 -9.48 -21.02 0.38
N GLU E 50 -9.46 -20.32 1.51
CA GLU E 50 -9.09 -20.92 2.78
C GLU E 50 -7.69 -21.55 2.71
N ALA E 51 -6.86 -21.02 1.84
CA ALA E 51 -5.42 -21.17 1.63
C ALA E 51 -5.03 -22.48 0.97
N SER E 52 -5.91 -23.47 0.92
CA SER E 52 -5.56 -24.74 0.27
C SER E 52 -6.66 -25.34 -0.56
N THR E 53 -7.90 -24.92 -0.36
CA THR E 53 -9.09 -25.52 -0.97
C THR E 53 -9.26 -24.99 -2.39
N ARG E 54 -8.99 -25.83 -3.40
CA ARG E 54 -9.22 -25.44 -4.79
C ARG E 54 -10.67 -25.03 -5.02
N ALA E 55 -10.87 -24.11 -5.95
CA ALA E 55 -12.21 -23.69 -6.33
C ALA E 55 -12.83 -24.71 -7.28
N THR E 56 -14.16 -24.63 -7.43
CA THR E 56 -14.91 -25.64 -8.17
C THR E 56 -14.42 -25.77 -9.60
N GLY E 57 -13.79 -26.90 -9.93
CA GLY E 57 -13.44 -27.20 -11.29
C GLY E 57 -12.04 -26.82 -11.71
N ILE E 58 -11.27 -26.17 -10.84
CA ILE E 58 -9.95 -25.70 -11.26
C ILE E 58 -8.98 -26.87 -11.14
N PRO E 59 -8.00 -26.99 -12.03
CA PRO E 59 -7.26 -28.26 -12.16
C PRO E 59 -6.48 -28.63 -10.90
N ASP E 60 -6.05 -29.90 -10.86
CA ASP E 60 -5.36 -30.40 -9.67
C ASP E 60 -4.01 -29.76 -9.44
N ARG E 61 -3.31 -29.32 -10.50
CA ARG E 61 -1.94 -28.85 -10.34
C ARG E 61 -1.82 -27.56 -9.54
N PHE E 62 -2.92 -26.95 -9.09
CA PHE E 62 -2.88 -25.75 -8.26
C PHE E 62 -3.04 -26.10 -6.78
N ILE E 63 -1.91 -26.12 -6.08
CA ILE E 63 -1.82 -26.64 -4.72
C ILE E 63 -1.44 -25.48 -3.80
N GLY E 64 -2.40 -25.06 -2.98
CA GLY E 64 -2.19 -23.96 -2.05
C GLY E 64 -1.92 -24.45 -0.64
N SER E 65 -1.00 -23.77 0.04
CA SER E 65 -0.47 -24.22 1.31
C SER E 65 -0.04 -22.99 2.08
N GLY E 66 0.24 -23.19 3.37
CA GLY E 66 0.87 -22.19 4.19
C GLY E 66 0.08 -21.92 5.46
N SER E 67 0.72 -21.19 6.36
CA SER E 67 0.04 -20.81 7.59
C SER E 67 0.86 -19.75 8.33
N GLY E 68 0.16 -19.04 9.20
CA GLY E 68 0.74 -18.03 10.05
C GLY E 68 0.88 -16.73 9.30
N ARG E 69 1.96 -16.57 8.55
CA ARG E 69 2.03 -15.42 7.66
C ARG E 69 2.73 -15.65 6.33
N ASP E 70 3.20 -16.84 6.00
CA ASP E 70 3.77 -17.12 4.70
C ASP E 70 2.84 -18.08 3.98
N PHE E 71 2.21 -17.64 2.90
CA PHE E 71 1.34 -18.51 2.12
C PHE E 71 1.91 -18.72 0.72
N THR E 72 1.68 -19.89 0.14
CA THR E 72 2.42 -20.30 -1.05
C THR E 72 1.52 -21.01 -2.04
N LEU E 73 1.35 -20.37 -3.21
CA LEU E 73 0.69 -20.99 -4.35
C LEU E 73 1.73 -21.79 -5.16
N THR E 74 1.42 -23.06 -5.35
CA THR E 74 2.34 -23.99 -5.96
C THR E 74 1.68 -24.49 -7.24
N ILE E 75 2.38 -24.36 -8.36
CA ILE E 75 1.95 -24.99 -9.58
C ILE E 75 2.90 -26.13 -9.87
N THR E 76 2.39 -27.34 -9.67
CA THR E 76 3.23 -28.53 -9.65
C THR E 76 3.90 -28.78 -11.00
N SER E 77 3.17 -28.55 -12.09
CA SER E 77 3.69 -28.69 -13.46
C SER E 77 3.02 -27.64 -14.31
N LEU E 78 3.79 -26.66 -14.80
CA LEU E 78 3.24 -25.52 -15.55
C LEU E 78 2.62 -25.94 -16.88
N GLU E 79 1.31 -25.43 -17.13
CA GLU E 79 0.84 -25.60 -18.50
C GLU E 79 0.92 -24.27 -19.28
N PRO E 80 1.23 -24.28 -20.58
CA PRO E 80 1.42 -23.00 -21.27
C PRO E 80 0.25 -22.09 -21.10
N GLU E 81 -0.94 -22.66 -21.00
CA GLU E 81 -2.18 -21.94 -20.71
C GLU E 81 -2.12 -21.17 -19.41
N ASP E 82 -1.07 -21.38 -18.59
CA ASP E 82 -0.99 -20.81 -17.24
C ASP E 82 -0.39 -19.43 -17.21
N PHE E 83 0.03 -18.89 -18.37
CA PHE E 83 0.44 -17.50 -18.46
C PHE E 83 -0.59 -16.63 -17.76
N ALA E 84 -0.18 -15.94 -16.71
CA ALA E 84 -1.07 -14.96 -16.09
C ALA E 84 -0.35 -14.21 -14.99
N VAL E 85 -1.12 -13.39 -14.27
CA VAL E 85 -0.68 -12.76 -13.03
C VAL E 85 -1.59 -13.21 -11.89
N TYR E 86 -0.99 -13.81 -10.84
CA TYR E 86 -1.71 -14.49 -9.76
C TYR E 86 -1.64 -13.64 -8.50
N TYR E 87 -2.80 -13.29 -7.94
CA TYR E 87 -2.88 -12.45 -6.75
C TYR E 87 -3.47 -13.24 -5.59
N CYS E 88 -3.23 -12.74 -4.36
CA CYS E 88 -3.70 -13.33 -3.12
C CYS E 88 -4.38 -12.22 -2.31
N GLN E 89 -5.40 -12.56 -1.53
CA GLN E 89 -6.03 -11.52 -0.71
C GLN E 89 -6.57 -12.06 0.61
N LEU E 90 -6.76 -11.11 1.52
CA LEU E 90 -7.32 -11.26 2.84
C LEU E 90 -8.84 -11.29 2.77
N SER E 91 -9.45 -11.55 3.91
CA SER E 91 -10.90 -11.68 3.97
C SER E 91 -11.57 -10.50 3.30
N GLY E 92 -11.37 -9.30 3.87
CA GLY E 92 -11.88 -8.02 3.39
C GLY E 92 -11.21 -7.52 2.12
N ARG E 93 -10.58 -8.46 1.42
CA ARG E 93 -10.35 -8.42 0.00
C ARG E 93 -9.16 -7.60 -0.50
N ARG E 94 -8.34 -6.98 0.34
CA ARG E 94 -7.83 -5.66 0.00
C ARG E 94 -6.49 -5.59 -0.73
N LEU E 95 -5.69 -6.64 -0.85
CA LEU E 95 -4.41 -6.37 -1.55
C LEU E 95 -3.98 -7.47 -2.53
N GLY E 96 -2.68 -7.72 -2.56
CA GLY E 96 -2.05 -8.56 -3.53
C GLY E 96 -1.45 -7.66 -4.58
N GLN E 97 -0.14 -7.74 -4.70
CA GLN E 97 0.53 -6.99 -5.73
C GLN E 97 0.78 -7.82 -6.96
N GLY E 98 0.61 -9.13 -6.86
CA GLY E 98 0.56 -10.04 -7.98
C GLY E 98 1.91 -10.63 -8.35
N THR E 99 1.87 -11.49 -9.36
CA THR E 99 3.09 -12.16 -9.82
C THR E 99 2.94 -12.57 -11.27
N LYS E 100 3.73 -11.96 -12.15
CA LYS E 100 3.76 -12.37 -13.54
C LYS E 100 4.50 -13.69 -13.66
N VAL E 101 3.88 -14.62 -14.37
CA VAL E 101 4.46 -15.92 -14.69
C VAL E 101 4.58 -16.00 -16.20
N GLU E 102 5.80 -15.81 -16.74
CA GLU E 102 6.06 -16.18 -18.13
C GLU E 102 6.08 -17.68 -18.27
N ILE E 103 5.95 -18.14 -19.50
CA ILE E 103 6.19 -19.53 -19.85
C ILE E 103 7.46 -19.55 -20.69
N LYS E 104 8.61 -19.86 -20.11
CA LYS E 104 9.81 -19.90 -20.93
C LYS E 104 9.68 -21.03 -21.96
N ARG E 105 10.13 -20.76 -23.18
CA ARG E 105 10.00 -21.73 -24.25
C ARG E 105 11.22 -21.64 -25.14
N THR E 106 11.24 -22.48 -26.17
CA THR E 106 12.40 -22.53 -27.04
C THR E 106 12.54 -21.18 -27.73
N VAL E 107 13.79 -20.82 -28.05
CA VAL E 107 14.01 -19.60 -28.83
C VAL E 107 13.30 -19.71 -30.16
N ALA E 108 12.56 -18.65 -30.52
CA ALA E 108 11.72 -18.63 -31.71
C ALA E 108 12.01 -17.39 -32.54
N ALA E 109 12.41 -17.61 -33.80
CA ALA E 109 12.69 -16.48 -34.66
C ALA E 109 11.37 -15.86 -35.13
N PRO E 110 11.31 -14.53 -35.28
CA PRO E 110 10.08 -13.89 -35.77
C PRO E 110 9.92 -13.99 -37.28
N SER E 111 8.65 -14.06 -37.68
CA SER E 111 8.26 -13.72 -39.05
C SER E 111 8.08 -12.22 -39.12
N VAL E 112 8.67 -11.59 -40.15
CA VAL E 112 8.75 -10.14 -40.27
C VAL E 112 7.97 -9.71 -41.50
N PHE E 113 7.22 -8.60 -41.40
CA PHE E 113 6.55 -7.96 -42.54
C PHE E 113 6.53 -6.45 -42.42
N ILE E 114 6.56 -5.76 -43.59
CA ILE E 114 6.29 -4.33 -43.69
C ILE E 114 5.03 -4.10 -44.50
N PHE E 115 4.35 -3.03 -44.14
CA PHE E 115 3.21 -2.52 -44.88
C PHE E 115 3.47 -1.07 -45.25
N PRO E 116 3.45 -0.70 -46.54
CA PRO E 116 3.52 0.71 -46.88
C PRO E 116 2.24 1.40 -46.42
N PRO E 117 2.24 2.73 -46.35
CA PRO E 117 1.05 3.45 -45.88
C PRO E 117 -0.11 3.37 -46.85
N SER E 118 -1.31 3.39 -46.30
CA SER E 118 -2.49 3.23 -47.13
C SER E 118 -2.74 4.48 -47.95
N ASP E 119 -3.17 4.29 -49.20
CA ASP E 119 -3.44 5.45 -50.02
C ASP E 119 -4.48 6.32 -49.35
N GLU E 120 -5.49 5.69 -48.74
CA GLU E 120 -6.57 6.44 -48.11
C GLU E 120 -6.03 7.32 -47.00
N GLN E 121 -4.99 6.87 -46.29
CA GLN E 121 -4.36 7.65 -45.24
C GLN E 121 -3.49 8.75 -45.83
N LEU E 122 -2.77 8.43 -46.90
CA LEU E 122 -1.86 9.40 -47.51
C LEU E 122 -2.59 10.65 -47.95
N LYS E 123 -3.82 10.52 -48.47
CA LYS E 123 -4.58 11.69 -48.89
C LYS E 123 -4.89 12.61 -47.73
N SER E 124 -4.70 12.14 -46.49
CA SER E 124 -4.95 12.91 -45.28
C SER E 124 -3.71 13.64 -44.74
N GLY E 125 -2.54 13.40 -45.32
CA GLY E 125 -1.38 14.16 -44.94
C GLY E 125 -0.46 13.57 -43.90
N THR E 126 -0.56 12.26 -43.64
CA THR E 126 0.28 11.56 -42.68
C THR E 126 0.54 10.16 -43.22
N ALA E 127 1.77 9.68 -43.08
CA ALA E 127 2.12 8.34 -43.54
C ALA E 127 2.63 7.52 -42.37
N SER E 128 2.12 6.30 -42.23
CA SER E 128 2.54 5.40 -41.16
C SER E 128 3.07 4.12 -41.77
N VAL E 129 4.32 3.79 -41.46
CA VAL E 129 4.93 2.53 -41.86
C VAL E 129 4.88 1.56 -40.68
N VAL E 130 4.21 0.43 -40.90
CA VAL E 130 3.96 -0.56 -39.88
C VAL E 130 4.80 -1.77 -40.20
N CYS E 131 5.58 -2.22 -39.21
CA CYS E 131 6.42 -3.40 -39.32
C CYS E 131 5.93 -4.39 -38.28
N LEU E 132 5.86 -5.66 -38.67
CA LEU E 132 5.25 -6.70 -37.84
C LEU E 132 6.29 -7.76 -37.53
N LEU E 133 6.46 -8.06 -36.24
CA LEU E 133 7.27 -9.17 -35.77
C LEU E 133 6.34 -10.22 -35.15
N ASN E 134 6.31 -11.39 -35.77
CA ASN E 134 5.25 -12.36 -35.54
C ASN E 134 5.81 -13.65 -34.96
N ASN E 135 5.29 -14.06 -33.79
CA ASN E 135 5.49 -15.40 -33.21
C ASN E 135 6.98 -15.71 -32.94
N PHE E 136 7.49 -15.03 -31.91
CA PHE E 136 8.87 -15.20 -31.45
C PHE E 136 8.92 -15.34 -29.91
N TYR E 137 10.09 -15.76 -29.42
CA TYR E 137 10.44 -15.81 -28.00
C TYR E 137 11.96 -15.82 -27.92
N PRO E 138 12.59 -15.08 -26.99
CA PRO E 138 12.03 -14.25 -25.93
C PRO E 138 11.28 -13.01 -26.40
N ARG E 139 10.67 -12.31 -25.44
CA ARG E 139 9.91 -11.12 -25.74
C ARG E 139 10.79 -10.04 -26.34
N GLU E 140 12.03 -9.93 -25.86
CA GLU E 140 12.87 -8.82 -26.28
C GLU E 140 13.30 -8.99 -27.73
N ALA E 141 13.08 -7.92 -28.51
CA ALA E 141 13.48 -7.85 -29.91
C ALA E 141 13.72 -6.38 -30.22
N LYS E 142 14.48 -6.12 -31.26
CA LYS E 142 14.92 -4.78 -31.59
C LYS E 142 14.45 -4.44 -33.01
N VAL E 143 13.73 -3.33 -33.13
CA VAL E 143 13.31 -2.79 -34.42
C VAL E 143 14.09 -1.52 -34.68
N GLN E 144 14.84 -1.51 -35.77
CA GLN E 144 15.65 -0.36 -36.13
C GLN E 144 15.10 0.16 -37.45
N TRP E 145 14.59 1.40 -37.42
CA TRP E 145 14.01 2.05 -38.57
C TRP E 145 15.08 2.75 -39.39
N LYS E 146 15.19 2.40 -40.67
CA LYS E 146 16.17 2.96 -41.59
C LYS E 146 15.48 3.58 -42.81
N VAL E 147 15.62 4.90 -42.99
CA VAL E 147 15.00 5.66 -44.07
C VAL E 147 16.11 6.21 -44.94
N ASP E 148 16.31 5.63 -46.12
CA ASP E 148 17.48 5.93 -46.96
C ASP E 148 18.77 5.70 -46.17
N ASN E 149 18.74 4.68 -45.28
CA ASN E 149 19.83 4.33 -44.36
C ASN E 149 19.99 5.30 -43.20
N ALA E 150 18.90 5.91 -42.73
CA ALA E 150 18.94 6.81 -41.59
C ALA E 150 18.15 6.25 -40.42
N LEU E 151 18.71 6.33 -39.23
CA LEU E 151 18.11 5.70 -38.07
C LEU E 151 17.08 6.64 -37.46
N GLN E 152 15.94 6.10 -37.05
CA GLN E 152 14.88 6.94 -36.53
C GLN E 152 14.62 6.64 -35.07
N SER E 153 14.05 7.62 -34.37
CA SER E 153 13.50 7.43 -33.02
C SER E 153 12.67 8.66 -32.74
N GLY E 154 11.84 8.57 -31.69
CA GLY E 154 10.85 9.59 -31.39
C GLY E 154 9.72 9.63 -32.38
N ASN E 155 9.86 8.93 -33.50
CA ASN E 155 8.79 8.68 -34.44
C ASN E 155 8.53 7.19 -34.56
N SER E 156 9.28 6.37 -33.83
CA SER E 156 8.96 4.96 -33.65
C SER E 156 8.20 4.82 -32.35
N GLN E 157 7.15 4.01 -32.39
CA GLN E 157 6.27 3.77 -31.25
C GLN E 157 5.80 2.33 -31.39
N GLU E 158 5.82 1.56 -30.30
CA GLU E 158 5.77 0.11 -30.42
C GLU E 158 4.78 -0.50 -29.45
N SER E 159 4.29 -1.68 -29.84
CA SER E 159 3.26 -2.42 -29.11
C SER E 159 3.52 -3.92 -29.28
N VAL E 160 3.34 -4.69 -28.19
CA VAL E 160 3.55 -6.13 -28.20
C VAL E 160 2.36 -6.83 -27.54
N THR E 161 2.06 -8.03 -28.05
CA THR E 161 0.92 -8.78 -27.56
C THR E 161 1.22 -9.32 -26.15
N GLU E 162 0.15 -9.61 -25.41
CA GLU E 162 0.35 -10.41 -24.23
C GLU E 162 0.66 -11.83 -24.69
N GLN E 163 1.39 -12.58 -23.86
CA GLN E 163 2.00 -13.82 -24.31
C GLN E 163 0.94 -14.84 -24.74
N ASP E 164 1.15 -15.46 -25.91
CA ASP E 164 0.17 -16.37 -26.49
C ASP E 164 -0.07 -17.57 -25.60
N SER E 165 -1.32 -17.76 -25.21
CA SER E 165 -1.62 -18.77 -24.20
C SER E 165 -1.33 -20.20 -24.64
N LYS E 166 -0.94 -20.47 -25.90
CA LYS E 166 -0.81 -21.85 -26.34
C LYS E 166 0.58 -22.22 -26.81
N ASP E 167 1.31 -21.31 -27.47
CA ASP E 167 2.70 -21.57 -27.89
C ASP E 167 3.70 -20.66 -27.19
N SER E 168 3.23 -19.84 -26.24
CA SER E 168 4.07 -19.04 -25.33
C SER E 168 5.02 -18.12 -26.08
N THR E 169 4.59 -17.65 -27.26
CA THR E 169 5.30 -16.71 -28.11
C THR E 169 4.69 -15.31 -28.03
N TYR E 170 5.48 -14.35 -28.49
CA TYR E 170 5.11 -12.95 -28.57
C TYR E 170 5.01 -12.48 -30.04
N SER E 171 4.18 -11.46 -30.28
CA SER E 171 4.12 -10.73 -31.54
C SER E 171 4.16 -9.23 -31.27
N LEU E 172 4.78 -8.50 -32.22
CA LEU E 172 5.22 -7.11 -32.08
C LEU E 172 4.78 -6.24 -33.25
N SER E 173 4.53 -4.96 -32.94
CA SER E 173 4.11 -3.91 -33.88
C SER E 173 5.02 -2.69 -33.73
N SER E 174 5.66 -2.28 -34.82
CA SER E 174 6.39 -1.02 -34.85
C SER E 174 5.78 -0.12 -35.92
N THR E 175 5.21 1.00 -35.50
CA THR E 175 4.55 1.94 -36.39
C THR E 175 5.38 3.21 -36.50
N LEU E 176 5.88 3.49 -37.70
CA LEU E 176 6.64 4.71 -37.98
C LEU E 176 5.73 5.72 -38.67
N THR E 177 5.48 6.84 -38.00
CA THR E 177 4.53 7.86 -38.44
C THR E 177 5.29 9.11 -38.83
N LEU E 178 5.13 9.50 -40.10
CA LEU E 178 5.69 10.72 -40.68
C LEU E 178 4.60 11.52 -41.40
N SER E 179 4.90 12.79 -41.61
CA SER E 179 4.03 13.65 -42.40
C SER E 179 4.19 13.34 -43.90
N LYS E 180 3.10 13.54 -44.66
CA LYS E 180 3.13 13.22 -46.08
C LYS E 180 4.29 13.94 -46.74
N ALA E 181 4.59 15.14 -46.23
CA ALA E 181 5.72 15.92 -46.71
C ALA E 181 7.02 15.18 -46.48
N ASP E 182 7.20 14.73 -45.25
CA ASP E 182 8.44 14.11 -44.82
C ASP E 182 8.60 12.74 -45.48
N TYR E 183 7.47 12.08 -45.73
CA TYR E 183 7.46 10.77 -46.36
C TYR E 183 8.02 10.80 -47.77
N GLU E 184 7.66 11.82 -48.54
CA GLU E 184 7.90 11.82 -49.97
C GLU E 184 9.22 12.47 -50.38
N LYS E 185 9.94 13.14 -49.48
CA LYS E 185 11.30 13.53 -49.81
C LYS E 185 12.30 12.41 -49.55
N HIS E 186 11.86 11.14 -49.49
CA HIS E 186 12.76 9.99 -49.28
C HIS E 186 12.30 8.80 -50.12
N LYS E 187 13.19 7.83 -50.29
CA LYS E 187 12.95 6.80 -51.30
C LYS E 187 12.77 5.41 -50.72
N VAL E 188 13.72 4.91 -49.90
CA VAL E 188 13.67 3.55 -49.34
C VAL E 188 13.31 3.60 -47.86
N TYR E 189 12.23 2.92 -47.50
CA TYR E 189 11.78 2.78 -46.11
C TYR E 189 12.00 1.34 -45.68
N ALA E 190 12.85 1.16 -44.66
CA ALA E 190 13.38 -0.14 -44.25
C ALA E 190 13.17 -0.39 -42.75
N CYS E 191 12.94 -1.66 -42.41
CA CYS E 191 12.68 -2.12 -41.04
C CYS E 191 13.69 -3.20 -40.67
N GLU E 192 14.61 -2.89 -39.75
CA GLU E 192 15.68 -3.80 -39.35
C GLU E 192 15.40 -4.41 -37.98
N VAL E 193 15.45 -5.74 -37.91
CA VAL E 193 15.03 -6.50 -36.74
C VAL E 193 16.22 -7.28 -36.18
N THR E 194 16.49 -7.08 -34.89
CA THR E 194 17.56 -7.76 -34.17
C THR E 194 16.92 -8.68 -33.17
N HIS E 195 17.38 -9.94 -33.12
CA HIS E 195 16.80 -10.90 -32.17
C HIS E 195 17.76 -12.05 -31.91
N GLN E 196 17.54 -12.70 -30.75
CA GLN E 196 18.26 -13.94 -30.41
C GLN E 196 18.07 -15.00 -31.48
N GLY E 197 16.82 -15.19 -31.93
CA GLY E 197 16.54 -16.25 -32.89
C GLY E 197 17.14 -16.07 -34.26
N LEU E 198 17.76 -14.91 -34.52
CA LEU E 198 18.30 -14.54 -35.83
C LEU E 198 19.82 -14.61 -35.84
N SER E 199 20.38 -15.44 -36.73
CA SER E 199 21.83 -15.55 -36.90
C SER E 199 22.49 -14.21 -37.15
N SER E 200 21.76 -13.31 -37.82
CA SER E 200 22.18 -11.96 -38.17
C SER E 200 20.92 -11.13 -38.36
N PRO E 201 20.99 -9.81 -38.24
CA PRO E 201 19.77 -9.00 -38.29
C PRO E 201 19.05 -9.15 -39.62
N VAL E 202 17.72 -9.07 -39.56
CA VAL E 202 16.90 -9.13 -40.78
C VAL E 202 16.30 -7.75 -41.01
N THR E 203 16.17 -7.40 -42.29
CA THR E 203 15.57 -6.15 -42.72
C THR E 203 14.58 -6.46 -43.84
N LYS E 204 13.39 -5.88 -43.74
CA LYS E 204 12.42 -5.88 -44.83
C LYS E 204 12.10 -4.45 -45.18
N SER E 205 12.11 -4.15 -46.49
CA SER E 205 12.09 -2.78 -46.98
C SER E 205 11.32 -2.73 -48.28
N PHE E 206 10.70 -1.59 -48.52
CA PHE E 206 10.05 -1.31 -49.78
C PHE E 206 10.55 0.03 -50.31
N ASN E 207 10.46 0.22 -51.62
CA ASN E 207 10.72 1.53 -52.20
C ASN E 207 9.36 2.12 -52.58
N ARG E 208 9.11 3.35 -52.10
CA ARG E 208 7.87 4.12 -52.28
C ARG E 208 7.36 4.19 -53.73
N GLY E 209 6.20 3.60 -53.99
CA GLY E 209 5.70 3.51 -55.37
C GLY E 209 5.87 2.13 -55.99
N GLU E 210 4.80 1.35 -56.02
CA GLU E 210 4.88 -0.08 -56.32
C GLU E 210 3.77 -0.52 -57.27
N GLN F 1 -24.80 -20.86 -10.90
CA GLN F 1 -24.84 -20.29 -12.25
C GLN F 1 -24.94 -18.77 -12.25
N VAL F 2 -24.58 -18.15 -11.11
CA VAL F 2 -24.61 -16.70 -11.03
C VAL F 2 -23.62 -16.12 -12.02
N GLN F 3 -24.11 -15.24 -12.89
CA GLN F 3 -23.34 -14.54 -13.91
C GLN F 3 -23.59 -13.05 -13.79
N LEU F 4 -22.54 -12.25 -13.75
CA LEU F 4 -22.71 -10.81 -13.59
C LEU F 4 -21.78 -10.06 -14.52
N GLN F 5 -22.14 -8.81 -14.80
CA GLN F 5 -21.37 -7.97 -15.71
C GLN F 5 -21.50 -6.52 -15.29
N GLU F 6 -20.35 -5.84 -15.26
CA GLU F 6 -20.32 -4.45 -14.83
C GLU F 6 -20.56 -3.57 -16.05
N SER F 7 -21.09 -2.36 -15.84
CA SER F 7 -21.27 -1.45 -16.97
C SER F 7 -21.45 -0.02 -16.48
N GLY F 8 -21.22 0.92 -17.42
CA GLY F 8 -21.32 2.35 -17.16
C GLY F 8 -20.80 3.22 -18.30
N PRO F 9 -20.68 4.53 -18.05
CA PRO F 9 -20.16 5.45 -19.07
C PRO F 9 -18.76 5.07 -19.47
N GLY F 10 -18.43 5.28 -20.74
CA GLY F 10 -17.07 5.04 -21.18
C GLY F 10 -16.06 6.13 -20.87
N LEU F 11 -16.54 7.32 -20.47
CA LEU F 11 -15.70 8.49 -20.26
C LEU F 11 -16.37 9.36 -19.22
N VAL F 12 -15.56 9.99 -18.37
CA VAL F 12 -16.06 10.91 -17.36
C VAL F 12 -15.10 12.09 -17.29
N LYS F 13 -15.65 13.27 -16.97
CA LYS F 13 -14.84 14.47 -16.92
C LYS F 13 -14.34 14.72 -15.49
N PRO F 14 -13.12 15.25 -15.37
CA PRO F 14 -12.57 15.53 -14.04
C PRO F 14 -13.53 16.31 -13.15
N SER F 15 -13.45 15.99 -11.85
CA SER F 15 -14.20 16.56 -10.73
C SER F 15 -15.70 16.23 -10.80
N GLU F 16 -16.16 15.46 -11.78
CA GLU F 16 -17.54 15.00 -11.82
C GLU F 16 -17.65 13.69 -11.06
N THR F 17 -18.79 13.02 -11.16
CA THR F 17 -19.01 11.75 -10.48
C THR F 17 -19.09 10.59 -11.46
N LEU F 18 -18.23 9.59 -11.26
CA LEU F 18 -18.22 8.39 -12.05
C LEU F 18 -19.18 7.41 -11.41
N SER F 19 -19.98 6.75 -12.23
CA SER F 19 -20.89 5.74 -11.75
C SER F 19 -20.73 4.51 -12.62
N VAL F 20 -20.88 3.35 -12.00
CA VAL F 20 -20.87 2.07 -12.72
C VAL F 20 -21.85 1.14 -12.03
N THR F 21 -22.56 0.36 -12.83
CA THR F 21 -23.60 -0.53 -12.32
C THR F 21 -23.30 -1.97 -12.72
N CYS F 22 -23.49 -2.86 -11.76
CA CYS F 22 -23.33 -4.30 -11.97
C CYS F 22 -24.68 -4.97 -11.78
N ARG F 23 -25.18 -5.61 -12.83
CA ARG F 23 -26.40 -6.41 -12.74
C ARG F 23 -26.03 -7.88 -12.60
N VAL F 24 -26.73 -8.58 -11.70
CA VAL F 24 -26.50 -9.98 -11.42
C VAL F 24 -27.55 -10.80 -12.18
N SER F 25 -27.08 -11.71 -13.03
CA SER F 25 -27.95 -12.42 -13.96
C SER F 25 -27.87 -13.93 -13.81
N GLY F 26 -27.66 -14.44 -12.59
CA GLY F 26 -27.72 -15.88 -12.40
C GLY F 26 -28.27 -16.31 -11.06
N GLY F 27 -28.61 -15.34 -10.23
CA GLY F 27 -29.09 -15.61 -8.90
C GLY F 27 -29.49 -14.30 -8.24
N SER F 28 -29.97 -14.41 -7.02
CA SER F 28 -30.37 -13.22 -6.29
C SER F 28 -29.23 -12.63 -5.47
N LEU F 29 -29.40 -11.36 -5.12
CA LEU F 29 -28.47 -10.69 -4.23
C LEU F 29 -28.44 -11.33 -2.85
N ASP F 30 -29.34 -12.29 -2.60
CA ASP F 30 -29.67 -12.70 -1.24
C ASP F 30 -28.50 -13.36 -0.52
N LEU F 31 -28.25 -12.89 0.70
CA LEU F 31 -27.32 -13.51 1.66
C LEU F 31 -25.86 -13.47 1.20
N TYR F 32 -25.47 -12.44 0.47
CA TYR F 32 -24.09 -12.26 0.02
C TYR F 32 -23.65 -10.81 0.25
N TYR F 33 -22.34 -10.58 0.24
CA TYR F 33 -21.85 -9.23 0.06
C TYR F 33 -21.52 -9.01 -1.40
N TRP F 34 -21.52 -7.75 -1.81
CA TRP F 34 -21.23 -7.35 -3.18
C TRP F 34 -20.18 -6.26 -3.16
N SER F 35 -19.07 -6.51 -3.84
CA SER F 35 -17.88 -5.69 -3.76
C SER F 35 -17.43 -5.22 -5.14
N TRP F 36 -16.66 -4.14 -5.14
CA TRP F 36 -16.17 -3.47 -6.34
C TRP F 36 -14.66 -3.43 -6.32
N ILE F 37 -14.04 -3.77 -7.45
CA ILE F 37 -12.59 -3.84 -7.52
C ILE F 37 -12.14 -3.14 -8.81
N ARG F 38 -11.16 -2.27 -8.66
CA ARG F 38 -10.67 -1.39 -9.71
C ARG F 38 -9.26 -1.84 -10.11
N GLN F 39 -8.90 -1.59 -11.37
CA GLN F 39 -7.54 -1.84 -11.84
C GLN F 39 -6.96 -0.60 -12.51
N PRO F 40 -6.16 0.19 -11.79
CA PRO F 40 -5.49 1.33 -12.39
C PRO F 40 -4.63 0.89 -13.57
N PRO F 41 -4.23 1.83 -14.42
CA PRO F 41 -3.60 1.44 -15.68
C PRO F 41 -2.38 0.57 -15.52
N GLY F 42 -1.46 0.89 -14.62
CA GLY F 42 -0.22 0.13 -14.61
C GLY F 42 -0.05 -0.79 -13.43
N LYS F 43 -1.02 -0.76 -12.54
CA LYS F 43 -0.91 -1.39 -11.24
C LYS F 43 -1.79 -2.63 -11.16
N GLY F 44 -1.81 -3.24 -9.97
CA GLY F 44 -2.62 -4.43 -9.72
C GLY F 44 -3.99 -4.07 -9.19
N LEU F 45 -4.71 -5.11 -8.73
CA LEU F 45 -6.11 -4.91 -8.40
C LEU F 45 -6.17 -4.19 -7.07
N GLN F 46 -7.05 -3.20 -7.00
CA GLN F 46 -7.25 -2.42 -5.78
C GLN F 46 -8.67 -2.64 -5.32
N TRP F 47 -8.83 -3.25 -4.15
CA TRP F 47 -10.16 -3.35 -3.58
C TRP F 47 -10.71 -1.95 -3.34
N ILE F 48 -12.00 -1.77 -3.63
CA ILE F 48 -12.65 -0.48 -3.46
C ILE F 48 -13.54 -0.57 -2.23
N GLY F 49 -14.52 -1.45 -2.29
CA GLY F 49 -15.40 -1.65 -1.16
C GLY F 49 -16.39 -2.76 -1.45
N PHE F 50 -17.14 -3.10 -0.39
CA PHE F 50 -18.27 -4.00 -0.53
C PHE F 50 -19.44 -3.46 0.28
N VAL F 51 -20.62 -3.93 -0.07
CA VAL F 51 -21.81 -3.67 0.72
C VAL F 51 -22.59 -4.97 0.84
N TYR F 52 -23.13 -5.21 2.03
CA TYR F 52 -24.04 -6.31 2.23
C TYR F 52 -25.29 -6.09 1.38
N PHE F 53 -25.86 -7.20 0.86
CA PHE F 53 -26.92 -7.09 -0.13
C PHE F 53 -28.07 -6.21 0.34
N ASP F 54 -28.33 -6.20 1.64
CA ASP F 54 -29.43 -5.41 2.17
C ASP F 54 -29.02 -3.98 2.53
N GLY F 55 -27.72 -3.64 2.42
CA GLY F 55 -27.33 -2.26 2.59
C GLY F 55 -27.14 -1.78 4.02
N SER F 56 -27.18 -2.68 5.00
CA SER F 56 -26.96 -2.24 6.38
C SER F 56 -25.49 -2.05 6.72
N TYR F 57 -24.62 -2.97 6.26
CA TYR F 57 -23.20 -2.96 6.56
C TYR F 57 -22.40 -2.82 5.28
N GLY F 58 -21.37 -1.99 5.34
CA GLY F 58 -20.48 -1.83 4.20
C GLY F 58 -19.08 -1.54 4.69
N ASP F 59 -18.13 -1.84 3.82
CA ASP F 59 -16.74 -1.52 4.09
C ASP F 59 -16.13 -0.99 2.80
N TYR F 60 -15.24 -0.01 2.92
CA TYR F 60 -14.57 0.57 1.79
C TYR F 60 -13.09 0.71 2.11
N ASP F 61 -12.30 0.92 1.09
CA ASP F 61 -10.89 1.21 1.28
C ASP F 61 -10.78 2.56 1.96
N PRO F 62 -10.04 2.67 3.06
CA PRO F 62 -10.01 3.94 3.80
C PRO F 62 -9.53 5.10 2.96
N SER F 63 -8.85 4.82 1.83
CA SER F 63 -8.41 5.86 0.90
C SER F 63 -9.58 6.57 0.19
N LEU F 64 -10.66 5.86 -0.11
CA LEU F 64 -11.73 6.42 -0.93
C LEU F 64 -13.02 6.64 -0.16
N ARG F 65 -13.09 6.21 1.10
CA ARG F 65 -14.37 6.16 1.80
C ARG F 65 -15.06 7.50 1.77
N SER F 66 -14.28 8.58 1.85
CA SER F 66 -14.87 9.91 1.84
C SER F 66 -15.68 10.15 0.58
N ARG F 67 -15.16 9.74 -0.56
CA ARG F 67 -15.77 10.02 -1.85
C ARG F 67 -16.30 8.76 -2.53
N VAL F 68 -16.90 7.86 -1.77
CA VAL F 68 -17.38 6.62 -2.36
C VAL F 68 -18.61 6.16 -1.61
N THR F 69 -19.58 5.65 -2.36
CA THR F 69 -20.75 5.05 -1.75
C THR F 69 -21.19 3.91 -2.64
N ILE F 70 -21.46 2.75 -2.04
CA ILE F 70 -21.85 1.56 -2.79
C ILE F 70 -23.23 1.15 -2.33
N SER F 71 -24.14 0.98 -3.28
CA SER F 71 -25.53 0.67 -3.02
C SER F 71 -25.93 -0.60 -3.76
N ALA F 72 -26.95 -1.29 -3.24
CA ALA F 72 -27.51 -2.45 -3.90
C ALA F 72 -29.02 -2.42 -3.82
N ASP F 73 -29.68 -2.65 -4.95
CA ASP F 73 -31.13 -2.83 -5.02
C ASP F 73 -31.43 -4.32 -5.12
N MET F 74 -31.99 -4.90 -4.04
CA MET F 74 -32.26 -6.33 -4.02
C MET F 74 -33.24 -6.74 -5.14
N SER F 75 -34.21 -5.88 -5.45
CA SER F 75 -35.18 -6.17 -6.50
C SER F 75 -34.56 -6.10 -7.89
N LYS F 76 -33.83 -5.01 -8.19
CA LYS F 76 -33.25 -4.84 -9.52
C LYS F 76 -32.11 -5.81 -9.78
N ASN F 77 -31.61 -6.48 -8.74
CA ASN F 77 -30.45 -7.38 -8.82
C ASN F 77 -29.24 -6.67 -9.43
N GLN F 78 -28.93 -5.49 -8.88
CA GLN F 78 -27.76 -4.73 -9.31
C GLN F 78 -27.18 -3.93 -8.14
N ILE F 79 -25.88 -3.64 -8.26
CA ILE F 79 -25.11 -2.89 -7.26
C ILE F 79 -24.47 -1.69 -7.95
N SER F 80 -24.53 -0.54 -7.29
CA SER F 80 -24.07 0.73 -7.84
C SER F 80 -22.84 1.23 -7.09
N LEU F 81 -21.81 1.61 -7.83
CA LEU F 81 -20.65 2.29 -7.26
C LEU F 81 -20.67 3.76 -7.63
N ARG F 82 -20.45 4.63 -6.64
CA ARG F 82 -20.59 6.08 -6.81
C ARG F 82 -19.31 6.74 -6.28
N LEU F 83 -18.35 6.94 -7.17
CA LEU F 83 -17.10 7.60 -6.80
C LEU F 83 -17.23 9.08 -7.14
N LYS F 84 -17.20 9.93 -6.11
CA LYS F 84 -17.34 11.37 -6.27
C LYS F 84 -16.03 12.01 -6.75
N SER F 85 -16.15 13.27 -7.19
CA SER F 85 -15.05 14.19 -7.49
C SER F 85 -13.91 13.50 -8.25
N VAL F 86 -14.29 12.69 -9.24
CA VAL F 86 -13.34 11.86 -9.97
C VAL F 86 -12.28 12.71 -10.65
N THR F 87 -11.06 12.22 -10.69
CA THR F 87 -9.98 12.84 -11.47
C THR F 87 -9.42 11.77 -12.38
N PRO F 88 -8.48 12.11 -13.28
CA PRO F 88 -7.83 11.10 -14.12
C PRO F 88 -7.10 10.00 -13.35
N ALA F 89 -6.92 10.15 -12.03
CA ALA F 89 -6.42 9.04 -11.25
C ALA F 89 -7.30 7.81 -11.43
N ASP F 90 -8.61 7.98 -11.22
CA ASP F 90 -9.55 6.88 -11.17
C ASP F 90 -9.71 6.18 -12.52
N THR F 91 -9.03 6.65 -13.56
CA THR F 91 -9.05 5.98 -14.85
C THR F 91 -8.58 4.55 -14.65
N ALA F 92 -9.48 3.59 -14.80
CA ALA F 92 -9.20 2.19 -14.52
C ALA F 92 -10.38 1.33 -14.96
N VAL F 93 -10.16 0.01 -14.97
CA VAL F 93 -11.23 -0.96 -15.27
C VAL F 93 -11.96 -1.27 -13.97
N TYR F 94 -13.29 -1.19 -14.00
CA TYR F 94 -14.08 -1.37 -12.78
C TYR F 94 -14.79 -2.73 -12.81
N TYR F 95 -14.33 -3.64 -11.96
CA TYR F 95 -14.84 -5.00 -11.90
C TYR F 95 -15.83 -5.15 -10.76
N CYS F 96 -16.73 -6.10 -10.94
CA CYS F 96 -17.83 -6.35 -10.01
C CYS F 96 -17.77 -7.80 -9.57
N ALA F 97 -17.88 -8.07 -8.27
CA ALA F 97 -17.76 -9.44 -7.81
C ALA F 97 -18.63 -9.74 -6.59
N ARG F 98 -18.70 -11.04 -6.30
CA ARG F 98 -19.62 -11.65 -5.35
C ARG F 98 -18.79 -12.09 -4.17
N LEU F 99 -19.04 -11.42 -3.04
CA LEU F 99 -18.16 -11.41 -1.88
C LEU F 99 -18.51 -12.56 -0.96
N GLY F 100 -17.60 -13.52 -0.88
CA GLY F 100 -17.29 -14.13 0.39
C GLY F 100 -17.72 -15.55 0.66
N PRO F 101 -18.13 -15.79 1.91
CA PRO F 101 -18.15 -17.15 2.43
C PRO F 101 -19.32 -18.01 1.97
N GLY F 102 -20.00 -17.62 0.91
CA GLY F 102 -21.39 -17.99 0.89
C GLY F 102 -22.20 -17.00 1.69
N GLY F 103 -21.56 -15.92 2.14
CA GLY F 103 -22.23 -14.83 2.83
C GLY F 103 -22.48 -14.80 4.31
N ILE F 104 -22.68 -15.94 4.94
CA ILE F 104 -23.83 -16.23 5.79
C ILE F 104 -24.44 -14.99 6.45
N PHE F 105 -25.77 -14.94 6.42
CA PHE F 105 -26.53 -13.77 6.87
C PHE F 105 -26.26 -13.43 8.34
N ASP F 106 -26.35 -12.14 8.63
CA ASP F 106 -25.92 -11.59 9.90
C ASP F 106 -26.88 -10.52 10.41
N ARG F 107 -26.79 -10.30 11.71
CA ARG F 107 -27.53 -9.29 12.45
C ARG F 107 -26.81 -7.98 12.18
N TRP F 108 -27.07 -6.91 12.93
CA TRP F 108 -26.17 -5.78 12.78
C TRP F 108 -24.83 -6.03 13.49
N THR F 109 -24.81 -6.85 14.56
CA THR F 109 -23.61 -7.04 15.38
C THR F 109 -22.42 -7.65 14.65
N GLY F 110 -22.52 -8.93 14.31
CA GLY F 110 -21.34 -9.61 13.80
C GLY F 110 -21.48 -9.87 12.31
N HIS F 111 -20.77 -9.07 11.51
CA HIS F 111 -20.73 -9.23 10.05
C HIS F 111 -19.50 -10.03 9.62
N TYR F 112 -19.50 -11.30 10.03
CA TYR F 112 -18.32 -12.15 10.00
C TYR F 112 -18.41 -13.24 8.95
N GLY F 113 -19.12 -13.00 7.85
CA GLY F 113 -18.83 -13.67 6.61
C GLY F 113 -18.02 -12.73 5.74
N ASP F 114 -16.87 -13.21 5.24
CA ASP F 114 -16.27 -12.72 4.01
C ASP F 114 -15.07 -13.57 3.64
N LYS F 115 -15.11 -14.27 2.52
CA LYS F 115 -14.00 -15.19 2.32
C LYS F 115 -13.35 -15.16 0.95
N TRP F 116 -14.15 -15.32 -0.09
CA TRP F 116 -13.64 -15.40 -1.43
C TRP F 116 -14.52 -14.61 -2.38
N LEU F 117 -13.98 -14.32 -3.56
CA LEU F 117 -14.71 -13.60 -4.59
C LEU F 117 -14.99 -14.54 -5.74
N ASP F 118 -16.25 -14.87 -5.92
CA ASP F 118 -16.64 -15.67 -7.07
C ASP F 118 -17.66 -14.79 -7.77
N PRO F 119 -18.27 -15.23 -8.88
CA PRO F 119 -18.09 -14.59 -10.19
C PRO F 119 -17.61 -13.13 -10.23
N TRP F 120 -16.69 -12.85 -11.15
CA TRP F 120 -16.17 -11.50 -11.40
C TRP F 120 -16.74 -10.85 -12.66
N GLY F 121 -16.64 -11.50 -13.82
CA GLY F 121 -17.13 -10.89 -15.03
C GLY F 121 -16.19 -9.80 -15.54
N GLN F 122 -16.32 -9.53 -16.85
CA GLN F 122 -15.33 -8.73 -17.56
C GLN F 122 -15.14 -7.35 -16.95
N GLY F 123 -16.18 -6.79 -16.34
CA GLY F 123 -16.12 -5.40 -15.95
C GLY F 123 -16.01 -4.47 -17.15
N THR F 124 -16.03 -3.17 -16.88
CA THR F 124 -16.13 -2.14 -17.93
C THR F 124 -15.02 -1.14 -17.72
N LEU F 125 -14.54 -0.56 -18.82
CA LEU F 125 -13.52 0.46 -18.72
C LEU F 125 -14.17 1.84 -18.58
N VAL F 126 -13.58 2.68 -17.75
CA VAL F 126 -13.97 4.07 -17.65
C VAL F 126 -12.69 4.89 -17.79
N THR F 127 -12.50 5.51 -18.96
CA THR F 127 -11.52 6.57 -19.09
C THR F 127 -12.05 7.81 -18.37
N VAL F 128 -11.13 8.59 -17.82
CA VAL F 128 -11.49 9.82 -17.13
C VAL F 128 -10.59 10.90 -17.68
N SER F 129 -11.18 11.85 -18.41
CA SER F 129 -10.44 12.87 -19.14
C SER F 129 -11.36 14.03 -19.43
N SER F 130 -10.77 15.23 -19.52
CA SER F 130 -11.55 16.38 -19.96
C SER F 130 -11.63 16.50 -21.48
N ALA F 131 -10.90 15.68 -22.22
CA ALA F 131 -11.04 15.70 -23.67
C ALA F 131 -12.38 15.08 -24.07
N SER F 132 -12.74 15.27 -25.34
CA SER F 132 -13.99 14.77 -25.89
C SER F 132 -13.70 13.68 -26.92
N THR F 133 -14.66 12.79 -27.11
CA THR F 133 -14.43 11.58 -27.88
C THR F 133 -14.02 11.93 -29.32
N LYS F 134 -13.30 11.02 -29.96
CA LYS F 134 -12.94 11.16 -31.36
C LYS F 134 -13.05 9.82 -32.06
N GLY F 135 -13.42 9.86 -33.32
CA GLY F 135 -13.63 8.66 -34.08
C GLY F 135 -12.37 8.22 -34.76
N PRO F 136 -12.21 6.92 -34.89
CA PRO F 136 -11.01 6.36 -35.52
C PRO F 136 -11.03 6.60 -37.01
N SER F 137 -9.85 6.47 -37.60
CA SER F 137 -9.69 6.42 -39.04
C SER F 137 -9.09 5.05 -39.36
N VAL F 138 -9.84 4.23 -40.11
CA VAL F 138 -9.43 2.85 -40.37
C VAL F 138 -8.74 2.77 -41.73
N PHE F 139 -7.48 2.32 -41.73
CA PHE F 139 -6.80 2.19 -43.02
C PHE F 139 -6.35 0.76 -43.24
N PRO F 140 -6.28 0.29 -44.47
CA PRO F 140 -5.77 -1.07 -44.69
C PRO F 140 -4.26 -1.15 -44.75
N LEU F 141 -3.75 -2.26 -44.21
CA LEU F 141 -2.36 -2.72 -44.32
C LEU F 141 -2.30 -3.77 -45.41
N ALA F 142 -1.89 -3.36 -46.61
CA ALA F 142 -2.07 -4.20 -47.78
C ALA F 142 -1.05 -5.34 -47.81
N PRO F 143 -1.48 -6.53 -48.18
CA PRO F 143 -0.60 -7.73 -48.28
C PRO F 143 0.26 -7.70 -49.54
N SER F 144 1.19 -6.75 -49.57
CA SER F 144 2.03 -6.52 -50.75
C SER F 144 3.00 -7.67 -51.01
N SER F 145 3.84 -7.50 -52.06
CA SER F 145 4.91 -8.45 -52.37
C SER F 145 6.08 -8.35 -51.38
N LYS F 146 6.13 -7.25 -50.60
CA LYS F 146 7.01 -7.05 -49.44
C LYS F 146 6.38 -7.60 -48.16
N SER F 147 5.15 -8.10 -48.26
CA SER F 147 4.40 -8.77 -47.20
C SER F 147 4.12 -10.24 -47.54
N THR F 148 4.81 -10.79 -48.54
CA THR F 148 4.75 -12.21 -48.89
C THR F 148 6.04 -12.88 -48.45
N SER F 149 5.92 -13.83 -47.51
CA SER F 149 7.05 -14.55 -46.93
C SER F 149 6.83 -16.02 -47.27
N GLY F 150 7.21 -16.40 -48.49
CA GLY F 150 6.87 -17.72 -49.01
C GLY F 150 5.39 -17.87 -49.30
N GLY F 151 4.78 -18.89 -48.69
CA GLY F 151 3.37 -19.18 -48.80
C GLY F 151 2.50 -18.60 -47.71
N THR F 152 3.09 -17.87 -46.77
CA THR F 152 2.35 -17.21 -45.69
C THR F 152 2.34 -15.72 -45.97
N ALA F 153 1.16 -15.11 -45.89
CA ALA F 153 1.01 -13.69 -46.15
C ALA F 153 0.48 -12.98 -44.91
N ALA F 154 0.82 -11.70 -44.81
CA ALA F 154 0.42 -10.83 -43.71
C ALA F 154 -0.50 -9.73 -44.23
N LEU F 155 -1.53 -9.38 -43.48
CA LEU F 155 -2.43 -8.30 -43.84
C LEU F 155 -3.10 -7.81 -42.58
N GLY F 156 -3.68 -6.61 -42.65
CA GLY F 156 -4.30 -6.09 -41.45
C GLY F 156 -4.96 -4.75 -41.66
N CYS F 157 -5.35 -4.17 -40.53
CA CYS F 157 -5.98 -2.87 -40.46
C CYS F 157 -5.22 -2.01 -39.49
N LEU F 158 -5.20 -0.72 -39.73
CA LEU F 158 -4.66 0.25 -38.78
C LEU F 158 -5.80 1.12 -38.27
N VAL F 159 -5.96 1.18 -36.96
CA VAL F 159 -7.08 1.93 -36.41
C VAL F 159 -6.54 3.14 -35.66
N LYS F 160 -6.46 4.28 -36.36
CA LYS F 160 -5.67 5.41 -35.88
C LYS F 160 -6.56 6.56 -35.39
N ASP F 161 -6.04 7.23 -34.36
CA ASP F 161 -6.49 8.54 -33.90
C ASP F 161 -7.96 8.51 -33.46
N TYR F 162 -8.16 7.80 -32.33
CA TYR F 162 -9.42 7.75 -31.60
C TYR F 162 -9.19 8.05 -30.11
N PHE F 163 -10.31 8.18 -29.39
CA PHE F 163 -10.37 8.50 -27.96
C PHE F 163 -11.83 8.40 -27.51
N PRO F 164 -12.10 7.95 -26.29
CA PRO F 164 -11.15 7.30 -25.38
C PRO F 164 -11.09 5.81 -25.67
N GLU F 165 -10.35 5.02 -24.90
CA GLU F 165 -10.40 3.59 -25.09
C GLU F 165 -11.83 3.12 -24.80
N PRO F 166 -12.23 1.95 -25.33
CA PRO F 166 -11.63 0.89 -26.15
C PRO F 166 -12.01 0.91 -27.62
N VAL F 167 -11.42 0.06 -28.48
CA VAL F 167 -12.03 -0.23 -29.77
C VAL F 167 -12.14 -1.73 -29.96
N THR F 168 -13.10 -2.13 -30.80
CA THR F 168 -13.39 -3.52 -31.12
C THR F 168 -12.91 -3.84 -32.54
N VAL F 169 -12.09 -4.87 -32.68
CA VAL F 169 -11.69 -5.34 -33.99
C VAL F 169 -12.10 -6.81 -34.12
N SER F 170 -12.75 -7.15 -35.22
CA SER F 170 -13.10 -8.51 -35.57
C SER F 170 -12.81 -8.66 -37.05
N TRP F 171 -12.64 -9.88 -37.51
CA TRP F 171 -12.30 -10.13 -38.92
C TRP F 171 -13.39 -10.99 -39.54
N ASN F 172 -13.93 -10.51 -40.67
CA ASN F 172 -15.08 -11.15 -41.31
C ASN F 172 -16.23 -11.33 -40.30
N SER F 173 -16.52 -10.25 -39.57
CA SER F 173 -17.59 -10.21 -38.55
C SER F 173 -17.42 -11.32 -37.53
N GLY F 174 -16.16 -11.66 -37.22
CA GLY F 174 -15.87 -12.72 -36.28
C GLY F 174 -15.50 -14.05 -36.91
N ALA F 175 -15.59 -14.18 -38.24
CA ALA F 175 -15.37 -15.48 -38.87
C ALA F 175 -13.91 -15.93 -38.79
N LEU F 176 -12.99 -15.00 -38.93
CA LEU F 176 -11.57 -15.33 -38.99
C LEU F 176 -10.94 -15.08 -37.63
N THR F 177 -10.38 -16.15 -37.03
CA THR F 177 -9.78 -16.05 -35.71
C THR F 177 -8.38 -16.65 -35.71
N SER F 178 -8.10 -17.57 -36.63
CA SER F 178 -6.78 -18.19 -36.65
C SER F 178 -5.74 -17.21 -37.15
N GLY F 179 -4.67 -17.02 -36.38
CA GLY F 179 -3.60 -16.12 -36.80
C GLY F 179 -3.85 -14.65 -36.59
N VAL F 180 -4.73 -14.25 -35.68
CA VAL F 180 -5.11 -12.86 -35.52
C VAL F 180 -4.38 -12.29 -34.31
N HIS F 181 -3.76 -11.13 -34.51
CA HIS F 181 -3.10 -10.40 -33.43
C HIS F 181 -3.66 -8.98 -33.38
N THR F 182 -4.63 -8.76 -32.51
CA THR F 182 -5.07 -7.40 -32.22
C THR F 182 -4.14 -6.86 -31.16
N PHE F 183 -3.29 -5.93 -31.55
CA PHE F 183 -2.30 -5.40 -30.66
C PHE F 183 -2.96 -4.46 -29.62
N PRO F 184 -2.20 -4.09 -28.59
CA PRO F 184 -2.65 -3.08 -27.64
C PRO F 184 -2.71 -1.68 -28.24
N ALA F 185 -3.63 -0.87 -27.74
CA ALA F 185 -3.62 0.53 -28.11
C ALA F 185 -2.32 1.19 -27.64
N VAL F 186 -1.86 2.17 -28.41
CA VAL F 186 -0.67 2.95 -28.09
C VAL F 186 -1.08 4.40 -28.06
N LEU F 187 -1.02 5.02 -26.88
CA LEU F 187 -1.47 6.40 -26.70
C LEU F 187 -0.38 7.32 -27.22
N GLN F 188 -0.65 7.99 -28.35
CA GLN F 188 0.33 8.82 -29.06
C GLN F 188 0.45 10.20 -28.43
N SER F 189 1.55 10.88 -28.78
CA SER F 189 1.85 12.19 -28.23
C SER F 189 0.80 13.23 -28.56
N SER F 190 -0.12 12.92 -29.48
CA SER F 190 -1.27 13.76 -29.74
C SER F 190 -2.36 13.64 -28.68
N GLY F 191 -2.38 12.57 -27.89
CA GLY F 191 -3.46 12.33 -26.97
C GLY F 191 -4.49 11.35 -27.47
N LEU F 192 -4.28 10.80 -28.66
CA LEU F 192 -5.20 9.89 -29.33
C LEU F 192 -4.61 8.48 -29.35
N TYR F 193 -5.46 7.50 -29.05
CA TYR F 193 -5.00 6.12 -29.02
C TYR F 193 -4.97 5.59 -30.45
N SER F 194 -4.02 4.70 -30.72
CA SER F 194 -3.81 4.14 -32.04
C SER F 194 -3.35 2.70 -31.91
N LEU F 195 -3.76 1.87 -32.87
CA LEU F 195 -3.82 0.43 -32.65
C LEU F 195 -3.73 -0.27 -34.00
N SER F 196 -2.91 -1.28 -34.09
CA SER F 196 -2.91 -2.10 -35.29
C SER F 196 -3.70 -3.39 -35.02
N SER F 197 -3.86 -4.19 -36.07
CA SER F 197 -4.50 -5.49 -35.97
C SER F 197 -4.10 -6.31 -37.19
N VAL F 198 -3.49 -7.47 -37.01
CA VAL F 198 -2.93 -8.16 -38.15
C VAL F 198 -3.55 -9.53 -38.25
N VAL F 199 -3.43 -10.13 -39.44
CA VAL F 199 -3.85 -11.51 -39.68
C VAL F 199 -2.85 -12.15 -40.62
N THR F 200 -2.37 -13.34 -40.27
CA THR F 200 -1.57 -14.15 -41.17
C THR F 200 -2.50 -15.15 -41.84
N VAL F 201 -2.36 -15.28 -43.16
CA VAL F 201 -3.23 -16.13 -43.98
C VAL F 201 -2.40 -16.75 -45.09
N PRO F 202 -2.92 -17.78 -45.76
CA PRO F 202 -2.17 -18.40 -46.87
C PRO F 202 -2.01 -17.46 -48.05
N SER F 203 -0.85 -17.57 -48.73
CA SER F 203 -0.60 -16.73 -49.89
C SER F 203 -1.67 -16.92 -50.97
N SER F 204 -2.16 -18.16 -51.13
CA SER F 204 -3.12 -18.47 -52.18
C SER F 204 -4.49 -17.85 -51.94
N SER F 205 -4.91 -17.72 -50.69
CA SER F 205 -6.26 -17.24 -50.41
C SER F 205 -6.42 -15.76 -50.68
N LEU F 206 -5.39 -15.10 -51.21
CA LEU F 206 -5.46 -13.66 -51.41
C LEU F 206 -6.50 -13.28 -52.47
N GLY F 207 -6.62 -14.06 -53.54
CA GLY F 207 -7.58 -13.76 -54.59
C GLY F 207 -8.90 -14.48 -54.50
N THR F 208 -9.07 -15.36 -53.53
CA THR F 208 -10.28 -16.17 -53.40
C THR F 208 -11.14 -15.67 -52.25
N GLN F 209 -10.58 -15.65 -51.04
CA GLN F 209 -11.27 -15.19 -49.85
C GLN F 209 -11.08 -13.68 -49.69
N THR F 210 -12.18 -12.97 -49.50
CA THR F 210 -12.09 -11.56 -49.14
C THR F 210 -11.93 -11.43 -47.63
N TYR F 211 -11.22 -10.39 -47.23
CA TYR F 211 -10.85 -10.17 -45.83
C TYR F 211 -11.31 -8.78 -45.44
N ILE F 212 -12.15 -8.70 -44.42
CA ILE F 212 -12.66 -7.42 -43.96
C ILE F 212 -12.57 -7.36 -42.45
N CYS F 213 -11.94 -6.31 -41.93
CA CYS F 213 -11.94 -6.10 -40.50
C CYS F 213 -13.09 -5.17 -40.16
N ASN F 214 -13.72 -5.44 -39.03
CA ASN F 214 -14.91 -4.73 -38.60
C ASN F 214 -14.52 -3.98 -37.34
N VAL F 215 -14.17 -2.76 -37.51
CA VAL F 215 -13.77 -1.92 -36.40
C VAL F 215 -15.02 -1.25 -35.87
N ASN F 216 -15.07 -1.09 -34.55
CA ASN F 216 -16.20 -0.50 -33.87
C ASN F 216 -15.66 0.31 -32.69
N HIS F 217 -16.20 1.51 -32.51
CA HIS F 217 -15.80 2.35 -31.39
C HIS F 217 -17.07 2.98 -30.81
N LYS F 218 -17.64 2.36 -29.78
CA LYS F 218 -18.91 2.87 -29.23
C LYS F 218 -18.87 4.28 -28.62
N PRO F 219 -17.74 4.85 -28.17
CA PRO F 219 -17.82 6.19 -27.56
C PRO F 219 -18.25 7.28 -28.54
N SER F 220 -18.15 7.01 -29.84
CA SER F 220 -18.53 7.94 -30.91
C SER F 220 -19.53 7.34 -31.90
N ASN F 221 -20.03 6.13 -31.65
CA ASN F 221 -20.92 5.42 -32.58
C ASN F 221 -20.28 5.32 -33.96
N THR F 222 -19.03 4.87 -33.97
CA THR F 222 -18.28 4.63 -35.19
C THR F 222 -18.30 3.13 -35.49
N LYS F 223 -18.74 2.77 -36.69
CA LYS F 223 -18.58 1.38 -37.14
C LYS F 223 -18.20 1.41 -38.61
N VAL F 224 -17.03 0.88 -38.91
CA VAL F 224 -16.52 0.78 -40.26
C VAL F 224 -16.20 -0.67 -40.53
N ASP F 225 -16.30 -1.06 -41.80
CA ASP F 225 -15.77 -2.31 -42.29
C ASP F 225 -14.83 -1.97 -43.43
N LYS F 226 -13.70 -2.67 -43.55
CA LYS F 226 -12.70 -2.29 -44.56
C LYS F 226 -12.17 -3.52 -45.28
N LYS F 227 -12.31 -3.55 -46.60
CA LYS F 227 -11.69 -4.61 -47.37
C LYS F 227 -10.21 -4.31 -47.50
N VAL F 228 -9.40 -5.37 -47.43
CA VAL F 228 -7.96 -5.27 -47.52
C VAL F 228 -7.53 -6.08 -48.73
N GLU F 229 -6.90 -5.40 -49.69
CA GLU F 229 -6.52 -5.96 -50.98
C GLU F 229 -5.21 -5.27 -51.36
N PRO F 230 -4.34 -5.92 -52.13
CA PRO F 230 -3.07 -5.34 -52.64
C PRO F 230 -3.17 -3.89 -53.15
#